data_4BY6
#
_entry.id   4BY6
#
_cell.length_a   110.452
_cell.length_b   109.174
_cell.length_c   133.622
_cell.angle_alpha   90.00
_cell.angle_beta   94.70
_cell.angle_gamma   90.00
#
_symmetry.space_group_name_H-M   'P 1 21 1'
#
loop_
_entity.id
_entity.type
_entity.pdbx_description
1 polymer 'GENERAL NEGATIVE REGULATOR OF TRANSCRIPTION SUBUNIT 1'
2 polymer 'GENERAL NEGATIVE REGULATOR OF TRANSCRIPTION SUBUNIT 2'
3 polymer 'GENERAL NEGATIVE REGULATOR OF TRANSCRIPTION SUBUNIT 5'
4 non-polymer 'CALCIUM ION'
5 non-polymer 'ACETATE ION'
6 non-polymer GLYCEROL
7 non-polymer DI(HYDROXYETHYL)ETHER
8 water water
#
loop_
_entity_poly.entity_id
_entity_poly.type
_entity_poly.pdbx_seq_one_letter_code
_entity_poly.pdbx_strand_id
1 'polypeptide(L)'
;EDENVKKFIKEFEDTKIMPVRKGTKTTRTEKFYLVFTEWVKLLQRVENNDVITTVFIKQLVEKGVISDTDNLLTFVKSSL
ELSVSSFKESDPTDEVFIAIDALGSLIIKLLILQDFKDDTRRDYINAIFSVIVLVFAKDHSQEGTTFNERPYFRLFSNIL
YEWATIRTHNFVRISDSSTRQELIEFDSVFYNTFSGYLHALQPFAFPGFSFAWVTLLSHRMLLPIMLRLPNKIGWEKLML
LIIDLFKFLDQYTSKHAVSDAVSVVYKGTLRIILGISNDMPSFLIENHYELMNNLPPTYFQLKNVILSAIPKNMTVPNPY
DVDLNMEDIPACKELPEVFFDPVIDLHSLKKPVDNYLRIPSNSLLRTILSAIYKDTYDIKKGVGYDFLSVDSKLIRAIVL
HVGIEAGIEYKRTSSNAVFNTKSSYYTLLFNLIQNGSIEMKYQIILSIVEQLRYPNIHTYWFSFVLMNMFKSDEWNDQKL
EVQEIILRNFLKRIIVNKPHTWGVSVFFTQLINNNDINLLDLPFVQSVPEIKLILQQLVKYSKKYTTSEQDDQ
;
A,D
2 'polypeptide(L)'
;MEKFGLKALVPLLKLEDKELSSTYDHSMTLGADLSSMLYSLGIPRDSQDHRVLDTFQSPWAETSRSEVEPRFFTPESFTN
IPGVLQSTVTPPCFNSIQNDQQRVALFQDETLFFLFYKHPGTVIQELTYLELRKRNWRYHKTLKAWLTKDPMMEPIVSAD
GLSERGSYVFFDPQRWEKCQRDFLLFYNAIM
;
B,E
3 'polypeptide(L)'
;FDNSTLGTPTTHVSMKKKESENDSEQQLNFPPDRTDEIRKTIQHDVETNAAFQNPLFNDELKYWLDSKRYLMQPLQEMSP
KMVSQLESSLLNCPDSLDADSPCLYTKPLSLPHPTSIFFPNEPIRFVYPYDVPLNLTNNENDTDNKFGKDSKAKSKKDDD
IYSRTSLARIFMKFDLDTLFFIFYHYQGSYEQFLAARELFKNRNWLFNKVDRCWYYKEIEKLPPGMGKSEEESWRYFDYK
KSWLARRCGNDFVYNEEDFEKL
;
C,F
#
loop_
_chem_comp.id
_chem_comp.type
_chem_comp.name
_chem_comp.formula
ACT non-polymer 'ACETATE ION' 'C2 H3 O2 -1'
CA non-polymer 'CALCIUM ION' 'Ca 2'
GOL non-polymer GLYCEROL 'C3 H8 O3'
PEG non-polymer DI(HYDROXYETHYL)ETHER 'C4 H10 O3'
#
# COMPACT_ATOMS: atom_id res chain seq x y z
N THR A 27 -13.94 -0.16 -10.47
CA THR A 27 -12.67 0.27 -11.01
C THR A 27 -12.49 1.78 -10.89
N ARG A 28 -13.47 2.43 -10.24
CA ARG A 28 -13.42 3.86 -9.94
C ARG A 28 -12.63 4.07 -8.66
N THR A 29 -12.87 3.14 -7.73
CA THR A 29 -12.16 3.08 -6.46
C THR A 29 -10.66 3.01 -6.74
N GLU A 30 -10.29 2.14 -7.69
CA GLU A 30 -8.88 1.93 -8.10
C GLU A 30 -8.27 3.15 -8.79
N LYS A 31 -9.06 3.82 -9.62
CA LYS A 31 -8.66 5.07 -10.22
C LYS A 31 -8.27 6.08 -9.12
N PHE A 32 -9.18 6.31 -8.17
CA PHE A 32 -8.90 7.30 -7.11
C PHE A 32 -7.78 6.84 -6.18
N TYR A 33 -7.69 5.53 -5.97
CA TYR A 33 -6.58 4.99 -5.21
C TYR A 33 -5.26 5.37 -5.89
N LEU A 34 -5.17 5.07 -7.17
CA LEU A 34 -3.96 5.36 -7.92
C LEU A 34 -3.61 6.86 -7.87
N VAL A 35 -4.61 7.70 -8.07
CA VAL A 35 -4.39 9.14 -8.02
C VAL A 35 -3.87 9.58 -6.65
N PHE A 36 -4.57 9.21 -5.59
CA PHE A 36 -4.20 9.66 -4.25
C PHE A 36 -2.83 9.12 -3.83
N THR A 37 -2.55 7.88 -4.22
CA THR A 37 -1.27 7.26 -3.94
C THR A 37 -0.17 8.10 -4.55
N GLU A 38 -0.39 8.54 -5.80
CA GLU A 38 0.60 9.40 -6.44
C GLU A 38 0.76 10.75 -5.74
N TRP A 39 -0.34 11.35 -5.27
CA TRP A 39 -0.23 12.60 -4.52
C TRP A 39 0.66 12.45 -3.27
N VAL A 40 0.32 11.47 -2.45
CA VAL A 40 1.11 11.15 -1.27
C VAL A 40 2.58 10.96 -1.62
N LYS A 41 2.86 10.16 -2.64
CA LYS A 41 4.23 9.91 -3.04
C LYS A 41 4.94 11.21 -3.50
N LEU A 42 4.18 12.13 -4.09
CA LEU A 42 4.77 13.36 -4.58
C LEU A 42 5.18 14.24 -3.41
N LEU A 43 4.30 14.33 -2.42
CA LEU A 43 4.56 15.20 -1.28
C LEU A 43 5.68 14.70 -0.39
N GLN A 44 6.16 13.47 -0.63
CA GLN A 44 7.31 12.93 0.09
C GLN A 44 8.60 13.17 -0.66
N ARG A 45 8.47 13.83 -1.81
CA ARG A 45 9.56 14.05 -2.79
C ARG A 45 9.88 15.54 -3.01
N VAL A 46 8.82 16.35 -2.95
CA VAL A 46 8.90 17.78 -3.17
C VAL A 46 8.21 18.56 -2.07
N GLU A 47 8.62 19.82 -1.95
CA GLU A 47 8.08 20.69 -0.94
C GLU A 47 6.64 21.04 -1.23
N ASN A 48 5.90 21.38 -0.17
CA ASN A 48 4.47 21.62 -0.29
C ASN A 48 4.17 22.72 -1.31
N ASN A 49 5.08 23.70 -1.39
CA ASN A 49 4.87 24.85 -2.25
C ASN A 49 5.42 24.72 -3.65
N ASP A 50 6.05 23.59 -3.95
CA ASP A 50 6.69 23.33 -5.26
C ASP A 50 5.65 23.40 -6.38
N VAL A 51 5.96 24.07 -7.47
CA VAL A 51 4.94 24.33 -8.45
C VAL A 51 4.40 23.04 -9.11
N ILE A 52 5.17 21.95 -8.97
CA ILE A 52 4.80 20.63 -9.47
C ILE A 52 3.48 20.19 -8.81
N THR A 53 3.38 20.57 -7.55
CA THR A 53 2.21 20.41 -6.73
C THR A 53 1.00 21.11 -7.33
N THR A 54 1.19 22.37 -7.66
CA THR A 54 0.13 23.17 -8.23
C THR A 54 -0.38 22.56 -9.53
N VAL A 55 0.56 22.19 -10.41
CA VAL A 55 0.20 21.55 -11.67
C VAL A 55 -0.62 20.28 -11.45
N PHE A 56 -0.21 19.48 -10.45
CA PHE A 56 -0.90 18.23 -10.13
C PHE A 56 -2.35 18.47 -9.71
N ILE A 57 -2.55 19.37 -8.73
CA ILE A 57 -3.91 19.63 -8.25
C ILE A 57 -4.79 20.21 -9.38
N LYS A 58 -4.24 21.16 -10.12
CA LYS A 58 -5.02 21.76 -11.19
C LYS A 58 -5.44 20.69 -12.17
N GLN A 59 -4.56 19.71 -12.39
CA GLN A 59 -4.86 18.62 -13.30
C GLN A 59 -5.97 17.76 -12.77
N LEU A 60 -6.05 17.68 -11.44
CA LEU A 60 -7.14 16.93 -10.83
C LEU A 60 -8.45 17.60 -11.13
N VAL A 61 -8.44 18.93 -11.19
CA VAL A 61 -9.71 19.62 -11.26
C VAL A 61 -10.04 20.39 -12.59
N GLU A 62 -9.05 20.66 -13.43
CA GLU A 62 -9.30 21.31 -14.72
C GLU A 62 -9.71 20.29 -15.77
N LYS A 63 -11.02 20.07 -15.92
CA LYS A 63 -11.58 18.99 -16.77
C LYS A 63 -10.89 17.68 -16.42
N GLY A 64 -10.76 17.42 -15.13
CA GLY A 64 -10.01 16.29 -14.65
C GLY A 64 -10.80 15.23 -13.93
N VAL A 65 -10.08 14.51 -13.09
CA VAL A 65 -10.61 13.31 -12.50
C VAL A 65 -11.63 13.60 -11.40
N ILE A 66 -11.60 14.79 -10.80
CA ILE A 66 -12.56 15.12 -9.73
C ILE A 66 -13.25 16.45 -9.99
N SER A 67 -13.49 16.73 -11.26
CA SER A 67 -14.20 17.92 -11.66
C SER A 67 -15.67 17.76 -11.33
N ASP A 68 -16.22 16.61 -11.67
CA ASP A 68 -17.63 16.36 -11.41
C ASP A 68 -17.87 16.04 -9.92
N THR A 69 -18.99 16.54 -9.39
CA THR A 69 -19.28 16.51 -7.97
C THR A 69 -19.17 15.14 -7.28
N ASP A 70 -19.81 14.14 -7.89
CA ASP A 70 -19.80 12.79 -7.33
C ASP A 70 -18.38 12.22 -7.30
N ASN A 71 -17.62 12.48 -8.36
CA ASN A 71 -16.24 12.01 -8.40
C ASN A 71 -15.46 12.68 -7.29
N LEU A 72 -15.71 13.97 -7.07
CA LEU A 72 -14.99 14.65 -6.01
C LEU A 72 -15.30 13.99 -4.69
N LEU A 73 -16.59 13.74 -4.44
CA LEU A 73 -17.04 13.17 -3.18
C LEU A 73 -16.46 11.78 -2.94
N THR A 74 -16.43 10.98 -4.00
CA THR A 74 -15.95 9.62 -3.94
C THR A 74 -14.44 9.60 -3.71
N PHE A 75 -13.77 10.57 -4.31
CA PHE A 75 -12.34 10.70 -4.16
C PHE A 75 -11.98 11.10 -2.72
N VAL A 76 -12.70 12.06 -2.15
CA VAL A 76 -12.40 12.45 -0.77
C VAL A 76 -12.73 11.30 0.17
N LYS A 77 -13.85 10.62 -0.08
CA LYS A 77 -14.24 9.46 0.73
C LYS A 77 -13.15 8.39 0.69
N SER A 78 -12.72 8.08 -0.52
CA SER A 78 -11.74 7.03 -0.76
C SER A 78 -10.40 7.39 -0.09
N SER A 79 -9.95 8.62 -0.31
CA SER A 79 -8.67 9.05 0.24
C SER A 79 -8.68 9.06 1.77
N LEU A 80 -9.77 9.56 2.35
CA LEU A 80 -9.90 9.60 3.80
C LEU A 80 -9.86 8.18 4.38
N GLU A 81 -10.61 7.28 3.74
CA GLU A 81 -10.65 5.89 4.20
C GLU A 81 -9.26 5.27 4.10
N LEU A 82 -8.56 5.55 3.01
CA LEU A 82 -7.24 5.00 2.78
C LEU A 82 -6.25 5.50 3.82
N SER A 83 -6.38 6.78 4.16
CA SER A 83 -5.47 7.41 5.09
C SER A 83 -5.72 6.88 6.51
N VAL A 84 -6.98 6.75 6.89
CA VAL A 84 -7.30 6.18 8.19
C VAL A 84 -6.85 4.71 8.29
N SER A 85 -7.05 3.95 7.22
CA SER A 85 -6.54 2.57 7.19
C SER A 85 -5.05 2.58 7.41
N SER A 86 -4.39 3.49 6.70
CA SER A 86 -2.95 3.63 6.74
C SER A 86 -2.48 3.93 8.17
N PHE A 87 -3.17 4.85 8.83
CA PHE A 87 -2.89 5.09 10.24
C PHE A 87 -3.00 3.81 11.05
N LYS A 88 -4.13 3.12 10.94
CA LYS A 88 -4.38 1.97 11.82
C LYS A 88 -3.35 0.85 11.61
N GLU A 89 -2.88 0.69 10.39
CA GLU A 89 -1.98 -0.41 10.09
C GLU A 89 -0.52 0.00 10.16
N SER A 90 -0.25 1.17 10.76
CA SER A 90 1.11 1.60 11.02
C SER A 90 1.47 1.42 12.49
N ASP A 91 2.74 1.12 12.75
CA ASP A 91 3.26 1.06 14.12
C ASP A 91 3.86 2.43 14.50
N PRO A 92 3.70 2.83 15.78
CA PRO A 92 4.11 4.14 16.30
C PRO A 92 5.51 4.64 15.88
N THR A 93 6.44 3.73 15.63
CA THR A 93 7.81 4.11 15.28
C THR A 93 7.90 4.71 13.86
N ASP A 94 6.85 4.51 13.07
CA ASP A 94 6.80 5.09 11.73
C ASP A 94 6.13 6.45 11.77
N GLU A 95 5.96 7.03 10.59
CA GLU A 95 5.15 8.23 10.45
C GLU A 95 3.73 7.82 10.14
N VAL A 96 2.87 7.83 11.14
CA VAL A 96 1.54 7.24 10.99
C VAL A 96 0.54 8.19 10.34
N PHE A 97 0.95 9.43 10.08
CA PHE A 97 0.01 10.42 9.56
C PHE A 97 0.31 10.86 8.12
N ILE A 98 1.24 10.16 7.47
CA ILE A 98 1.71 10.57 6.14
C ILE A 98 0.54 10.85 5.19
N ALA A 99 -0.32 9.85 5.01
CA ALA A 99 -1.48 10.00 4.13
C ALA A 99 -2.41 11.13 4.59
N ILE A 100 -2.66 11.18 5.89
CA ILE A 100 -3.52 12.23 6.45
C ILE A 100 -2.95 13.63 6.12
N ASP A 101 -1.65 13.80 6.37
CA ASP A 101 -0.97 15.07 6.03
C ASP A 101 -1.10 15.43 4.54
N ALA A 102 -0.82 14.48 3.67
CA ALA A 102 -0.99 14.71 2.24
C ALA A 102 -2.42 15.15 1.90
N LEU A 103 -3.39 14.49 2.54
CA LEU A 103 -4.80 14.79 2.26
C LEU A 103 -5.18 16.20 2.72
N GLY A 104 -4.74 16.60 3.90
CA GLY A 104 -4.99 17.96 4.36
C GLY A 104 -4.47 18.96 3.34
N SER A 105 -3.23 18.72 2.91
CA SER A 105 -2.61 19.62 1.94
C SER A 105 -3.48 19.72 0.69
N LEU A 106 -3.94 18.56 0.22
CA LEU A 106 -4.73 18.52 -1.00
C LEU A 106 -6.09 19.25 -0.87
N ILE A 107 -6.71 19.18 0.31
CA ILE A 107 -7.98 19.85 0.52
C ILE A 107 -7.79 21.38 0.44
N ILE A 108 -6.83 21.90 1.19
CA ILE A 108 -6.68 23.35 1.12
C ILE A 108 -6.20 23.81 -0.28
N LYS A 109 -5.37 23.01 -0.95
CA LYS A 109 -4.97 23.39 -2.29
C LYS A 109 -6.17 23.39 -3.24
N LEU A 110 -7.11 22.48 -3.02
CA LEU A 110 -8.30 22.43 -3.86
C LEU A 110 -9.14 23.67 -3.64
N LEU A 111 -9.08 24.22 -2.44
CA LEU A 111 -9.78 25.48 -2.17
C LEU A 111 -9.08 26.72 -2.77
N ILE A 112 -7.74 26.68 -2.85
CA ILE A 112 -6.95 27.84 -3.31
C ILE A 112 -6.85 27.94 -4.85
N LEU A 113 -6.58 26.82 -5.51
CA LEU A 113 -6.17 26.79 -6.93
C LEU A 113 -7.31 26.63 -7.92
N GLN A 114 -8.49 27.09 -7.57
CA GLN A 114 -9.60 27.06 -8.52
C GLN A 114 -10.30 28.40 -8.54
N ASP A 115 -10.93 28.70 -9.67
CA ASP A 115 -11.81 29.85 -9.72
C ASP A 115 -13.17 29.39 -9.24
N PHE A 116 -13.80 30.22 -8.42
CA PHE A 116 -15.11 29.89 -7.89
C PHE A 116 -16.12 30.97 -8.28
N LYS A 117 -17.00 30.61 -9.21
CA LYS A 117 -18.05 31.50 -9.72
C LYS A 117 -19.01 32.01 -8.63
N THR A 120 -20.31 29.44 -3.58
CA THR A 120 -19.80 28.33 -4.38
C THR A 120 -18.51 27.70 -3.75
N ARG A 121 -17.68 28.53 -3.12
CA ARG A 121 -16.53 28.02 -2.37
C ARG A 121 -17.02 27.48 -1.03
N ARG A 122 -18.05 28.15 -0.52
CA ARG A 122 -18.75 27.72 0.68
C ARG A 122 -19.29 26.32 0.46
N ASP A 123 -19.88 26.12 -0.70
CA ASP A 123 -20.45 24.83 -1.04
C ASP A 123 -19.41 23.73 -1.13
N TYR A 124 -18.26 24.05 -1.73
CA TYR A 124 -17.18 23.11 -1.92
C TYR A 124 -16.62 22.66 -0.58
N ILE A 125 -16.28 23.65 0.25
CA ILE A 125 -15.71 23.33 1.56
C ILE A 125 -16.74 22.52 2.37
N ASN A 126 -18.01 22.87 2.24
CA ASN A 126 -19.05 22.14 2.95
C ASN A 126 -19.15 20.70 2.46
N ALA A 127 -19.06 20.48 1.15
CA ALA A 127 -19.08 19.14 0.58
C ALA A 127 -17.96 18.30 1.17
N ILE A 128 -16.74 18.85 1.16
CA ILE A 128 -15.60 18.12 1.67
C ILE A 128 -15.78 17.80 3.18
N PHE A 129 -16.17 18.80 4.00
CA PHE A 129 -16.39 18.53 5.43
C PHE A 129 -17.51 17.51 5.67
N SER A 130 -18.54 17.55 4.83
CA SER A 130 -19.61 16.59 4.93
C SER A 130 -19.08 15.17 4.75
N VAL A 131 -18.27 14.99 3.71
CA VAL A 131 -17.68 13.69 3.47
C VAL A 131 -16.84 13.25 4.66
N ILE A 132 -16.02 14.17 5.19
CA ILE A 132 -15.16 13.81 6.30
C ILE A 132 -16.02 13.32 7.46
N VAL A 133 -17.00 14.12 7.88
CA VAL A 133 -17.72 13.73 9.10
C VAL A 133 -18.58 12.49 8.85
N LEU A 134 -18.97 12.23 7.60
CA LEU A 134 -19.73 11.01 7.31
C LEU A 134 -18.85 9.75 7.51
N VAL A 135 -17.69 9.74 6.84
CA VAL A 135 -16.75 8.62 6.99
C VAL A 135 -16.37 8.41 8.46
N PHE A 136 -16.13 9.53 9.13
CA PHE A 136 -15.86 9.57 10.56
C PHE A 136 -16.97 8.88 11.37
N ALA A 137 -18.21 9.34 11.18
CA ALA A 137 -19.37 8.81 11.90
C ALA A 137 -19.41 7.32 11.78
N LYS A 138 -19.26 6.80 10.56
CA LYS A 138 -19.27 5.35 10.38
C LYS A 138 -18.10 4.65 11.08
N ASP A 139 -16.91 5.26 11.02
CA ASP A 139 -15.76 4.66 11.68
C ASP A 139 -16.06 4.49 13.18
N HIS A 140 -16.70 5.51 13.73
CA HIS A 140 -16.94 5.65 15.17
C HIS A 140 -18.06 4.71 15.66
N SER A 141 -19.18 4.68 14.94
CA SER A 141 -20.36 4.06 15.49
C SER A 141 -20.56 2.58 15.09
N GLN A 142 -19.89 2.11 14.04
CA GLN A 142 -20.22 0.79 13.51
C GLN A 142 -19.89 -0.35 14.47
N GLU A 143 -20.40 -1.53 14.14
CA GLU A 143 -20.47 -2.61 15.11
C GLU A 143 -19.10 -3.15 15.44
N GLY A 144 -18.32 -3.50 14.43
CA GLY A 144 -16.98 -4.03 14.71
C GLY A 144 -15.93 -2.94 14.71
N THR A 145 -16.18 -1.87 15.47
CA THR A 145 -15.42 -0.63 15.33
C THR A 145 -13.96 -0.72 15.80
N THR A 146 -13.07 -0.12 14.99
CA THR A 146 -11.64 -0.05 15.31
C THR A 146 -11.22 1.42 15.37
N PHE A 147 -12.17 2.26 15.79
CA PHE A 147 -12.06 3.71 15.72
C PHE A 147 -10.97 4.25 16.61
N ASN A 148 -10.21 5.18 16.02
CA ASN A 148 -9.20 5.93 16.71
C ASN A 148 -9.43 7.38 16.35
N GLU A 149 -9.46 8.25 17.35
CA GLU A 149 -9.72 9.67 17.13
C GLU A 149 -8.55 10.36 16.45
N ARG A 150 -7.36 9.85 16.71
CA ARG A 150 -6.14 10.54 16.31
C ARG A 150 -6.06 10.91 14.84
N PRO A 151 -6.32 9.98 13.89
CA PRO A 151 -6.15 10.42 12.50
C PRO A 151 -7.14 11.53 12.08
N TYR A 152 -8.34 11.53 12.63
CA TYR A 152 -9.28 12.59 12.29
C TYR A 152 -8.82 13.88 12.94
N PHE A 153 -8.40 13.80 14.20
CA PHE A 153 -7.84 14.95 14.87
C PHE A 153 -6.70 15.53 14.05
N ARG A 154 -5.86 14.65 13.53
CA ARG A 154 -4.71 15.06 12.74
C ARG A 154 -5.20 15.76 11.48
N LEU A 155 -6.22 15.21 10.82
CA LEU A 155 -6.75 15.82 9.60
C LEU A 155 -7.23 17.25 9.84
N PHE A 156 -7.98 17.43 10.92
CA PHE A 156 -8.50 18.75 11.26
C PHE A 156 -7.37 19.74 11.68
N SER A 157 -6.43 19.27 12.49
CA SER A 157 -5.27 20.08 12.91
C SER A 157 -4.49 20.57 11.69
N ASN A 158 -4.33 19.65 10.76
CA ASN A 158 -3.63 19.92 9.53
C ASN A 158 -4.37 20.96 8.70
N ILE A 159 -5.68 20.78 8.55
CA ILE A 159 -6.46 21.74 7.78
C ILE A 159 -6.31 23.13 8.40
N LEU A 160 -6.38 23.18 9.73
CA LEU A 160 -6.23 24.46 10.43
C LEU A 160 -4.86 25.07 10.09
N TYR A 161 -3.82 24.24 10.11
CA TYR A 161 -2.47 24.70 9.83
C TYR A 161 -2.37 25.28 8.41
N GLU A 162 -2.88 24.52 7.45
CA GLU A 162 -2.81 24.88 6.06
C GLU A 162 -3.46 26.24 5.84
N TRP A 163 -4.65 26.38 6.39
CA TRP A 163 -5.35 27.63 6.20
C TRP A 163 -4.58 28.75 6.90
N ALA A 164 -4.06 28.46 8.07
CA ALA A 164 -3.34 29.43 8.88
C ALA A 164 -2.12 29.96 8.14
N THR A 165 -1.55 29.08 7.32
CA THR A 165 -0.30 29.33 6.64
C THR A 165 -0.51 30.14 5.37
N ILE A 166 -1.57 29.82 4.63
CA ILE A 166 -1.84 30.56 3.41
C ILE A 166 -2.57 31.88 3.69
N ARG A 167 -3.11 32.06 4.89
CA ARG A 167 -3.96 33.24 5.10
C ARG A 167 -3.16 34.47 5.51
N THR A 168 -1.93 34.27 5.98
CA THR A 168 -1.10 35.35 6.56
C THR A 168 -1.01 36.62 5.71
N HIS A 169 -1.11 37.75 6.39
CA HIS A 169 -1.02 39.08 5.77
C HIS A 169 -2.01 39.19 4.61
N ASN A 170 -3.29 39.01 4.94
CA ASN A 170 -4.37 39.10 3.97
C ASN A 170 -4.09 38.30 2.73
N PHE A 171 -3.72 37.04 2.93
CA PHE A 171 -3.45 36.13 1.84
C PHE A 171 -2.47 36.73 0.84
N VAL A 172 -1.35 37.26 1.33
CA VAL A 172 -0.40 37.95 0.48
C VAL A 172 0.33 36.99 -0.47
N ARG A 173 0.37 35.71 -0.13
CA ARG A 173 1.04 34.73 -0.99
C ARG A 173 0.22 34.35 -2.22
N ILE A 174 -0.99 34.89 -2.35
CA ILE A 174 -1.83 34.59 -3.49
C ILE A 174 -1.62 35.57 -4.64
N SER A 175 -1.26 35.04 -5.82
CA SER A 175 -0.84 35.85 -6.97
C SER A 175 -2.01 36.57 -7.65
N ASP A 176 -3.05 35.81 -8.02
CA ASP A 176 -4.25 36.38 -8.62
C ASP A 176 -4.87 37.27 -7.56
N SER A 177 -5.04 38.56 -7.87
CA SER A 177 -5.60 39.54 -6.93
C SER A 177 -7.07 39.28 -6.71
N SER A 178 -7.71 38.76 -7.75
CA SER A 178 -9.12 38.40 -7.70
C SER A 178 -9.32 37.25 -6.68
N THR A 179 -8.55 36.18 -6.88
CA THR A 179 -8.59 35.06 -5.96
C THR A 179 -8.24 35.52 -4.54
N ARG A 180 -7.28 36.43 -4.46
CA ARG A 180 -6.82 36.96 -3.18
C ARG A 180 -7.97 37.67 -2.45
N GLN A 181 -8.69 38.51 -3.17
CA GLN A 181 -9.78 39.25 -2.58
C GLN A 181 -10.86 38.28 -2.13
N GLU A 182 -11.12 37.30 -2.98
CA GLU A 182 -12.09 36.27 -2.68
C GLU A 182 -11.73 35.56 -1.39
N LEU A 183 -10.49 35.12 -1.27
CA LEU A 183 -10.07 34.41 -0.07
C LEU A 183 -10.19 35.28 1.15
N ILE A 184 -9.77 36.53 1.00
CA ILE A 184 -9.89 37.49 2.09
C ILE A 184 -11.30 37.48 2.61
N GLU A 185 -12.28 37.54 1.70
CA GLU A 185 -13.68 37.58 2.13
C GLU A 185 -14.15 36.23 2.67
N PHE A 186 -13.54 35.16 2.21
CA PHE A 186 -13.96 33.81 2.55
C PHE A 186 -13.44 33.35 3.91
N ASP A 187 -12.39 34.01 4.41
CA ASP A 187 -11.71 33.62 5.65
C ASP A 187 -12.66 33.29 6.81
N SER A 188 -13.52 34.25 7.13
CA SER A 188 -14.47 34.07 8.23
C SER A 188 -15.38 32.90 7.97
N VAL A 189 -15.80 32.74 6.70
CA VAL A 189 -16.63 31.61 6.32
C VAL A 189 -15.90 30.30 6.59
N PHE A 190 -14.61 30.28 6.24
CA PHE A 190 -13.82 29.10 6.55
C PHE A 190 -13.95 28.80 8.03
N TYR A 191 -13.69 29.79 8.89
CA TYR A 191 -13.64 29.46 10.31
C TYR A 191 -15.01 29.09 10.88
N ASN A 192 -16.07 29.76 10.44
CA ASN A 192 -17.38 29.46 11.01
C ASN A 192 -17.98 28.16 10.48
N THR A 193 -17.65 27.81 9.24
CA THR A 193 -17.99 26.49 8.69
C THR A 193 -17.27 25.37 9.45
N PHE A 194 -15.96 25.55 9.63
CA PHE A 194 -15.16 24.62 10.40
C PHE A 194 -15.77 24.41 11.79
N SER A 195 -16.06 25.51 12.48
CA SER A 195 -16.65 25.46 13.83
C SER A 195 -18.02 24.77 13.84
N GLY A 196 -18.79 24.95 12.78
CA GLY A 196 -20.07 24.28 12.66
C GLY A 196 -19.91 22.78 12.67
N TYR A 197 -19.02 22.30 11.80
CA TYR A 197 -18.82 20.86 11.78
C TYR A 197 -18.24 20.37 13.11
N LEU A 198 -17.34 21.16 13.66
CA LEU A 198 -16.77 20.82 14.96
C LEU A 198 -17.87 20.68 15.99
N HIS A 199 -18.87 21.55 15.88
CA HIS A 199 -20.01 21.55 16.77
C HIS A 199 -20.77 20.24 16.67
N ALA A 200 -20.99 19.79 15.44
CA ALA A 200 -21.69 18.50 15.24
C ALA A 200 -20.86 17.31 15.66
N LEU A 201 -19.56 17.53 15.91
CA LEU A 201 -18.69 16.44 16.32
C LEU A 201 -18.51 16.41 17.85
N GLN A 202 -19.41 17.08 18.55
CA GLN A 202 -19.30 17.29 19.99
C GLN A 202 -19.45 16.00 20.82
N PRO A 203 -18.95 16.01 22.07
CA PRO A 203 -18.94 14.82 22.94
C PRO A 203 -20.24 14.04 23.04
N PHE A 204 -21.39 14.71 23.13
CA PHE A 204 -22.68 14.02 23.18
C PHE A 204 -22.91 13.12 21.97
N ALA A 205 -22.64 13.66 20.80
CA ALA A 205 -22.84 12.91 19.56
C ALA A 205 -21.78 11.82 19.38
N PHE A 206 -20.50 12.15 19.68
CA PHE A 206 -19.42 11.18 19.48
C PHE A 206 -18.43 11.13 20.63
N PRO A 207 -18.79 10.45 21.72
CA PRO A 207 -17.99 10.31 22.94
C PRO A 207 -16.57 9.85 22.65
N GLY A 208 -16.43 8.93 21.68
CA GLY A 208 -15.14 8.39 21.34
C GLY A 208 -14.16 9.39 20.76
N PHE A 209 -14.62 10.62 20.55
CA PHE A 209 -13.83 11.68 19.96
C PHE A 209 -13.58 12.81 20.97
N SER A 210 -14.29 12.75 22.09
CA SER A 210 -14.36 13.84 23.07
C SER A 210 -13.05 14.60 23.32
N PHE A 211 -12.03 13.87 23.80
CA PHE A 211 -10.77 14.51 24.14
C PHE A 211 -10.15 15.24 22.93
N ALA A 212 -10.10 14.55 21.79
CA ALA A 212 -9.66 15.19 20.55
C ALA A 212 -10.48 16.46 20.28
N TRP A 213 -11.80 16.32 20.40
CA TRP A 213 -12.68 17.45 20.18
C TRP A 213 -12.23 18.61 21.05
N VAL A 214 -12.00 18.36 22.34
CA VAL A 214 -11.62 19.45 23.24
C VAL A 214 -10.31 20.08 22.77
N THR A 215 -9.37 19.22 22.32
CA THR A 215 -8.09 19.70 21.82
C THR A 215 -8.31 20.62 20.61
N LEU A 216 -9.17 20.21 19.69
CA LEU A 216 -9.42 21.03 18.51
C LEU A 216 -10.03 22.37 18.92
N LEU A 217 -10.84 22.36 19.97
CA LEU A 217 -11.52 23.56 20.39
C LEU A 217 -10.50 24.58 20.85
N SER A 218 -9.36 24.08 21.35
CA SER A 218 -8.32 24.98 21.88
C SER A 218 -7.06 24.88 21.05
N HIS A 219 -7.20 24.44 19.80
CA HIS A 219 -6.09 24.34 18.89
C HIS A 219 -5.53 25.73 18.65
N ARG A 220 -4.20 25.84 18.56
CA ARG A 220 -3.56 27.14 18.44
C ARG A 220 -3.88 27.80 17.12
N MET A 221 -4.41 27.04 16.17
CA MET A 221 -4.74 27.63 14.87
C MET A 221 -6.25 27.69 14.61
N LEU A 222 -7.01 27.57 15.70
CA LEU A 222 -8.44 27.88 15.76
C LEU A 222 -8.77 28.90 16.87
N LEU A 223 -8.56 28.50 18.13
CA LEU A 223 -9.02 29.34 19.24
C LEU A 223 -8.47 30.81 19.18
N PRO A 224 -7.14 31.01 19.02
CA PRO A 224 -6.66 32.40 19.07
C PRO A 224 -7.13 33.24 17.89
N ILE A 225 -7.37 32.58 16.77
CA ILE A 225 -7.84 33.25 15.55
C ILE A 225 -9.31 33.65 15.66
N MET A 226 -10.17 32.75 16.11
CA MET A 226 -11.59 33.08 16.20
C MET A 226 -11.88 33.99 17.35
N LEU A 227 -10.97 34.04 18.31
CA LEU A 227 -11.06 35.02 19.37
C LEU A 227 -10.79 36.41 18.79
N ARG A 228 -10.13 36.44 17.64
CA ARG A 228 -9.57 37.67 17.15
C ARG A 228 -10.02 38.08 15.74
N LEU A 229 -10.92 37.32 15.10
CA LEU A 229 -11.49 37.76 13.83
C LEU A 229 -12.17 39.12 14.05
N PRO A 230 -12.14 39.97 13.01
CA PRO A 230 -12.64 41.34 13.18
C PRO A 230 -14.11 41.40 13.58
N ASN A 231 -14.43 42.34 14.47
CA ASN A 231 -15.80 42.61 14.92
C ASN A 231 -16.45 41.43 15.62
N LYS A 232 -15.62 40.57 16.19
CA LYS A 232 -16.09 39.47 17.00
C LYS A 232 -16.96 38.47 16.22
N ILE A 233 -16.74 38.36 14.91
CA ILE A 233 -17.56 37.44 14.11
C ILE A 233 -17.18 35.98 14.36
N GLY A 234 -16.20 35.77 15.21
CA GLY A 234 -15.83 34.41 15.58
C GLY A 234 -16.42 34.01 16.92
N TRP A 235 -16.83 35.00 17.72
CA TRP A 235 -17.22 34.74 19.11
C TRP A 235 -18.44 33.84 19.25
N GLU A 236 -19.43 34.01 18.37
CA GLU A 236 -20.66 33.24 18.45
C GLU A 236 -20.38 31.71 18.43
N LYS A 237 -19.65 31.25 17.42
CA LYS A 237 -19.34 29.82 17.31
C LYS A 237 -18.41 29.33 18.41
N LEU A 238 -17.54 30.21 18.91
CA LEU A 238 -16.72 29.82 20.05
C LEU A 238 -17.61 29.52 21.24
N MET A 239 -18.55 30.44 21.49
CA MET A 239 -19.47 30.28 22.59
C MET A 239 -20.32 29.04 22.40
N LEU A 240 -20.69 28.76 21.17
CA LEU A 240 -21.44 27.56 20.88
C LEU A 240 -20.63 26.33 21.32
N LEU A 241 -19.38 26.23 20.87
CA LEU A 241 -18.54 25.10 21.23
C LEU A 241 -18.34 24.98 22.74
N ILE A 242 -17.99 26.09 23.38
CA ILE A 242 -17.79 26.13 24.82
C ILE A 242 -19.04 25.72 25.59
N ILE A 243 -20.21 26.12 25.10
CA ILE A 243 -21.47 25.73 25.70
C ILE A 243 -21.68 24.22 25.55
N ASP A 244 -21.34 23.67 24.40
CA ASP A 244 -21.37 22.20 24.22
C ASP A 244 -20.58 21.51 25.32
N LEU A 245 -19.34 21.96 25.49
CA LEU A 245 -18.45 21.44 26.52
C LEU A 245 -19.06 21.55 27.94
N PHE A 246 -19.54 22.73 28.29
CA PHE A 246 -20.15 22.95 29.60
C PHE A 246 -21.35 22.02 29.81
N LYS A 247 -22.17 21.86 28.78
CA LYS A 247 -23.34 21.01 28.86
C LYS A 247 -22.96 19.55 29.13
N PHE A 248 -21.98 19.06 28.38
CA PHE A 248 -21.49 17.71 28.60
C PHE A 248 -21.00 17.56 30.03
N LEU A 249 -20.27 18.55 30.52
CA LEU A 249 -19.77 18.49 31.87
C LEU A 249 -20.92 18.47 32.88
N ASP A 250 -21.93 19.29 32.65
CA ASP A 250 -23.05 19.46 33.58
C ASP A 250 -23.87 18.17 33.65
N GLN A 251 -24.02 17.51 32.51
CA GLN A 251 -24.79 16.28 32.42
C GLN A 251 -24.15 15.14 33.18
N TYR A 252 -22.81 15.12 33.22
CA TYR A 252 -22.12 13.98 33.79
C TYR A 252 -21.29 14.33 35.03
N THR A 253 -21.75 15.34 35.77
CA THR A 253 -21.19 15.73 37.05
C THR A 253 -22.32 15.99 38.03
N SER A 254 -22.29 15.27 39.15
CA SER A 254 -23.22 15.52 40.26
C SER A 254 -22.43 15.53 41.57
N LYS A 255 -23.14 15.69 42.69
CA LYS A 255 -22.50 15.60 44.00
C LYS A 255 -21.86 14.21 44.18
N HIS A 256 -22.51 13.19 43.61
CA HIS A 256 -22.01 11.81 43.65
C HIS A 256 -21.12 11.47 42.46
N ALA A 257 -21.55 11.90 41.27
CA ALA A 257 -20.88 11.60 40.00
C ALA A 257 -19.48 12.22 39.82
N VAL A 258 -18.46 11.46 40.19
CA VAL A 258 -17.06 11.88 39.99
C VAL A 258 -16.72 11.93 38.50
N ASP A 260 -12.25 9.38 37.07
CA ASP A 260 -12.70 9.03 35.72
C ASP A 260 -12.55 10.19 34.71
N ALA A 261 -12.81 9.86 33.45
CA ALA A 261 -12.54 10.74 32.34
C ALA A 261 -13.13 12.14 32.45
N VAL A 262 -14.37 12.24 32.91
CA VAL A 262 -15.04 13.53 32.93
C VAL A 262 -14.28 14.59 33.76
N SER A 263 -13.72 14.19 34.90
CA SER A 263 -12.96 15.12 35.72
C SER A 263 -11.73 15.60 34.98
N VAL A 264 -11.10 14.70 34.24
CA VAL A 264 -9.99 15.06 33.36
C VAL A 264 -10.43 16.10 32.31
N VAL A 265 -11.57 15.85 31.66
CA VAL A 265 -12.09 16.82 30.72
C VAL A 265 -12.27 18.16 31.43
N TYR A 266 -12.78 18.13 32.66
CA TYR A 266 -12.90 19.36 33.43
C TYR A 266 -11.54 20.06 33.56
N LYS A 267 -10.49 19.30 33.89
CA LYS A 267 -9.16 19.90 34.08
C LYS A 267 -8.74 20.64 32.83
N GLY A 268 -8.85 19.96 31.69
CA GLY A 268 -8.50 20.57 30.42
C GLY A 268 -9.30 21.83 30.13
N THR A 269 -10.59 21.75 30.41
CA THR A 269 -11.49 22.88 30.26
C THR A 269 -11.01 24.07 31.05
N LEU A 270 -10.69 23.82 32.32
CA LEU A 270 -10.19 24.85 33.23
C LEU A 270 -8.93 25.50 32.67
N ARG A 271 -8.04 24.67 32.13
CA ARG A 271 -6.80 25.17 31.55
C ARG A 271 -7.11 26.11 30.39
N ILE A 272 -8.01 25.66 29.51
CA ILE A 272 -8.42 26.46 28.37
C ILE A 272 -8.99 27.80 28.82
N ILE A 273 -9.95 27.77 29.74
CA ILE A 273 -10.55 28.99 30.23
C ILE A 273 -9.50 29.92 30.87
N LEU A 274 -8.52 29.36 31.55
CA LEU A 274 -7.43 30.16 32.10
C LEU A 274 -6.65 30.84 30.96
N GLY A 275 -6.38 30.09 29.90
CA GLY A 275 -5.68 30.61 28.75
C GLY A 275 -6.44 31.76 28.14
N ILE A 276 -7.75 31.56 27.96
CA ILE A 276 -8.58 32.58 27.37
C ILE A 276 -8.63 33.81 28.29
N SER A 277 -8.69 33.58 29.59
CA SER A 277 -8.74 34.70 30.53
C SER A 277 -7.48 35.55 30.40
N ASN A 278 -6.37 34.87 30.21
CA ASN A 278 -5.08 35.53 30.07
C ASN A 278 -4.91 36.28 28.75
N ASP A 279 -5.40 35.66 27.68
CA ASP A 279 -5.19 36.15 26.32
C ASP A 279 -6.25 37.14 25.84
N MET A 280 -7.50 36.81 26.08
CA MET A 280 -8.61 37.59 25.53
C MET A 280 -9.70 37.67 26.58
N PRO A 281 -9.39 38.32 27.70
CA PRO A 281 -10.32 38.33 28.86
C PRO A 281 -11.70 38.89 28.50
N SER A 282 -11.73 39.87 27.58
CA SER A 282 -12.98 40.48 27.18
C SER A 282 -13.98 39.45 26.66
N PHE A 283 -13.48 38.31 26.19
CA PHE A 283 -14.36 37.26 25.75
C PHE A 283 -15.10 36.64 26.95
N LEU A 284 -14.40 36.49 28.07
CA LEU A 284 -15.00 35.98 29.28
C LEU A 284 -15.91 37.03 29.90
N ILE A 285 -15.55 38.28 29.68
CA ILE A 285 -16.29 39.35 30.32
C ILE A 285 -17.63 39.60 29.63
N GLU A 286 -17.60 39.68 28.31
CA GLU A 286 -18.79 40.08 27.56
C GLU A 286 -19.72 38.92 27.30
N ASN A 287 -19.31 37.71 27.64
CA ASN A 287 -20.17 36.52 27.52
C ASN A 287 -20.49 35.90 28.88
N HIS A 288 -20.46 36.69 29.95
CA HIS A 288 -20.58 36.07 31.26
C HIS A 288 -22.00 35.57 31.48
N TYR A 289 -22.96 36.20 30.80
CA TYR A 289 -24.35 35.80 30.92
C TYR A 289 -24.60 34.35 30.42
N GLU A 290 -24.25 34.03 29.16
CA GLU A 290 -24.49 32.67 28.68
C GLU A 290 -23.54 31.67 29.33
N LEU A 291 -22.30 32.08 29.60
CA LEU A 291 -21.37 31.20 30.29
C LEU A 291 -21.93 30.77 31.67
N MET A 292 -22.47 31.73 32.44
CA MET A 292 -23.09 31.40 33.72
C MET A 292 -24.37 30.58 33.53
N ASN A 293 -25.14 30.87 32.48
CA ASN A 293 -26.34 30.09 32.21
C ASN A 293 -26.00 28.63 31.98
N ASN A 294 -24.81 28.33 31.45
CA ASN A 294 -24.55 26.94 31.15
C ASN A 294 -23.47 26.28 32.00
N LEU A 295 -22.88 27.04 32.92
CA LEU A 295 -21.84 26.47 33.77
C LEU A 295 -22.46 25.66 34.90
N PRO A 296 -21.96 24.44 35.13
CA PRO A 296 -22.36 23.58 36.24
C PRO A 296 -22.28 24.31 37.58
N PRO A 297 -23.38 24.27 38.35
CA PRO A 297 -23.54 25.15 39.51
C PRO A 297 -22.55 24.85 40.61
N THR A 298 -21.90 23.69 40.51
CA THR A 298 -20.97 23.27 41.53
C THR A 298 -19.51 23.57 41.16
N TYR A 299 -19.33 24.23 40.01
CA TYR A 299 -18.01 24.65 39.54
C TYR A 299 -17.62 26.03 40.09
N PHE A 300 -17.41 26.10 41.41
CA PHE A 300 -17.10 27.36 42.09
C PHE A 300 -15.86 28.02 41.51
N GLN A 301 -14.75 27.29 41.46
CA GLN A 301 -13.49 27.85 41.00
C GLN A 301 -13.58 28.32 39.55
N LEU A 302 -14.14 27.48 38.68
CA LEU A 302 -14.27 27.84 37.28
C LEU A 302 -15.18 29.05 37.11
N LYS A 303 -16.21 29.12 37.94
CA LYS A 303 -17.09 30.27 37.98
C LYS A 303 -16.32 31.54 38.27
N ASN A 304 -15.51 31.49 39.33
CA ASN A 304 -14.74 32.65 39.74
C ASN A 304 -13.74 33.04 38.65
N VAL A 305 -13.11 32.05 38.03
CA VAL A 305 -12.18 32.30 36.95
C VAL A 305 -12.84 33.05 35.82
N ILE A 306 -14.03 32.62 35.44
CA ILE A 306 -14.75 33.33 34.38
C ILE A 306 -15.10 34.75 34.83
N LEU A 307 -15.52 34.89 36.09
CA LEU A 307 -16.01 36.18 36.53
C LEU A 307 -14.90 37.10 37.05
N SER A 308 -13.68 36.58 37.19
CA SER A 308 -12.55 37.37 37.69
C SER A 308 -11.81 38.06 36.57
N ALA A 309 -12.17 37.73 35.33
CA ALA A 309 -11.55 38.31 34.15
C ALA A 309 -11.49 39.83 34.24
N ILE A 310 -10.36 40.38 33.82
CA ILE A 310 -10.08 41.79 33.95
C ILE A 310 -9.62 42.31 32.61
N PRO A 311 -10.19 43.43 32.15
CA PRO A 311 -9.80 43.93 30.83
C PRO A 311 -8.29 44.21 30.75
N LYS A 312 -7.75 44.06 29.56
CA LYS A 312 -6.31 43.88 29.38
C LYS A 312 -5.41 44.91 30.09
N ASN A 313 -5.54 46.19 29.80
CA ASN A 313 -4.56 47.08 30.41
C ASN A 313 -5.15 47.89 31.54
N MET A 314 -6.04 47.24 32.27
CA MET A 314 -6.56 47.78 33.52
C MET A 314 -5.77 47.22 34.68
N THR A 315 -5.38 48.11 35.59
CA THR A 315 -4.78 47.68 36.85
C THR A 315 -5.80 48.03 37.93
N VAL A 316 -6.19 47.03 38.73
CA VAL A 316 -7.22 47.24 39.72
C VAL A 316 -6.61 47.58 41.08
N PRO A 317 -7.25 48.51 41.81
CA PRO A 317 -6.86 48.89 43.19
C PRO A 317 -6.93 47.70 44.14
N ASN A 318 -6.11 47.71 45.20
CA ASN A 318 -6.16 46.65 46.21
C ASN A 318 -7.52 46.60 46.88
N PRO A 319 -8.23 45.48 46.71
CA PRO A 319 -9.61 45.30 47.18
C PRO A 319 -9.71 45.21 48.70
N TYR A 320 -8.56 44.98 49.34
CA TYR A 320 -8.56 44.75 50.77
C TYR A 320 -8.26 46.03 51.57
N ASP A 321 -7.91 47.12 50.90
CA ASP A 321 -7.68 48.42 51.56
C ASP A 321 -8.99 48.95 52.12
N VAL A 322 -9.12 48.92 53.45
CA VAL A 322 -10.37 49.21 54.13
C VAL A 322 -10.97 50.58 53.78
N ASP A 323 -10.11 51.55 53.51
CA ASP A 323 -10.57 52.90 53.23
C ASP A 323 -10.94 53.13 51.76
N LEU A 324 -11.25 52.05 51.05
CA LEU A 324 -11.60 52.11 49.63
C LEU A 324 -12.98 52.72 49.41
N ASN A 325 -13.13 53.44 48.31
CA ASN A 325 -14.39 54.05 47.96
C ASN A 325 -14.59 54.09 46.45
N MET A 326 -15.61 53.41 45.96
CA MET A 326 -15.76 53.29 44.50
C MET A 326 -16.15 54.61 43.83
N GLU A 327 -16.53 55.61 44.62
CA GLU A 327 -16.80 56.92 44.06
C GLU A 327 -15.50 57.53 43.55
N ASP A 328 -14.40 57.12 44.18
CA ASP A 328 -13.10 57.68 43.86
C ASP A 328 -12.33 56.75 42.92
N ILE A 329 -13.06 55.97 42.14
CA ILE A 329 -12.45 55.08 41.14
C ILE A 329 -13.16 55.24 39.80
N PRO A 330 -12.47 55.86 38.83
CA PRO A 330 -13.06 56.19 37.52
C PRO A 330 -13.67 54.99 36.79
N ALA A 331 -12.96 53.87 36.82
CA ALA A 331 -13.40 52.65 36.13
C ALA A 331 -14.76 52.22 36.65
N CYS A 332 -15.02 52.48 37.93
CA CYS A 332 -16.27 52.07 38.53
C CYS A 332 -17.49 52.80 37.97
N LYS A 333 -17.27 53.78 37.09
CA LYS A 333 -18.40 54.50 36.47
C LYS A 333 -18.61 54.09 35.02
N GLU A 334 -17.72 53.23 34.50
CA GLU A 334 -17.79 52.78 33.12
C GLU A 334 -18.77 51.64 32.97
N LEU A 335 -19.44 51.55 31.82
CA LEU A 335 -20.42 50.46 31.58
C LEU A 335 -19.75 49.29 30.87
N PRO A 336 -19.82 48.11 31.48
CA PRO A 336 -19.23 46.90 30.88
C PRO A 336 -19.92 46.54 29.57
N GLU A 337 -19.23 45.87 28.66
CA GLU A 337 -19.84 45.45 27.41
C GLU A 337 -20.54 44.10 27.56
N VAL A 338 -21.68 43.93 26.90
CA VAL A 338 -22.43 42.67 26.97
C VAL A 338 -22.69 42.14 25.59
N PHE A 339 -22.05 41.03 25.24
CA PHE A 339 -22.07 40.53 23.85
C PHE A 339 -23.42 40.06 23.39
N PHE A 340 -24.21 39.55 24.33
CA PHE A 340 -25.54 39.05 24.03
C PHE A 340 -26.51 39.72 24.96
N ASP A 341 -27.44 40.48 24.41
CA ASP A 341 -28.39 41.22 25.23
C ASP A 341 -29.39 40.30 25.92
N PRO A 342 -29.33 40.23 27.27
CA PRO A 342 -30.20 39.29 27.99
C PRO A 342 -31.70 39.59 27.85
N VAL A 343 -32.05 40.82 27.45
CA VAL A 343 -33.47 41.19 27.33
C VAL A 343 -34.25 40.27 26.36
N ILE A 344 -33.53 39.67 25.41
CA ILE A 344 -34.11 38.75 24.44
C ILE A 344 -34.79 37.62 25.20
N ASP A 345 -34.07 37.12 26.19
CA ASP A 345 -34.52 36.02 27.02
C ASP A 345 -35.63 36.38 28.01
N LEU A 346 -36.02 37.65 28.05
CA LEU A 346 -37.18 38.07 28.83
C LEU A 346 -38.48 37.90 28.04
N HIS A 347 -38.35 37.76 26.73
CA HIS A 347 -39.52 37.63 25.84
C HIS A 347 -40.66 38.61 26.17
N SER A 348 -41.86 38.11 26.36
CA SER A 348 -43.01 38.99 26.59
C SER A 348 -42.82 39.95 27.78
N LEU A 349 -41.99 39.56 28.75
CA LEU A 349 -41.72 40.42 29.90
C LEU A 349 -41.00 41.75 29.56
N LYS A 350 -40.36 41.81 28.40
CA LYS A 350 -39.53 42.96 28.05
C LYS A 350 -40.25 44.30 28.18
N LYS A 351 -41.41 44.46 27.54
CA LYS A 351 -42.09 45.75 27.58
C LYS A 351 -42.55 46.14 28.99
N PRO A 352 -43.30 45.24 29.69
CA PRO A 352 -43.75 45.63 31.03
C PRO A 352 -42.59 45.96 31.97
N VAL A 353 -41.52 45.16 31.96
CA VAL A 353 -40.36 45.41 32.81
C VAL A 353 -39.71 46.76 32.46
N ASP A 354 -39.42 47.00 31.18
CA ASP A 354 -38.87 48.28 30.76
C ASP A 354 -39.83 49.42 31.09
N ASN A 355 -41.13 49.19 30.90
CA ASN A 355 -42.13 50.19 31.28
C ASN A 355 -41.99 50.61 32.72
N TYR A 356 -41.93 49.63 33.62
CA TYR A 356 -41.85 49.92 35.04
C TYR A 356 -40.55 50.69 35.38
N LEU A 357 -39.44 50.29 34.77
CA LEU A 357 -38.15 50.92 35.04
C LEU A 357 -38.12 52.41 34.67
N ARG A 358 -38.81 52.76 33.60
CA ARG A 358 -38.89 54.12 33.07
C ARG A 358 -39.78 55.00 33.95
N ILE A 359 -40.98 54.53 34.26
CA ILE A 359 -41.90 55.24 35.14
C ILE A 359 -42.62 54.32 36.13
N PRO A 360 -41.97 54.02 37.26
CA PRO A 360 -42.50 53.09 38.26
C PRO A 360 -43.79 53.57 38.92
N SER A 361 -44.64 52.60 39.28
CA SER A 361 -45.87 52.83 40.05
C SER A 361 -46.22 51.50 40.70
N ASN A 362 -46.99 51.50 41.78
CA ASN A 362 -47.21 50.27 42.53
C ASN A 362 -48.07 49.25 41.81
N SER A 363 -49.01 49.70 40.99
CA SER A 363 -49.88 48.79 40.24
C SER A 363 -49.09 48.07 39.14
N LEU A 364 -48.21 48.82 38.48
CA LEU A 364 -47.35 48.25 37.45
C LEU A 364 -46.36 47.27 38.09
N LEU A 365 -45.90 47.62 39.29
CA LEU A 365 -45.04 46.71 40.04
C LEU A 365 -45.77 45.40 40.33
N ARG A 366 -47.02 45.49 40.82
CA ARG A 366 -47.82 44.30 41.09
C ARG A 366 -47.93 43.41 39.87
N THR A 367 -48.29 44.05 38.76
CA THR A 367 -48.50 43.36 37.50
C THR A 367 -47.25 42.62 37.04
N ILE A 368 -46.12 43.32 36.99
CA ILE A 368 -44.93 42.66 36.45
C ILE A 368 -44.39 41.63 37.45
N LEU A 369 -44.65 41.83 38.73
CA LEU A 369 -44.32 40.80 39.71
C LEU A 369 -45.06 39.50 39.39
N SER A 370 -46.38 39.61 39.20
CA SER A 370 -47.16 38.43 38.82
C SER A 370 -46.63 37.79 37.53
N ALA A 371 -46.29 38.62 36.53
CA ALA A 371 -45.85 38.08 35.24
C ALA A 371 -44.57 37.29 35.38
N ILE A 372 -43.60 37.93 36.04
CA ILE A 372 -42.27 37.38 36.24
C ILE A 372 -42.34 36.09 37.04
N TYR A 373 -43.15 36.09 38.08
CA TYR A 373 -43.32 34.88 38.89
C TYR A 373 -43.97 33.77 38.05
N LYS A 374 -45.01 34.10 37.29
CA LYS A 374 -45.67 33.09 36.46
C LYS A 374 -44.65 32.43 35.56
N ASP A 375 -43.68 33.19 35.10
CA ASP A 375 -42.70 32.61 34.19
C ASP A 375 -41.49 31.96 34.90
N THR A 376 -41.23 32.34 36.15
CA THR A 376 -40.02 31.88 36.82
C THR A 376 -40.29 30.65 37.66
N TYR A 377 -41.56 30.43 38.01
CA TYR A 377 -41.93 29.20 38.72
C TYR A 377 -42.34 28.12 37.72
N ASP A 378 -41.38 27.29 37.33
CA ASP A 378 -41.60 26.25 36.32
C ASP A 378 -41.82 24.87 36.96
N ILE A 379 -42.46 23.96 36.23
CA ILE A 379 -42.51 22.58 36.69
C ILE A 379 -41.52 21.77 35.90
N LYS A 380 -40.46 21.29 36.55
CA LYS A 380 -39.40 20.54 35.88
C LYS A 380 -39.62 19.01 36.03
N LYS A 381 -39.42 18.28 34.93
CA LYS A 381 -39.60 16.82 34.93
C LYS A 381 -38.31 16.12 35.31
N GLY A 382 -38.13 15.84 36.60
CA GLY A 382 -37.02 15.05 37.08
C GLY A 382 -37.29 13.56 36.94
N VAL A 383 -36.47 12.74 37.60
CA VAL A 383 -36.59 11.29 37.47
C VAL A 383 -37.68 10.70 38.35
N GLY A 384 -38.69 10.13 37.72
CA GLY A 384 -39.78 9.48 38.45
C GLY A 384 -40.90 10.39 38.92
N TYR A 385 -40.64 11.70 38.95
CA TYR A 385 -41.61 12.70 39.40
C TYR A 385 -41.30 14.09 38.90
N ASP A 386 -42.29 14.96 38.87
CA ASP A 386 -42.05 16.36 38.54
C ASP A 386 -41.88 17.18 39.82
N PHE A 387 -41.19 18.30 39.75
CA PHE A 387 -41.07 19.11 40.94
C PHE A 387 -41.03 20.57 40.57
N LEU A 388 -41.34 21.44 41.54
CA LEU A 388 -41.26 22.88 41.27
C LEU A 388 -39.81 23.27 41.18
N SER A 389 -39.51 24.12 40.22
CA SER A 389 -38.14 24.62 40.01
C SER A 389 -38.18 26.05 39.54
N VAL A 390 -37.31 26.87 40.12
CA VAL A 390 -37.20 28.27 39.72
C VAL A 390 -36.34 28.43 38.47
N ASP A 391 -36.78 29.28 37.53
CA ASP A 391 -36.10 29.50 36.24
C ASP A 391 -34.83 30.36 36.42
N SER A 392 -33.72 29.72 36.78
CA SER A 392 -32.56 30.48 37.20
C SER A 392 -32.00 31.31 36.03
N LYS A 393 -32.15 30.78 34.82
CA LYS A 393 -31.70 31.50 33.65
C LYS A 393 -32.50 32.80 33.47
N LEU A 394 -33.82 32.72 33.58
CA LEU A 394 -34.64 33.91 33.40
C LEU A 394 -34.33 34.95 34.50
N ILE A 395 -34.19 34.48 35.73
CA ILE A 395 -33.78 35.37 36.82
C ILE A 395 -32.50 36.10 36.42
N ARG A 396 -31.53 35.36 35.88
CA ARG A 396 -30.26 35.96 35.53
C ARG A 396 -30.46 37.03 34.45
N ALA A 397 -31.30 36.73 33.47
CA ALA A 397 -31.58 37.70 32.43
C ALA A 397 -32.24 38.96 33.01
N ILE A 398 -33.17 38.80 33.94
CA ILE A 398 -33.85 39.95 34.51
C ILE A 398 -32.88 40.80 35.33
N VAL A 399 -32.11 40.15 36.19
CA VAL A 399 -31.15 40.86 37.01
C VAL A 399 -30.13 41.64 36.15
N LEU A 400 -29.59 40.96 35.14
CA LEU A 400 -28.61 41.58 34.28
C LEU A 400 -29.25 42.75 33.55
N HIS A 401 -30.48 42.54 33.08
CA HIS A 401 -31.14 43.58 32.30
C HIS A 401 -31.34 44.84 33.11
N VAL A 402 -31.77 44.64 34.34
CA VAL A 402 -31.97 45.75 35.24
C VAL A 402 -30.65 46.48 35.45
N GLY A 403 -29.56 45.72 35.62
CA GLY A 403 -28.27 46.35 35.83
C GLY A 403 -27.84 47.20 34.65
N ILE A 404 -27.99 46.62 33.46
CA ILE A 404 -27.62 47.28 32.22
C ILE A 404 -28.37 48.59 32.09
N GLU A 405 -29.68 48.51 32.30
CA GLU A 405 -30.52 49.69 32.19
C GLU A 405 -30.14 50.74 33.26
N ALA A 406 -29.70 50.27 34.42
CA ALA A 406 -29.23 51.13 35.51
C ALA A 406 -28.01 51.92 35.07
N GLY A 407 -27.05 51.21 34.47
CA GLY A 407 -25.83 51.85 34.02
C GLY A 407 -26.09 52.87 32.92
N ILE A 408 -26.97 52.50 31.97
CA ILE A 408 -27.32 53.39 30.87
C ILE A 408 -27.98 54.65 31.41
N GLU A 409 -28.86 54.45 32.39
CA GLU A 409 -29.52 55.58 33.02
C GLU A 409 -28.52 56.46 33.77
N TYR A 410 -27.53 55.82 34.40
CA TYR A 410 -26.51 56.56 35.15
C TYR A 410 -25.68 57.41 34.20
N LYS A 411 -25.35 56.84 33.05
CA LYS A 411 -24.61 57.57 32.02
C LYS A 411 -25.43 58.73 31.46
N ARG A 412 -26.73 58.51 31.29
CA ARG A 412 -27.60 59.55 30.75
C ARG A 412 -27.59 60.82 31.60
N THR A 413 -27.67 60.63 32.92
CA THR A 413 -27.70 61.73 33.89
C THR A 413 -26.29 62.09 34.34
N ASN A 416 -26.85 59.29 38.90
CA ASN A 416 -27.26 60.12 40.04
C ASN A 416 -28.41 59.47 40.85
N ALA A 417 -29.64 59.51 40.33
CA ALA A 417 -30.80 58.94 41.03
C ALA A 417 -30.95 57.44 40.76
N VAL A 418 -29.85 56.82 40.35
CA VAL A 418 -29.80 55.40 40.11
C VAL A 418 -29.33 54.73 41.40
N PHE A 419 -28.38 55.36 42.06
CA PHE A 419 -27.89 54.86 43.36
C PHE A 419 -28.81 55.28 44.50
N ASN A 420 -30.08 54.90 44.41
CA ASN A 420 -31.08 55.28 45.40
C ASN A 420 -32.07 54.13 45.58
N THR A 421 -32.50 53.87 46.81
CA THR A 421 -33.42 52.76 47.00
C THR A 421 -34.83 53.08 46.49
N LYS A 422 -35.18 54.36 46.41
CA LYS A 422 -36.51 54.74 45.92
C LYS A 422 -36.61 54.56 44.41
N SER A 423 -35.48 54.28 43.76
CA SER A 423 -35.39 54.14 42.31
C SER A 423 -36.01 52.83 41.82
N SER A 424 -36.45 52.83 40.56
CA SER A 424 -37.14 51.68 40.01
C SER A 424 -36.27 50.41 39.99
N TYR A 425 -34.97 50.60 39.78
CA TYR A 425 -34.07 49.47 39.61
C TYR A 425 -33.92 48.70 40.92
N TYR A 426 -33.50 49.44 41.94
CA TYR A 426 -33.41 48.84 43.25
C TYR A 426 -34.79 48.32 43.68
N THR A 427 -35.86 49.08 43.44
CA THR A 427 -37.17 48.65 43.93
C THR A 427 -37.69 47.36 43.29
N LEU A 428 -37.46 47.20 41.99
CA LEU A 428 -37.89 45.99 41.30
C LEU A 428 -37.11 44.80 41.85
N LEU A 429 -35.78 44.91 41.96
CA LEU A 429 -35.04 43.78 42.51
C LEU A 429 -35.49 43.47 43.94
N PHE A 430 -35.71 44.53 44.70
CA PHE A 430 -36.10 44.39 46.11
C PHE A 430 -37.41 43.63 46.23
N ASN A 431 -38.43 44.05 45.49
CA ASN A 431 -39.74 43.42 45.61
C ASN A 431 -39.76 42.03 44.99
N LEU A 432 -38.92 41.81 43.98
CA LEU A 432 -38.78 40.46 43.43
C LEU A 432 -38.30 39.54 44.53
N ILE A 433 -37.34 39.99 45.31
CA ILE A 433 -36.88 39.15 46.43
C ILE A 433 -37.95 39.03 47.53
N GLN A 434 -38.50 40.16 47.93
CA GLN A 434 -39.45 40.23 49.04
C GLN A 434 -40.63 39.27 48.88
N ASN A 435 -41.17 39.20 47.67
CA ASN A 435 -42.34 38.37 47.41
C ASN A 435 -42.01 37.05 46.73
N GLY A 436 -40.76 36.60 46.84
CA GLY A 436 -40.39 35.36 46.18
C GLY A 436 -40.23 34.25 47.18
N SER A 437 -40.30 33.00 46.73
CA SER A 437 -40.00 31.88 47.61
C SER A 437 -38.50 31.91 47.99
N ILE A 438 -38.11 31.08 48.95
CA ILE A 438 -36.71 31.09 49.41
C ILE A 438 -35.79 30.76 48.25
N GLU A 439 -36.18 29.82 47.41
CA GLU A 439 -35.33 29.48 46.28
C GLU A 439 -35.22 30.68 45.34
N MET A 440 -36.36 31.36 45.16
CA MET A 440 -36.44 32.54 44.32
C MET A 440 -35.45 33.61 44.82
N LYS A 441 -35.51 33.88 46.12
CA LYS A 441 -34.59 34.81 46.78
C LYS A 441 -33.14 34.45 46.56
N TYR A 442 -32.83 33.19 46.83
CA TYR A 442 -31.47 32.70 46.69
C TYR A 442 -30.96 32.94 45.29
N GLN A 443 -31.78 32.62 44.28
CA GLN A 443 -31.37 32.78 42.87
C GLN A 443 -31.16 34.24 42.46
N ILE A 444 -32.09 35.10 42.87
CA ILE A 444 -31.92 36.52 42.58
C ILE A 444 -30.59 36.99 43.20
N ILE A 445 -30.38 36.71 44.48
CA ILE A 445 -29.18 37.20 45.14
C ILE A 445 -27.92 36.63 44.52
N LEU A 446 -28.00 35.39 44.06
CA LEU A 446 -26.88 34.72 43.40
C LEU A 446 -26.52 35.46 42.11
N SER A 447 -27.54 35.67 41.29
CA SER A 447 -27.35 36.40 40.06
C SER A 447 -26.80 37.82 40.30
N ILE A 448 -27.25 38.48 41.37
CA ILE A 448 -26.75 39.82 41.71
C ILE A 448 -25.25 39.76 42.07
N VAL A 449 -24.90 38.79 42.92
CA VAL A 449 -23.51 38.65 43.32
C VAL A 449 -22.61 38.31 42.13
N GLU A 450 -23.10 37.58 41.14
CA GLU A 450 -22.31 37.32 39.92
C GLU A 450 -21.78 38.60 39.30
N GLN A 451 -22.60 39.65 39.36
CA GLN A 451 -22.27 40.94 38.72
C GLN A 451 -21.16 41.71 39.43
N LEU A 452 -20.79 41.27 40.63
CA LEU A 452 -19.65 41.88 41.29
C LEU A 452 -18.37 41.31 40.66
N ARG A 453 -17.81 42.06 39.70
CA ARG A 453 -16.60 41.64 39.03
C ARG A 453 -15.49 42.70 39.17
N TYR A 454 -14.91 43.08 38.04
CA TYR A 454 -13.88 44.12 37.99
C TYR A 454 -14.49 45.51 38.19
N PRO A 455 -13.66 46.54 38.41
CA PRO A 455 -14.28 47.87 38.58
C PRO A 455 -15.06 48.38 37.36
N ASN A 456 -16.37 48.48 37.54
CA ASN A 456 -17.29 49.10 36.58
C ASN A 456 -18.63 49.46 37.23
N ILE A 457 -19.50 50.13 36.48
CA ILE A 457 -20.77 50.60 37.02
C ILE A 457 -21.65 49.45 37.53
N HIS A 458 -21.58 48.26 36.93
CA HIS A 458 -22.41 47.15 37.39
C HIS A 458 -21.90 46.72 38.75
N THR A 459 -20.60 46.47 38.85
CA THR A 459 -20.02 46.04 40.11
C THR A 459 -20.33 47.02 41.24
N TYR A 460 -20.17 48.30 40.91
CA TYR A 460 -20.45 49.41 41.83
C TYR A 460 -21.93 49.42 42.25
N TRP A 461 -22.81 49.56 41.27
CA TRP A 461 -24.23 49.68 41.54
C TRP A 461 -24.78 48.44 42.27
N PHE A 462 -24.41 47.25 41.81
CA PHE A 462 -24.90 46.03 42.45
C PHE A 462 -24.31 45.88 43.84
N SER A 463 -23.12 46.44 44.07
CA SER A 463 -22.59 46.45 45.44
C SER A 463 -23.44 47.33 46.32
N PHE A 464 -23.84 48.49 45.78
CA PHE A 464 -24.74 49.42 46.47
C PHE A 464 -26.09 48.75 46.82
N VAL A 465 -26.65 48.07 45.83
CA VAL A 465 -27.89 47.32 45.98
C VAL A 465 -27.79 46.25 47.07
N LEU A 466 -26.73 45.44 47.00
CA LEU A 466 -26.52 44.35 47.95
C LEU A 466 -26.35 44.85 49.37
N MET A 467 -25.53 45.87 49.54
CA MET A 467 -25.31 46.37 50.88
C MET A 467 -26.61 46.94 51.42
N ASN A 468 -27.33 47.66 50.57
CA ASN A 468 -28.59 48.23 51.03
C ASN A 468 -29.58 47.18 51.39
N MET A 469 -29.59 46.08 50.64
CA MET A 469 -30.46 44.93 50.93
C MET A 469 -30.08 44.30 52.25
N PHE A 470 -28.78 44.24 52.52
CA PHE A 470 -28.28 43.64 53.73
C PHE A 470 -28.62 44.50 54.94
N LYS A 471 -28.74 45.81 54.75
CA LYS A 471 -29.00 46.71 55.88
C LYS A 471 -30.45 47.21 55.98
N SER A 472 -31.27 46.85 54.99
CA SER A 472 -32.63 47.39 54.89
C SER A 472 -33.49 47.09 56.12
N ASP A 473 -34.36 48.03 56.47
CA ASP A 473 -35.37 47.83 57.51
C ASP A 473 -36.74 47.72 56.88
N GLU A 474 -36.77 47.36 55.60
CA GLU A 474 -38.01 47.30 54.83
C GLU A 474 -38.46 45.88 54.52
N TRP A 475 -37.80 44.90 55.14
CA TRP A 475 -38.12 43.50 54.89
C TRP A 475 -39.29 43.00 55.73
N ASN A 476 -40.23 42.33 55.07
CA ASN A 476 -41.41 41.77 55.75
C ASN A 476 -41.11 40.43 56.43
N ASP A 477 -40.51 40.49 57.62
CA ASP A 477 -40.21 39.29 58.40
C ASP A 477 -39.32 38.31 57.62
N GLN A 478 -38.41 38.85 56.83
CA GLN A 478 -37.46 38.02 56.10
C GLN A 478 -36.06 38.63 56.14
N LYS A 479 -35.84 39.54 57.08
CA LYS A 479 -34.55 40.19 57.23
C LYS A 479 -33.42 39.18 57.42
N LEU A 480 -33.53 38.33 58.44
CA LEU A 480 -32.47 37.37 58.72
C LEU A 480 -32.34 36.38 57.57
N GLU A 481 -33.45 36.07 56.92
CA GLU A 481 -33.42 35.15 55.78
C GLU A 481 -32.59 35.75 54.66
N VAL A 482 -32.91 36.98 54.27
CA VAL A 482 -32.20 37.65 53.17
C VAL A 482 -30.73 37.83 53.53
N GLN A 483 -30.47 38.21 54.78
CA GLN A 483 -29.09 38.41 55.23
C GLN A 483 -28.32 37.10 55.10
N GLU A 484 -28.92 36.02 55.57
CA GLU A 484 -28.27 34.71 55.52
C GLU A 484 -28.03 34.23 54.11
N ILE A 485 -29.00 34.47 53.23
CA ILE A 485 -28.87 34.08 51.84
C ILE A 485 -27.73 34.86 51.18
N ILE A 486 -27.66 36.16 51.46
CA ILE A 486 -26.57 36.98 50.96
C ILE A 486 -25.21 36.45 51.44
N LEU A 487 -25.10 36.27 52.76
CA LEU A 487 -23.89 35.81 53.39
C LEU A 487 -23.44 34.44 52.81
N ARG A 488 -24.40 33.55 52.58
CA ARG A 488 -24.08 32.26 51.97
C ARG A 488 -23.52 32.48 50.59
N ASN A 489 -24.24 33.30 49.82
CA ASN A 489 -23.85 33.53 48.44
C ASN A 489 -22.47 34.14 48.33
N PHE A 490 -22.01 34.80 49.37
CA PHE A 490 -20.64 35.32 49.36
C PHE A 490 -19.61 34.29 49.81
N LEU A 491 -19.95 33.57 50.86
CA LEU A 491 -19.04 32.56 51.36
C LEU A 491 -18.76 31.50 50.26
N LYS A 492 -19.72 31.23 49.38
CA LYS A 492 -19.46 30.32 48.25
C LYS A 492 -18.43 30.87 47.27
N ARG A 493 -18.29 32.19 47.23
CA ARG A 493 -17.43 32.84 46.26
C ARG A 493 -16.06 33.18 46.86
N ILE A 494 -15.94 33.03 48.18
CA ILE A 494 -14.63 33.28 48.79
C ILE A 494 -14.00 32.14 49.59
N ILE A 495 -14.78 31.22 50.14
CA ILE A 495 -14.11 30.16 50.92
C ILE A 495 -13.49 29.11 50.01
N VAL A 496 -13.66 29.27 48.71
CA VAL A 496 -12.99 28.43 47.75
C VAL A 496 -11.59 29.01 47.45
N ASN A 497 -10.70 28.23 46.84
CA ASN A 497 -9.41 28.73 46.45
C ASN A 497 -9.46 29.92 45.47
N LYS A 498 -8.38 30.69 45.42
CA LYS A 498 -8.29 31.83 44.52
C LYS A 498 -8.35 31.37 43.06
N PRO A 499 -8.74 32.27 42.13
CA PRO A 499 -9.05 33.69 42.26
C PRO A 499 -10.43 33.99 42.82
N HIS A 500 -10.53 35.09 43.54
CA HIS A 500 -11.80 35.71 43.88
C HIS A 500 -11.96 36.94 43.00
N THR A 501 -13.17 37.30 42.60
CA THR A 501 -13.30 38.51 41.80
C THR A 501 -13.03 39.75 42.64
N TRP A 502 -12.70 40.86 41.97
CA TRP A 502 -12.37 42.10 42.66
C TRP A 502 -13.53 42.60 43.52
N GLY A 503 -14.70 42.74 42.88
CA GLY A 503 -15.89 43.21 43.56
C GLY A 503 -16.29 42.42 44.79
N VAL A 504 -16.08 41.10 44.74
CA VAL A 504 -16.41 40.21 45.84
C VAL A 504 -15.46 40.39 47.03
N SER A 505 -14.16 40.41 46.74
CA SER A 505 -13.16 40.67 47.78
C SER A 505 -13.45 42.01 48.44
N VAL A 506 -13.74 43.03 47.61
CA VAL A 506 -14.08 44.36 48.11
C VAL A 506 -15.30 44.29 49.03
N PHE A 507 -16.41 43.76 48.51
CA PHE A 507 -17.65 43.73 49.27
C PHE A 507 -17.47 43.02 50.61
N PHE A 508 -16.79 41.89 50.61
CA PHE A 508 -16.61 41.14 51.84
C PHE A 508 -15.74 41.93 52.82
N THR A 509 -14.72 42.60 52.28
CA THR A 509 -13.88 43.48 53.09
C THR A 509 -14.74 44.53 53.79
N GLN A 510 -15.62 45.20 53.02
CA GLN A 510 -16.52 46.21 53.59
C GLN A 510 -17.50 45.58 54.56
N LEU A 511 -17.70 44.28 54.42
CA LEU A 511 -18.68 43.58 55.21
C LEU A 511 -18.12 43.26 56.59
N ILE A 512 -16.83 43.01 56.69
CA ILE A 512 -16.22 42.79 58.01
C ILE A 512 -15.80 44.12 58.63
N ASN A 513 -15.67 45.16 57.81
CA ASN A 513 -15.15 46.44 58.27
C ASN A 513 -16.22 47.53 58.33
N ASN A 514 -17.48 47.11 58.50
CA ASN A 514 -18.57 48.06 58.69
C ASN A 514 -19.06 47.94 60.13
N ASN A 515 -19.03 49.07 60.82
CA ASN A 515 -19.31 49.12 62.25
C ASN A 515 -20.78 49.35 62.54
N ASP A 516 -21.60 49.27 61.50
CA ASP A 516 -23.05 49.28 61.66
C ASP A 516 -23.52 47.85 61.92
N ILE A 517 -22.86 46.89 61.28
CA ILE A 517 -23.22 45.48 61.42
C ILE A 517 -22.06 44.60 61.93
N ASN A 518 -22.34 43.81 62.97
CA ASN A 518 -21.37 42.84 63.47
C ASN A 518 -21.70 41.46 62.95
N LEU A 519 -20.86 40.94 62.05
CA LEU A 519 -21.15 39.69 61.36
C LEU A 519 -21.29 38.52 62.32
N LEU A 520 -20.37 38.43 63.27
CA LEU A 520 -20.35 37.34 64.23
C LEU A 520 -21.45 37.46 65.27
N ASP A 521 -22.09 38.63 65.32
CA ASP A 521 -23.21 38.87 66.24
C ASP A 521 -24.51 38.27 65.70
N LEU A 522 -24.52 37.92 64.42
CA LEU A 522 -25.71 37.36 63.79
C LEU A 522 -26.07 35.99 64.34
N PRO A 523 -27.35 35.80 64.67
CA PRO A 523 -27.94 34.56 65.20
C PRO A 523 -27.62 33.33 64.36
N PHE A 524 -27.83 33.41 63.05
CA PHE A 524 -27.61 32.24 62.20
C PHE A 524 -26.12 31.97 61.98
N VAL A 525 -25.28 32.94 62.34
CA VAL A 525 -23.84 32.74 62.34
C VAL A 525 -23.44 31.96 63.60
N GLN A 526 -24.05 32.29 64.73
CA GLN A 526 -23.80 31.56 65.97
C GLN A 526 -24.47 30.18 65.94
N SER A 527 -25.58 30.10 65.22
CA SER A 527 -26.39 28.89 65.12
C SER A 527 -25.60 27.68 64.59
N VAL A 528 -24.50 27.94 63.88
CA VAL A 528 -23.63 26.88 63.36
C VAL A 528 -22.17 27.19 63.72
N PRO A 529 -21.47 26.23 64.36
CA PRO A 529 -20.11 26.49 64.87
C PRO A 529 -18.99 26.53 63.80
N GLU A 530 -19.10 25.75 62.74
CA GLU A 530 -18.06 25.70 61.72
C GLU A 530 -17.89 27.03 60.96
N ILE A 531 -18.99 27.58 60.42
CA ILE A 531 -18.86 28.81 59.64
C ILE A 531 -18.56 29.97 60.59
N LYS A 532 -18.98 29.83 61.85
CA LYS A 532 -18.56 30.77 62.88
C LYS A 532 -17.04 30.74 62.97
N LEU A 533 -16.47 29.54 62.90
CA LEU A 533 -15.02 29.37 62.99
C LEU A 533 -14.31 29.98 61.78
N ILE A 534 -14.69 29.62 60.55
CA ILE A 534 -14.02 30.19 59.38
C ILE A 534 -14.20 31.72 59.30
N LEU A 535 -15.36 32.23 59.68
CA LEU A 535 -15.57 33.68 59.73
C LEU A 535 -14.62 34.32 60.72
N GLN A 536 -14.51 33.70 61.89
CA GLN A 536 -13.64 34.19 62.95
C GLN A 536 -12.19 34.17 62.49
N GLN A 537 -11.90 33.20 61.61
CA GLN A 537 -10.59 33.03 61.00
C GLN A 537 -10.26 34.19 60.06
N LEU A 538 -11.28 34.87 59.57
CA LEU A 538 -11.05 35.92 58.56
C LEU A 538 -10.73 37.29 59.18
N VAL A 539 -9.41 37.52 59.31
CA VAL A 539 -8.81 38.78 59.74
C VAL A 539 -7.46 38.98 59.03
N GLY B 5 -32.98 26.50 54.57
CA GLY B 5 -32.11 25.42 55.04
C GLY B 5 -31.10 24.88 54.01
N LEU B 6 -31.57 24.61 52.79
CA LEU B 6 -30.72 24.13 51.68
C LEU B 6 -29.96 25.32 51.08
N LYS B 7 -30.50 26.51 51.33
CA LYS B 7 -29.97 27.75 50.78
C LYS B 7 -29.42 28.59 51.93
N ALA B 8 -29.21 27.91 53.06
CA ALA B 8 -28.80 28.56 54.29
C ALA B 8 -27.29 28.65 54.40
N LEU B 9 -26.83 29.28 55.48
CA LEU B 9 -25.42 29.38 55.81
C LEU B 9 -24.80 28.05 56.25
N VAL B 10 -25.38 26.92 55.81
CA VAL B 10 -24.84 25.63 56.22
C VAL B 10 -24.29 24.76 55.08
N PRO B 11 -23.08 25.11 54.57
CA PRO B 11 -22.36 24.13 53.76
C PRO B 11 -21.36 23.38 54.65
N LEU B 12 -21.30 22.06 54.53
CA LEU B 12 -20.42 21.28 55.40
C LEU B 12 -18.98 21.38 54.86
N LEU B 13 -18.73 20.82 53.69
CA LEU B 13 -17.42 20.94 53.01
C LEU B 13 -16.20 20.65 53.89
N LEU B 30 -15.80 22.76 45.12
CA LEU B 30 -14.52 22.65 44.42
C LEU B 30 -13.38 23.34 45.22
N GLY B 31 -12.20 23.45 44.60
CA GLY B 31 -11.06 24.18 45.16
C GLY B 31 -9.76 23.55 44.70
N ALA B 32 -8.83 24.34 44.15
CA ALA B 32 -7.50 23.86 43.78
C ALA B 32 -6.53 25.02 43.60
N ASP B 33 -5.33 24.92 44.17
CA ASP B 33 -4.32 25.96 44.03
C ASP B 33 -3.88 26.03 42.57
N LEU B 34 -4.23 27.14 41.90
CA LEU B 34 -3.99 27.27 40.46
C LEU B 34 -2.61 27.79 40.11
N SER B 35 -1.82 28.16 41.13
CA SER B 35 -0.50 28.71 40.89
C SER B 35 0.35 27.74 40.05
N SER B 36 0.41 26.47 40.46
CA SER B 36 1.21 25.49 39.72
C SER B 36 0.58 25.21 38.36
N MET B 37 -0.73 25.27 38.27
CA MET B 37 -1.40 25.09 36.98
C MET B 37 -1.05 26.26 36.07
N LEU B 38 -0.89 27.44 36.66
CA LEU B 38 -0.52 28.62 35.91
C LEU B 38 0.95 28.50 35.46
N TYR B 39 1.79 27.91 36.31
CA TYR B 39 3.19 27.69 35.95
C TYR B 39 3.27 26.68 34.83
N SER B 40 2.33 25.73 34.83
CA SER B 40 2.22 24.72 33.79
C SER B 40 1.93 25.40 32.46
N LEU B 41 1.01 26.34 32.47
CA LEU B 41 0.79 27.21 31.33
C LEU B 41 1.94 28.21 31.25
N GLY B 42 1.87 29.12 30.28
CA GLY B 42 2.95 30.08 30.11
C GLY B 42 2.84 31.33 30.98
N ILE B 43 2.28 31.20 32.18
CA ILE B 43 2.06 32.37 33.02
C ILE B 43 2.26 32.12 34.52
N ASP B 49 2.81 40.36 30.63
CA ASP B 49 1.79 40.05 29.62
C ASP B 49 2.33 39.22 28.48
N HIS B 50 1.73 38.05 28.28
CA HIS B 50 2.18 37.13 27.26
C HIS B 50 1.04 36.28 26.73
N ARG B 51 0.85 36.28 25.42
CA ARG B 51 -0.14 35.38 24.83
C ARG B 51 0.33 33.95 24.98
N VAL B 52 -0.48 33.09 25.57
CA VAL B 52 -0.07 31.69 25.71
C VAL B 52 -0.78 30.82 24.69
N LEU B 53 -1.93 31.26 24.23
CA LEU B 53 -2.78 30.38 23.43
C LEU B 53 -2.19 30.07 22.06
N ASP B 54 -1.28 30.92 21.57
CA ASP B 54 -0.75 30.75 20.22
C ASP B 54 0.36 29.73 20.14
N THR B 55 0.77 29.22 21.30
CA THR B 55 1.78 28.16 21.35
C THR B 55 1.28 27.02 22.24
N PHE B 56 -0.03 27.05 22.49
CA PHE B 56 -0.78 26.08 23.30
C PHE B 56 -0.67 24.66 22.76
N GLN B 57 -0.05 23.80 23.55
CA GLN B 57 0.21 22.42 23.14
C GLN B 57 -1.02 21.49 23.26
N SER B 58 -1.61 21.44 24.44
CA SER B 58 -2.74 20.56 24.72
C SER B 58 -3.52 21.09 25.89
N PRO B 59 -4.79 20.71 26.01
CA PRO B 59 -5.52 21.09 27.21
C PRO B 59 -4.93 20.49 28.48
N TRP B 60 -4.12 19.44 28.36
CA TRP B 60 -3.63 18.77 29.55
C TRP B 60 -2.12 18.83 29.62
N ALA B 61 -1.60 18.81 30.85
CA ALA B 61 -0.16 18.94 31.05
C ALA B 61 0.56 17.68 30.61
N GLU B 62 0.06 16.55 31.10
CA GLU B 62 0.69 15.25 30.89
C GLU B 62 0.85 14.96 29.40
N THR B 63 0.11 15.69 28.59
CA THR B 63 0.02 15.40 27.18
C THR B 63 0.54 16.58 26.34
N SER B 64 1.10 17.56 27.06
CA SER B 64 1.85 18.65 26.44
C SER B 64 3.33 18.30 26.52
N ARG B 65 3.80 17.42 25.66
CA ARG B 65 5.15 16.87 25.83
C ARG B 65 6.17 17.45 24.89
N SER B 66 5.77 18.45 24.11
CA SER B 66 6.70 19.07 23.19
C SER B 66 6.13 20.39 22.69
N GLU B 67 7.01 21.30 22.29
CA GLU B 67 6.55 22.57 21.76
C GLU B 67 5.98 22.39 20.35
N VAL B 68 5.07 23.29 19.98
CA VAL B 68 4.43 23.19 18.68
C VAL B 68 4.72 24.47 17.93
N GLU B 69 4.87 24.31 16.61
CA GLU B 69 5.22 25.41 15.73
C GLU B 69 4.05 26.40 15.64
N PRO B 70 4.28 27.63 16.07
CA PRO B 70 3.21 28.62 15.96
C PRO B 70 3.08 29.10 14.52
N ARG B 71 2.13 29.97 14.29
CA ARG B 71 2.05 30.69 13.03
C ARG B 71 3.21 31.68 12.94
N PHE B 72 3.69 31.94 11.71
CA PHE B 72 4.71 32.97 11.49
C PHE B 72 4.72 33.47 10.04
N PHE B 73 5.20 34.69 9.87
CA PHE B 73 5.24 35.31 8.55
C PHE B 73 6.62 35.29 7.91
N THR B 74 6.67 34.71 6.72
CA THR B 74 7.87 34.64 5.91
C THR B 74 7.69 35.50 4.67
N PRO B 75 8.36 36.66 4.65
CA PRO B 75 8.31 37.54 3.48
C PRO B 75 8.89 36.83 2.26
N GLU B 76 8.52 37.23 1.03
CA GLU B 76 9.03 36.50 -0.11
C GLU B 76 10.56 36.65 -0.19
N SER B 77 11.09 37.76 0.31
CA SER B 77 12.56 37.99 0.29
C SER B 77 13.38 37.01 1.15
N PHE B 78 12.72 36.29 2.05
CA PHE B 78 13.42 35.30 2.87
C PHE B 78 13.70 34.05 2.06
N THR B 79 13.06 33.93 0.90
CA THR B 79 13.20 32.71 0.10
C THR B 79 13.81 33.01 -1.26
N ASN B 80 14.39 31.99 -1.89
CA ASN B 80 15.09 32.13 -3.17
C ASN B 80 16.21 33.14 -3.11
N ILE B 81 17.08 32.98 -2.12
CA ILE B 81 18.25 33.84 -1.94
C ILE B 81 19.47 33.21 -2.60
N PRO B 82 19.94 33.84 -3.70
CA PRO B 82 20.99 33.33 -4.58
C PRO B 82 22.38 33.57 -4.01
N GLY B 83 23.33 32.75 -4.44
CA GLY B 83 24.74 33.00 -4.20
C GLY B 83 25.22 33.06 -2.77
N VAL B 84 24.51 32.37 -1.88
CA VAL B 84 24.93 32.21 -0.51
C VAL B 84 26.29 31.51 -0.49
N LEU B 85 27.33 32.21 -0.06
CA LEU B 85 28.68 31.66 -0.06
C LEU B 85 29.01 31.09 -1.42
N GLN B 86 28.67 31.88 -2.43
CA GLN B 86 29.05 31.63 -3.81
C GLN B 86 28.42 30.37 -4.37
N SER B 87 27.30 29.97 -3.79
CA SER B 87 26.59 28.80 -4.27
C SER B 87 25.97 29.10 -5.63
N THR B 88 26.22 28.21 -6.58
CA THR B 88 25.60 28.34 -7.89
C THR B 88 24.18 27.75 -7.89
N VAL B 89 23.74 27.25 -6.74
CA VAL B 89 22.39 26.67 -6.58
C VAL B 89 21.60 27.30 -5.43
N THR B 90 20.27 27.22 -5.51
CA THR B 90 19.38 27.73 -4.46
C THR B 90 18.25 26.72 -4.17
N PRO B 91 18.13 26.28 -2.92
CA PRO B 91 18.89 26.70 -1.73
C PRO B 91 20.29 26.13 -1.70
N PRO B 92 21.16 26.68 -0.83
CA PRO B 92 22.53 26.17 -0.62
C PRO B 92 22.57 24.73 -0.11
N CYS B 93 23.68 24.08 -0.36
CA CYS B 93 23.84 22.68 -0.03
C CYS B 93 25.22 22.40 0.53
N PHE B 94 25.38 21.22 1.09
CA PHE B 94 26.67 20.74 1.54
C PHE B 94 26.75 19.27 1.16
N ASN B 95 27.10 18.99 -0.10
CA ASN B 95 27.05 17.61 -0.57
C ASN B 95 28.41 17.00 -0.87
N SER B 96 29.47 17.77 -0.63
CA SER B 96 30.81 17.34 -1.04
C SER B 96 31.86 17.33 0.08
N ILE B 97 32.22 16.13 0.53
CA ILE B 97 33.33 15.96 1.45
C ILE B 97 34.60 16.60 0.88
N GLN B 98 34.83 16.42 -0.41
CA GLN B 98 36.07 16.89 -1.00
C GLN B 98 36.07 18.42 -1.20
N ASN B 99 34.93 19.00 -1.58
CA ASN B 99 34.96 20.41 -1.98
C ASN B 99 34.33 21.42 -1.03
N ASP B 100 33.63 20.96 -0.01
CA ASP B 100 32.89 21.90 0.83
C ASP B 100 33.61 22.27 2.13
N GLN B 101 34.89 21.94 2.23
CA GLN B 101 35.62 22.22 3.46
C GLN B 101 35.86 23.71 3.67
N GLN B 102 36.14 24.42 2.59
CA GLN B 102 36.49 25.84 2.67
C GLN B 102 35.32 26.68 3.15
N ARG B 103 34.12 26.31 2.74
CA ARG B 103 32.95 27.02 3.23
C ARG B 103 32.78 26.79 4.71
N VAL B 104 33.00 25.56 5.13
CA VAL B 104 32.75 25.20 6.51
C VAL B 104 33.76 25.85 7.43
N ALA B 105 35.01 25.93 6.98
CA ALA B 105 36.08 26.60 7.73
C ALA B 105 35.79 28.07 8.05
N LEU B 106 34.85 28.69 7.32
CA LEU B 106 34.53 30.09 7.57
C LEU B 106 33.63 30.29 8.79
N PHE B 107 33.06 29.21 9.31
CA PHE B 107 32.10 29.33 10.42
C PHE B 107 32.77 29.24 11.79
N GLN B 108 32.18 29.92 12.76
CA GLN B 108 32.65 29.86 14.12
C GLN B 108 32.29 28.51 14.77
N ASP B 109 32.96 28.20 15.88
CA ASP B 109 32.77 26.94 16.58
C ASP B 109 31.29 26.63 16.82
N GLU B 110 30.57 27.58 17.41
CA GLU B 110 29.15 27.38 17.74
C GLU B 110 28.36 26.96 16.51
N THR B 111 28.58 27.58 15.38
CA THR B 111 27.89 27.16 14.17
C THR B 111 28.24 25.70 13.76
N LEU B 112 29.49 25.29 13.97
CA LEU B 112 29.86 23.91 13.70
C LEU B 112 29.11 22.96 14.67
N PHE B 113 28.99 23.34 15.94
CA PHE B 113 28.26 22.54 16.90
C PHE B 113 26.82 22.38 16.44
N PHE B 114 26.21 23.52 16.08
CA PHE B 114 24.84 23.55 15.61
C PHE B 114 24.62 22.58 14.47
N LEU B 115 25.42 22.70 13.42
CA LEU B 115 25.29 21.77 12.31
C LEU B 115 25.49 20.31 12.74
N PHE B 116 26.54 20.06 13.53
CA PHE B 116 26.88 18.71 13.93
C PHE B 116 25.73 18.03 14.66
N TYR B 117 25.01 18.82 15.46
CA TYR B 117 23.91 18.30 16.25
C TYR B 117 22.57 18.36 15.51
N LYS B 118 22.52 19.01 14.35
CA LYS B 118 21.23 19.12 13.68
C LYS B 118 21.09 18.16 12.48
N HIS B 119 22.22 17.74 11.90
CA HIS B 119 22.14 16.90 10.70
C HIS B 119 22.93 15.58 10.83
N PRO B 120 22.43 14.66 11.65
CA PRO B 120 23.16 13.40 11.81
C PRO B 120 23.20 12.60 10.50
N GLY B 121 24.30 11.89 10.26
CA GLY B 121 24.42 11.00 9.12
C GLY B 121 24.46 11.72 7.78
N THR B 122 25.00 12.93 7.78
CA THR B 122 25.09 13.74 6.57
C THR B 122 26.53 14.17 6.32
N VAL B 123 26.79 14.64 5.10
CA VAL B 123 28.09 15.15 4.72
C VAL B 123 28.52 16.28 5.64
N ILE B 124 27.57 17.16 5.97
CA ILE B 124 27.90 18.33 6.77
C ILE B 124 28.25 17.92 8.20
N GLN B 125 27.69 16.82 8.69
CA GLN B 125 28.07 16.39 10.04
C GLN B 125 29.52 15.94 10.08
N GLU B 126 29.92 15.17 9.08
CA GLU B 126 31.31 14.74 8.95
C GLU B 126 32.24 15.93 8.76
N LEU B 127 31.84 16.91 7.95
CA LEU B 127 32.70 18.05 7.71
C LEU B 127 32.88 18.88 8.99
N THR B 128 31.82 19.02 9.76
CA THR B 128 31.93 19.77 11.00
C THR B 128 32.78 19.00 11.99
N TYR B 129 32.64 17.67 11.97
CA TYR B 129 33.48 16.85 12.83
C TYR B 129 34.98 17.07 12.48
N LEU B 130 35.29 17.06 11.18
CA LEU B 130 36.67 17.24 10.75
C LEU B 130 37.21 18.64 11.09
N GLU B 131 36.37 19.66 10.93
CA GLU B 131 36.81 21.03 11.22
C GLU B 131 37.00 21.29 12.71
N LEU B 132 36.04 20.83 13.51
CA LEU B 132 36.18 20.98 14.95
C LEU B 132 37.42 20.24 15.41
N ARG B 133 37.62 19.08 14.82
CA ARG B 133 38.80 18.29 15.09
C ARG B 133 40.08 19.09 14.76
N LYS B 134 40.10 19.76 13.60
CA LYS B 134 41.26 20.58 13.23
C LYS B 134 41.51 21.71 14.24
N ARG B 135 40.44 22.20 14.86
CA ARG B 135 40.53 23.29 15.85
C ARG B 135 40.80 22.79 17.28
N ASN B 136 41.26 21.54 17.37
CA ASN B 136 41.65 20.93 18.64
C ASN B 136 40.47 20.71 19.60
N TRP B 137 39.27 20.57 19.03
CA TRP B 137 38.15 20.08 19.80
C TRP B 137 38.20 18.59 19.72
N ARG B 138 37.82 17.92 20.80
CA ARG B 138 37.73 16.49 20.77
C ARG B 138 36.31 15.99 21.17
N TYR B 139 35.81 14.97 20.46
CA TYR B 139 34.44 14.48 20.71
C TYR B 139 34.35 13.27 21.68
N HIS B 140 33.67 13.44 22.81
CA HIS B 140 33.47 12.39 23.81
C HIS B 140 32.35 11.46 23.32
N LYS B 141 32.66 10.18 23.14
CA LYS B 141 31.73 9.25 22.51
C LYS B 141 30.45 8.95 23.29
N THR B 142 30.56 8.82 24.61
CA THR B 142 29.40 8.37 25.40
C THR B 142 28.60 9.55 25.98
N LEU B 143 29.26 10.67 26.21
CA LEU B 143 28.58 11.90 26.61
C LEU B 143 28.00 12.63 25.40
N LYS B 144 28.50 12.28 24.20
CA LYS B 144 28.13 12.91 22.92
C LYS B 144 28.28 14.41 23.08
N ALA B 145 29.48 14.79 23.48
CA ALA B 145 29.74 16.17 23.81
C ALA B 145 31.15 16.51 23.39
N TRP B 146 31.35 17.74 22.94
CA TRP B 146 32.68 18.17 22.57
C TRP B 146 33.39 18.85 23.74
N LEU B 147 34.69 18.57 23.87
CA LEU B 147 35.50 19.22 24.90
C LEU B 147 36.79 19.68 24.25
N THR B 148 37.44 20.68 24.83
CA THR B 148 38.78 21.05 24.38
C THR B 148 39.64 21.49 25.55
N LYS B 149 40.94 21.29 25.44
CA LYS B 149 41.85 21.64 26.54
C LYS B 149 41.71 23.11 26.94
N ASP B 150 41.64 23.35 28.24
CA ASP B 150 41.70 24.68 28.81
C ASP B 150 43.16 25.07 28.92
N PRO B 151 43.56 26.12 28.16
CA PRO B 151 44.97 26.51 28.00
C PRO B 151 45.67 26.86 29.31
N MET B 152 44.89 27.29 30.30
CA MET B 152 45.46 27.80 31.55
C MET B 152 46.04 26.69 32.45
N MET B 153 45.95 25.45 32.02
CA MET B 153 46.45 24.35 32.83
C MET B 153 46.93 23.20 31.93
N GLU B 154 47.96 22.49 32.40
CA GLU B 154 48.58 21.38 31.68
C GLU B 154 48.11 20.06 32.25
N PRO B 155 47.62 19.15 31.39
CA PRO B 155 47.08 17.86 31.84
C PRO B 155 48.16 17.02 32.45
N ILE B 156 47.79 16.10 33.32
CA ILE B 156 48.77 15.14 33.79
C ILE B 156 48.28 13.74 33.46
N VAL B 157 49.08 13.04 32.66
CA VAL B 157 48.70 11.72 32.22
C VAL B 157 48.78 10.80 33.41
N SER B 158 47.80 9.90 33.52
CA SER B 158 47.74 8.94 34.62
C SER B 158 48.84 7.89 34.50
N ALA B 159 49.15 7.20 35.60
CA ALA B 159 50.28 6.26 35.60
C ALA B 159 50.16 5.18 34.50
N ASP B 160 48.93 4.69 34.24
CA ASP B 160 48.72 3.66 33.20
C ASP B 160 48.69 4.23 31.78
N GLY B 161 48.60 5.56 31.66
CA GLY B 161 48.62 6.21 30.36
C GLY B 161 47.31 6.07 29.61
N LEU B 162 46.28 5.60 30.30
CA LEU B 162 45.00 5.42 29.65
C LEU B 162 44.10 6.62 29.86
N SER B 163 44.55 7.54 30.71
CA SER B 163 43.76 8.71 30.99
C SER B 163 44.66 9.87 31.40
N GLU B 164 44.08 11.06 31.40
CA GLU B 164 44.78 12.23 31.89
C GLU B 164 43.83 13.04 32.75
N ARG B 165 44.38 13.80 33.69
CA ARG B 165 43.57 14.70 34.47
C ARG B 165 43.88 16.12 34.05
N GLY B 166 42.84 16.87 33.73
CA GLY B 166 43.08 18.24 33.28
C GLY B 166 41.86 19.13 33.34
N SER B 167 42.03 20.36 32.89
CA SER B 167 40.93 21.29 32.81
C SER B 167 40.48 21.38 31.38
N TYR B 168 39.17 21.34 31.18
CA TYR B 168 38.61 21.30 29.85
C TYR B 168 37.40 22.21 29.72
N VAL B 169 37.04 22.50 28.48
CA VAL B 169 35.86 23.25 28.23
C VAL B 169 34.95 22.37 27.43
N PHE B 170 33.82 22.01 28.04
CA PHE B 170 32.77 21.22 27.41
C PHE B 170 31.74 22.15 26.77
N PHE B 171 31.25 21.82 25.59
CA PHE B 171 30.13 22.59 25.03
C PHE B 171 28.79 21.93 25.34
N ASP B 172 27.87 22.72 25.88
CA ASP B 172 26.52 22.25 26.19
C ASP B 172 25.53 22.82 25.18
N PRO B 173 25.05 21.97 24.27
CA PRO B 173 24.19 22.44 23.18
C PRO B 173 22.80 22.84 23.67
N GLN B 174 22.43 22.44 24.88
CA GLN B 174 21.12 22.80 25.42
C GLN B 174 21.11 24.17 26.11
N ARG B 175 22.23 24.54 26.72
CA ARG B 175 22.39 25.83 27.38
C ARG B 175 23.14 26.80 26.47
N TRP B 176 23.69 26.26 25.37
CA TRP B 176 24.51 27.02 24.44
C TRP B 176 25.61 27.81 25.15
N GLU B 177 26.48 27.07 25.84
CA GLU B 177 27.52 27.63 26.65
C GLU B 177 28.76 26.77 26.60
N LYS B 178 29.93 27.41 26.70
CA LYS B 178 31.16 26.71 26.99
C LYS B 178 31.26 26.63 28.50
N CYS B 179 31.60 25.46 29.02
CA CYS B 179 31.57 25.20 30.45
C CYS B 179 32.89 24.55 30.89
N GLN B 180 33.64 25.26 31.74
CA GLN B 180 34.92 24.76 32.23
C GLN B 180 34.68 23.69 33.30
N ARG B 181 35.55 22.67 33.31
CA ARG B 181 35.38 21.51 34.16
C ARG B 181 36.74 20.83 34.39
N ASP B 182 37.05 20.51 35.64
CA ASP B 182 38.21 19.68 35.92
C ASP B 182 37.80 18.22 35.78
N PHE B 183 38.53 17.48 34.99
CA PHE B 183 38.01 16.21 34.51
C PHE B 183 39.06 15.13 34.35
N LEU B 184 38.65 13.91 34.68
CA LEU B 184 39.45 12.74 34.42
C LEU B 184 38.98 12.14 33.12
N LEU B 185 39.82 12.28 32.11
CA LEU B 185 39.47 11.98 30.73
C LEU B 185 40.17 10.73 30.26
N PHE B 186 39.40 9.78 29.73
CA PHE B 186 39.99 8.55 29.24
C PHE B 186 40.16 8.63 27.75
N TYR B 187 41.37 8.34 27.25
CA TYR B 187 41.62 8.54 25.82
C TYR B 187 40.72 7.63 25.01
N ASN B 188 40.36 6.51 25.63
CA ASN B 188 39.42 5.50 25.14
C ASN B 188 38.05 6.07 24.71
N ALA B 189 37.73 7.23 25.26
CA ALA B 189 36.40 7.80 25.21
C ALA B 189 36.25 8.92 24.21
N ILE B 190 37.36 9.33 23.59
CA ILE B 190 37.27 10.43 22.64
C ILE B 190 37.79 10.10 21.23
N MET B 191 37.32 10.86 20.25
CA MET B 191 37.75 10.67 18.86
C MET B 191 37.95 12.00 18.15
N THR C 48 -31.12 18.91 3.72
CA THR C 48 -30.57 20.27 3.83
C THR C 48 -29.16 20.37 3.18
N ASN C 49 -28.32 19.36 3.39
CA ASN C 49 -26.99 19.29 2.78
C ASN C 49 -26.95 18.35 1.56
N ALA C 50 -26.07 18.64 0.60
CA ALA C 50 -26.08 17.94 -0.68
C ALA C 50 -25.38 16.57 -0.63
N ALA C 51 -24.36 16.45 0.20
CA ALA C 51 -23.63 15.19 0.30
C ALA C 51 -24.35 14.19 1.23
N PHE C 52 -24.98 14.70 2.29
CA PHE C 52 -25.73 13.84 3.20
C PHE C 52 -26.85 13.13 2.44
N GLN C 53 -27.42 13.80 1.44
CA GLN C 53 -28.53 13.22 0.71
C GLN C 53 -28.06 12.48 -0.52
N ASN C 54 -26.76 12.25 -0.60
CA ASN C 54 -26.21 11.49 -1.71
C ASN C 54 -26.17 10.00 -1.39
N PRO C 55 -26.71 9.17 -2.31
CA PRO C 55 -26.76 7.70 -2.19
C PRO C 55 -25.41 7.04 -1.90
N LEU C 56 -24.33 7.64 -2.38
CA LEU C 56 -22.98 7.11 -2.16
C LEU C 56 -22.64 7.04 -0.67
N PHE C 57 -23.39 7.75 0.15
CA PHE C 57 -23.10 7.81 1.58
C PHE C 57 -24.21 7.20 2.40
N ASN C 58 -25.11 6.51 1.72
CA ASN C 58 -26.29 5.96 2.39
C ASN C 58 -25.96 5.34 3.74
N ASP C 59 -25.10 4.33 3.74
CA ASP C 59 -24.71 3.66 4.97
C ASP C 59 -24.23 4.66 6.04
N GLU C 60 -23.23 5.46 5.69
CA GLU C 60 -22.68 6.43 6.62
C GLU C 60 -23.78 7.31 7.21
N LEU C 61 -24.73 7.72 6.37
CA LEU C 61 -25.79 8.63 6.79
C LEU C 61 -26.51 8.08 8.03
N LYS C 62 -26.78 6.79 8.03
CA LYS C 62 -27.46 6.14 9.15
C LYS C 62 -26.72 6.50 10.45
N TYR C 63 -25.43 6.22 10.51
CA TYR C 63 -24.65 6.46 11.73
C TYR C 63 -24.67 7.94 12.11
N TRP C 64 -24.61 8.81 11.10
CA TRP C 64 -24.64 10.25 11.35
C TRP C 64 -25.93 10.62 12.06
N LEU C 65 -27.03 10.05 11.57
CA LEU C 65 -28.33 10.36 12.16
C LEU C 65 -28.38 9.85 13.58
N ASP C 66 -27.72 8.73 13.86
CA ASP C 66 -27.72 8.23 15.23
C ASP C 66 -27.09 9.24 16.17
N SER C 67 -26.16 10.05 15.66
CA SER C 67 -25.45 10.98 16.53
C SER C 67 -26.40 12.03 17.04
N LYS C 68 -27.55 12.21 16.39
CA LYS C 68 -28.48 13.22 16.84
C LYS C 68 -29.44 12.69 17.95
N ARG C 69 -29.39 11.37 18.20
CA ARG C 69 -30.37 10.74 19.10
C ARG C 69 -30.42 11.37 20.49
N TYR C 70 -29.29 11.85 21.00
CA TYR C 70 -29.27 12.43 22.34
C TYR C 70 -30.24 13.61 22.52
N LEU C 71 -30.66 14.25 21.43
CA LEU C 71 -31.63 15.34 21.55
C LEU C 71 -33.03 14.79 21.83
N MET C 72 -33.32 13.64 21.23
CA MET C 72 -34.64 12.99 21.33
C MET C 72 -34.90 12.40 22.73
N GLN C 73 -33.86 11.86 23.35
CA GLN C 73 -33.96 11.40 24.73
C GLN C 73 -33.60 12.54 25.68
N PRO C 74 -34.42 12.76 26.71
CA PRO C 74 -34.26 13.96 27.55
C PRO C 74 -32.97 13.94 28.38
N LEU C 75 -32.83 12.94 29.23
CA LEU C 75 -31.66 12.83 30.10
C LEU C 75 -31.34 11.37 30.35
N GLN C 76 -30.06 11.05 30.39
CA GLN C 76 -29.62 9.68 30.52
C GLN C 76 -28.33 9.65 31.35
N GLU C 77 -28.25 8.72 32.29
CA GLU C 77 -26.96 8.48 32.93
C GLU C 77 -26.06 7.89 31.86
N MET C 78 -24.75 8.09 32.00
CA MET C 78 -23.84 7.70 30.94
C MET C 78 -23.93 6.19 30.72
N SER C 79 -24.47 5.83 29.56
CA SER C 79 -24.54 4.44 29.07
C SER C 79 -23.20 3.72 29.16
N PRO C 80 -23.21 2.39 29.41
CA PRO C 80 -21.95 1.63 29.53
C PRO C 80 -21.13 1.70 28.25
N LYS C 81 -21.81 1.65 27.11
CA LYS C 81 -21.19 1.86 25.81
C LYS C 81 -20.45 3.20 25.75
N MET C 82 -21.14 4.27 26.13
CA MET C 82 -20.55 5.61 26.13
C MET C 82 -19.39 5.71 27.09
N VAL C 83 -19.52 5.05 28.23
CA VAL C 83 -18.42 5.04 29.19
C VAL C 83 -17.21 4.42 28.55
N SER C 84 -17.46 3.34 27.81
CA SER C 84 -16.40 2.65 27.10
C SER C 84 -15.73 3.55 26.05
N GLN C 85 -16.56 4.21 25.24
CA GLN C 85 -16.12 5.12 24.19
C GLN C 85 -15.29 6.24 24.76
N LEU C 86 -15.78 6.79 25.85
CA LEU C 86 -15.10 7.87 26.52
C LEU C 86 -13.76 7.39 27.08
N GLU C 87 -13.72 6.19 27.64
CA GLU C 87 -12.45 5.68 28.14
C GLU C 87 -11.43 5.53 27.02
N SER C 88 -11.86 5.03 25.87
CA SER C 88 -10.88 4.87 24.81
C SER C 88 -10.50 6.24 24.23
N SER C 89 -11.40 7.23 24.36
CA SER C 89 -11.06 8.59 23.96
C SER C 89 -9.99 9.18 24.90
N LEU C 90 -10.08 8.88 26.19
CA LEU C 90 -9.01 9.25 27.14
C LEU C 90 -7.70 8.56 26.77
N LEU C 91 -7.80 7.28 26.44
CA LEU C 91 -6.62 6.49 26.14
C LEU C 91 -5.91 6.96 24.87
N ASN C 92 -6.68 7.25 23.83
CA ASN C 92 -6.10 7.71 22.58
C ASN C 92 -5.90 9.20 22.46
N CYS C 93 -6.02 9.91 23.58
CA CYS C 93 -6.00 11.36 23.58
C CYS C 93 -4.82 11.91 22.78
N PRO C 94 -5.09 12.82 21.84
CA PRO C 94 -4.02 13.45 21.04
C PRO C 94 -3.06 14.22 21.91
N ASP C 95 -1.75 14.06 21.67
CA ASP C 95 -0.74 14.85 22.37
C ASP C 95 -0.17 15.96 21.47
N SER C 96 0.79 16.70 22.02
CA SER C 96 1.40 17.81 21.31
C SER C 96 1.97 17.39 19.97
N LEU C 97 2.62 16.23 19.92
CA LEU C 97 3.22 15.76 18.66
C LEU C 97 2.18 15.58 17.57
N ASP C 98 0.96 15.22 17.95
CA ASP C 98 -0.13 15.05 16.96
C ASP C 98 -0.64 16.41 16.49
N ALA C 99 -0.67 17.40 17.39
CA ALA C 99 -1.18 18.73 17.08
C ALA C 99 -0.17 19.66 16.35
N ASP C 100 1.05 19.18 16.20
CA ASP C 100 2.11 19.96 15.59
C ASP C 100 1.91 20.09 14.08
N SER C 101 2.57 21.08 13.49
CA SER C 101 2.42 21.40 12.07
C SER C 101 2.97 20.28 11.23
N PRO C 102 2.31 19.99 10.11
CA PRO C 102 2.75 18.88 9.28
C PRO C 102 3.89 19.28 8.36
N CYS C 103 4.69 18.31 7.94
CA CYS C 103 5.75 18.57 6.96
C CYS C 103 6.26 17.27 6.39
N LEU C 104 5.88 16.94 5.16
CA LEU C 104 6.24 15.64 4.65
C LEU C 104 7.62 15.62 4.01
N TYR C 105 8.07 16.78 3.55
CA TYR C 105 9.36 16.88 2.88
C TYR C 105 9.96 18.28 2.98
N THR C 106 11.27 18.31 3.17
CA THR C 106 12.10 19.51 3.07
C THR C 106 13.33 19.19 2.22
N LYS C 107 13.71 20.08 1.29
CA LYS C 107 14.97 19.88 0.55
C LYS C 107 16.12 19.77 1.54
N PRO C 108 16.93 18.70 1.43
CA PRO C 108 18.02 18.48 2.40
C PRO C 108 19.16 19.50 2.25
N LEU C 109 19.78 19.83 3.37
CA LEU C 109 20.90 20.74 3.37
C LEU C 109 22.14 20.00 2.90
N SER C 110 22.19 18.73 3.23
CA SER C 110 23.39 17.95 3.05
C SER C 110 23.09 16.49 2.72
N LEU C 111 23.81 15.97 1.74
CA LEU C 111 23.72 14.58 1.34
C LEU C 111 23.98 13.61 2.51
N PRO C 112 23.33 12.46 2.49
CA PRO C 112 23.65 11.39 3.44
C PRO C 112 25.12 10.96 3.38
N HIS C 113 25.63 10.44 4.49
CA HIS C 113 27.03 10.00 4.61
C HIS C 113 27.17 9.04 5.78
N PRO C 114 27.99 7.99 5.60
CA PRO C 114 28.29 7.02 6.66
C PRO C 114 29.16 7.65 7.76
N THR C 115 28.52 8.19 8.78
CA THR C 115 29.21 8.85 9.89
C THR C 115 29.40 7.87 11.04
N SER C 116 30.27 8.22 12.00
CA SER C 116 30.55 7.36 13.15
C SER C 116 29.27 7.00 13.91
N ILE C 117 29.14 5.74 14.31
CA ILE C 117 27.98 5.36 15.12
C ILE C 117 27.94 6.09 16.45
N PHE C 118 29.06 6.70 16.84
CA PHE C 118 29.11 7.42 18.09
C PHE C 118 28.54 8.83 18.00
N PHE C 119 28.25 9.31 16.80
CA PHE C 119 27.64 10.64 16.67
C PHE C 119 26.17 10.53 17.08
N PRO C 120 25.56 11.67 17.45
CA PRO C 120 24.12 11.75 17.69
C PRO C 120 23.37 11.18 16.50
N ASN C 121 22.27 10.46 16.68
CA ASN C 121 21.61 9.83 15.54
C ASN C 121 20.23 10.40 15.26
N GLU C 122 19.90 11.46 15.98
CA GLU C 122 18.66 12.17 15.77
C GLU C 122 18.96 13.65 15.95
N PRO C 123 18.26 14.50 15.20
CA PRO C 123 18.39 15.95 15.35
C PRO C 123 18.17 16.39 16.78
N ILE C 124 18.84 17.45 17.19
CA ILE C 124 18.74 17.96 18.55
C ILE C 124 17.41 18.67 18.67
N ARG C 125 16.79 18.57 19.84
CA ARG C 125 15.58 19.31 20.16
C ARG C 125 15.90 20.17 21.37
N PHE C 126 15.81 21.48 21.20
CA PHE C 126 16.20 22.40 22.26
C PHE C 126 15.08 22.50 23.30
N VAL C 127 15.38 22.26 24.57
CA VAL C 127 14.40 22.56 25.62
C VAL C 127 15.08 23.47 26.64
N TYR C 128 14.45 24.60 26.92
CA TYR C 128 14.94 25.54 27.93
C TYR C 128 15.08 24.83 29.29
N PRO C 129 16.32 24.65 29.77
CA PRO C 129 16.60 24.02 31.08
C PRO C 129 16.18 24.84 32.30
N LYS C 156 12.47 47.04 18.62
CA LYS C 156 11.49 47.13 19.70
C LYS C 156 11.36 45.81 20.48
N LYS C 157 11.81 45.82 21.74
CA LYS C 157 11.82 44.63 22.58
C LYS C 157 10.49 44.37 23.35
N ASP C 158 9.36 44.64 22.71
CA ASP C 158 8.05 44.28 23.28
C ASP C 158 7.86 42.77 23.32
N ASP C 159 6.70 42.35 23.84
CA ASP C 159 6.45 40.91 23.87
C ASP C 159 5.58 40.45 22.69
N ASP C 160 5.94 39.30 22.11
CA ASP C 160 5.11 38.67 21.10
C ASP C 160 5.00 37.19 21.45
N ILE C 161 4.36 36.42 20.58
CA ILE C 161 4.04 35.04 20.90
C ILE C 161 5.25 34.10 20.93
N TYR C 162 6.35 34.51 20.35
CA TYR C 162 7.54 33.66 20.22
C TYR C 162 8.49 33.80 21.42
N SER C 163 8.28 34.85 22.23
CA SER C 163 9.16 35.23 23.34
C SER C 163 9.54 34.14 24.32
N ARG C 164 8.71 33.10 24.48
CA ARG C 164 9.00 32.12 25.52
C ARG C 164 9.24 30.69 24.99
N THR C 165 9.35 30.55 23.67
CA THR C 165 9.75 29.31 23.03
C THR C 165 11.23 29.01 23.28
N SER C 166 11.60 27.74 23.36
CA SER C 166 13.00 27.36 23.59
C SER C 166 13.95 27.88 22.52
N LEU C 167 13.49 27.82 21.28
CA LEU C 167 14.26 28.31 20.14
C LEU C 167 14.55 29.79 20.24
N ALA C 168 13.50 30.58 20.52
CA ALA C 168 13.72 32.03 20.64
C ALA C 168 14.71 32.34 21.75
N ARG C 169 14.44 31.73 22.91
CA ARG C 169 15.25 31.98 24.10
C ARG C 169 16.69 31.57 23.90
N ILE C 170 16.90 30.47 23.20
CA ILE C 170 18.27 30.04 23.00
C ILE C 170 18.94 30.84 21.86
N PHE C 171 18.18 31.31 20.87
CA PHE C 171 18.77 32.15 19.82
C PHE C 171 19.30 33.44 20.42
N MET C 172 18.68 33.91 21.50
CA MET C 172 19.19 35.10 22.20
C MET C 172 20.68 34.95 22.61
N LYS C 173 21.14 33.69 22.73
CA LYS C 173 22.52 33.39 23.13
C LYS C 173 23.42 33.12 21.93
N PHE C 174 22.81 33.02 20.76
CA PHE C 174 23.56 32.69 19.56
C PHE C 174 24.44 33.86 19.11
N ASP C 175 25.58 33.54 18.51
CA ASP C 175 26.43 34.52 17.85
C ASP C 175 25.85 34.90 16.49
N LEU C 176 26.17 36.11 16.00
CA LEU C 176 25.70 36.54 14.68
C LEU C 176 26.03 35.50 13.59
N ASP C 177 27.22 34.92 13.66
CA ASP C 177 27.60 33.90 12.70
C ASP C 177 26.56 32.78 12.56
N THR C 178 26.11 32.23 13.69
CA THR C 178 25.14 31.14 13.65
C THR C 178 23.78 31.63 13.16
N LEU C 179 23.34 32.79 13.67
CA LEU C 179 22.07 33.40 13.24
C LEU C 179 22.05 33.64 11.72
N PHE C 180 23.16 34.12 11.14
CA PHE C 180 23.21 34.39 9.70
C PHE C 180 23.24 33.07 8.97
N PHE C 181 23.99 32.10 9.50
CA PHE C 181 24.00 30.79 8.88
C PHE C 181 22.59 30.25 8.71
N ILE C 182 21.89 30.21 9.84
CA ILE C 182 20.55 29.67 9.90
C ILE C 182 19.67 30.46 8.96
N PHE C 183 19.84 31.78 8.96
CA PHE C 183 18.97 32.62 8.13
C PHE C 183 19.13 32.29 6.67
N TYR C 184 20.35 32.00 6.23
CA TYR C 184 20.54 31.80 4.79
C TYR C 184 20.45 30.34 4.36
N HIS C 185 20.44 29.40 5.30
CA HIS C 185 20.51 27.99 4.89
C HIS C 185 19.26 27.15 5.21
N TYR C 186 18.26 27.78 5.82
CA TYR C 186 16.97 27.14 6.10
C TYR C 186 15.89 28.10 5.65
N GLN C 187 15.96 28.51 4.39
CA GLN C 187 15.08 29.55 3.88
C GLN C 187 13.61 29.11 3.84
N GLY C 188 12.75 29.94 4.39
CA GLY C 188 11.32 29.65 4.44
C GLY C 188 10.93 28.92 5.72
N SER C 189 11.92 28.47 6.48
CA SER C 189 11.67 27.71 7.69
C SER C 189 11.35 28.61 8.87
N TYR C 190 10.84 27.96 9.92
CA TYR C 190 10.58 28.59 11.20
C TYR C 190 11.87 28.98 11.96
N GLU C 191 12.93 28.17 11.82
CA GLU C 191 14.22 28.55 12.40
C GLU C 191 14.67 29.84 11.71
N GLN C 192 14.45 29.93 10.40
CA GLN C 192 14.82 31.14 9.66
C GLN C 192 14.11 32.31 10.26
N PHE C 193 12.79 32.15 10.38
CA PHE C 193 11.93 33.20 10.92
C PHE C 193 12.37 33.69 12.30
N LEU C 194 12.70 32.75 13.19
CA LEU C 194 13.12 33.12 14.53
C LEU C 194 14.48 33.82 14.53
N ALA C 195 15.40 33.33 13.70
CA ALA C 195 16.70 33.96 13.55
C ALA C 195 16.54 35.42 13.10
N ALA C 196 15.76 35.64 12.05
CA ALA C 196 15.49 37.00 11.60
C ALA C 196 14.84 37.84 12.70
N ARG C 197 14.02 37.18 13.53
CA ARG C 197 13.41 37.91 14.64
C ARG C 197 14.47 38.36 15.65
N GLU C 198 15.42 37.48 15.96
CA GLU C 198 16.50 37.84 16.88
C GLU C 198 17.32 39.01 16.30
N LEU C 199 17.70 38.87 15.02
CA LEU C 199 18.47 39.88 14.33
C LEU C 199 17.78 41.22 14.41
N PHE C 200 16.52 41.24 14.00
CA PHE C 200 15.78 42.48 13.83
C PHE C 200 15.26 43.10 15.11
N LYS C 201 14.60 42.26 15.89
CA LYS C 201 13.89 42.71 17.08
C LYS C 201 14.86 42.88 18.24
N ASN C 202 15.91 42.07 18.28
CA ASN C 202 16.81 42.14 19.43
C ASN C 202 18.20 42.68 19.12
N ARG C 203 18.59 42.82 17.85
CA ARG C 203 19.95 43.27 17.58
C ARG C 203 20.02 44.44 16.59
N ASN C 204 18.86 44.96 16.23
CA ASN C 204 18.72 46.20 15.45
C ASN C 204 19.37 46.14 14.08
N TRP C 205 19.44 44.95 13.52
CA TRP C 205 19.78 44.81 12.12
C TRP C 205 18.53 44.99 11.29
N LEU C 206 18.71 45.36 10.04
CA LEU C 206 17.61 45.52 9.10
C LEU C 206 17.87 44.58 7.94
N PHE C 207 16.83 44.06 7.30
CA PHE C 207 17.05 43.16 6.18
C PHE C 207 16.62 43.84 4.89
N ASN C 208 17.45 43.71 3.86
CA ASN C 208 17.29 44.40 2.58
C ASN C 208 16.62 43.50 1.52
N LYS C 209 15.41 43.87 1.09
CA LYS C 209 14.64 43.06 0.13
C LYS C 209 15.36 42.90 -1.19
N VAL C 210 16.13 43.94 -1.56
CA VAL C 210 16.70 44.00 -2.89
C VAL C 210 17.95 43.12 -3.03
N ASP C 211 18.90 43.24 -2.10
CA ASP C 211 20.13 42.42 -2.20
C ASP C 211 20.17 41.27 -1.19
N ARG C 212 19.12 41.14 -0.38
CA ARG C 212 19.01 40.09 0.64
C ARG C 212 20.14 40.09 1.66
N CYS C 213 20.62 41.27 2.01
CA CYS C 213 21.65 41.40 3.05
C CYS C 213 21.07 41.99 4.31
N TRP C 214 21.70 41.68 5.44
CA TRP C 214 21.35 42.35 6.68
C TRP C 214 22.31 43.50 6.93
N TYR C 215 21.74 44.68 7.20
CA TYR C 215 22.49 45.90 7.47
C TYR C 215 22.40 46.24 8.94
N TYR C 216 23.36 47.02 9.43
CA TYR C 216 23.33 47.53 10.79
C TYR C 216 23.91 48.93 10.77
N LYS C 217 23.39 49.80 11.63
CA LYS C 217 23.85 51.18 11.65
C LYS C 217 24.39 51.52 13.04
N GLU C 218 25.51 52.23 13.11
CA GLU C 218 26.17 52.49 14.39
C GLU C 218 25.99 53.95 14.82
N GLU C 232 26.31 57.47 11.92
CA GLU C 232 26.22 57.85 10.51
C GLU C 232 26.90 56.80 9.61
N SER C 233 27.40 55.72 10.22
CA SER C 233 28.14 54.71 9.49
C SER C 233 27.43 53.35 9.44
N TRP C 234 27.22 52.81 8.24
CA TRP C 234 26.51 51.53 8.08
C TRP C 234 27.42 50.35 7.79
N ARG C 235 26.92 49.15 8.07
CA ARG C 235 27.64 47.94 7.72
C ARG C 235 26.67 46.89 7.25
N TYR C 236 27.16 45.87 6.57
CA TYR C 236 26.30 44.81 6.10
C TYR C 236 26.98 43.47 6.27
N PHE C 237 26.21 42.41 6.47
CA PHE C 237 26.84 41.11 6.56
C PHE C 237 27.01 40.48 5.18
N ASP C 238 28.27 40.27 4.79
CA ASP C 238 28.61 39.82 3.45
C ASP C 238 28.42 38.31 3.33
N TYR C 239 27.18 37.93 3.04
CA TYR C 239 26.81 36.52 3.07
C TYR C 239 27.20 35.82 1.78
N LYS C 240 27.44 36.61 0.75
CA LYS C 240 27.71 36.03 -0.57
C LYS C 240 29.10 35.46 -0.65
N LYS C 241 30.04 36.11 0.03
CA LYS C 241 31.46 35.82 -0.20
C LYS C 241 32.26 35.59 1.06
N SER C 242 32.41 36.63 1.86
CA SER C 242 33.43 36.61 2.90
C SER C 242 32.91 36.10 4.24
N TRP C 243 31.60 36.06 4.40
CA TRP C 243 30.97 35.68 5.66
C TRP C 243 31.51 36.49 6.86
N LEU C 244 31.58 37.80 6.67
CA LEU C 244 31.99 38.74 7.73
C LEU C 244 31.19 40.02 7.59
N ALA C 245 31.30 40.88 8.59
CA ALA C 245 30.67 42.20 8.48
C ALA C 245 31.57 43.15 7.71
N ARG C 246 31.05 43.78 6.65
CA ARG C 246 31.83 44.73 5.85
C ARG C 246 31.15 46.09 5.90
N ARG C 247 31.94 47.17 5.84
CA ARG C 247 31.37 48.51 5.81
C ARG C 247 30.77 48.87 4.45
N CYS C 248 29.74 49.71 4.44
CA CYS C 248 29.24 50.25 3.18
C CYS C 248 30.14 51.41 2.73
N GLY C 249 30.13 51.72 1.44
CA GLY C 249 30.89 52.86 0.92
C GLY C 249 30.39 54.19 1.44
N ASN C 250 31.15 55.27 1.18
CA ASN C 250 30.71 56.62 1.55
C ASN C 250 29.45 57.03 0.79
N ASP C 251 29.23 56.39 -0.36
CA ASP C 251 28.10 56.75 -1.21
C ASP C 251 26.87 55.89 -0.89
N PHE C 252 26.81 55.35 0.32
CA PHE C 252 25.65 54.56 0.70
C PHE C 252 24.62 55.38 1.44
N VAL C 253 23.37 55.24 1.01
CA VAL C 253 22.26 55.87 1.70
C VAL C 253 21.17 54.86 1.99
N TYR C 254 20.60 54.97 3.18
CA TYR C 254 19.49 54.10 3.59
C TYR C 254 18.25 54.57 2.88
N ASN C 255 17.76 53.75 1.96
CA ASN C 255 16.47 53.97 1.33
C ASN C 255 15.47 52.97 1.91
N GLU C 256 14.51 53.49 2.67
CA GLU C 256 13.58 52.66 3.41
C GLU C 256 12.78 51.70 2.53
N GLU C 257 12.48 52.12 1.30
CA GLU C 257 11.74 51.33 0.29
C GLU C 257 12.44 50.00 -0.08
N ASP C 258 13.71 49.88 0.25
CA ASP C 258 14.53 48.71 -0.05
C ASP C 258 14.57 47.69 1.09
N PHE C 259 14.02 48.06 2.23
CA PHE C 259 14.09 47.16 3.40
C PHE C 259 12.77 46.48 3.73
N GLU C 260 12.86 45.24 4.22
CA GLU C 260 11.64 44.52 4.54
C GLU C 260 11.10 45.06 5.87
N LYS C 261 9.82 45.40 5.88
CA LYS C 261 9.13 45.83 7.09
C LYS C 261 8.83 44.58 7.92
N LEU C 262 9.38 44.52 9.13
CA LEU C 262 9.29 43.31 9.94
C LEU C 262 8.40 43.48 11.18
N THR D 27 -3.09 -15.77 20.62
CA THR D 27 -2.58 -14.62 19.89
C THR D 27 -1.47 -15.02 18.92
N ARG D 28 -1.20 -16.33 18.82
CA ARG D 28 -0.23 -16.84 17.85
C ARG D 28 -0.89 -17.00 16.47
N THR D 29 -2.13 -17.48 16.48
CA THR D 29 -2.97 -17.56 15.27
C THR D 29 -3.09 -16.19 14.61
N GLU D 30 -3.38 -15.19 15.44
CA GLU D 30 -3.54 -13.82 15.01
C GLU D 30 -2.22 -13.29 14.48
N LYS D 31 -1.13 -13.72 15.10
CA LYS D 31 0.22 -13.39 14.64
C LYS D 31 0.44 -13.88 13.19
N PHE D 32 0.17 -15.16 12.94
CA PHE D 32 0.42 -15.73 11.60
C PHE D 32 -0.49 -15.14 10.53
N TYR D 33 -1.76 -14.98 10.89
CA TYR D 33 -2.75 -14.38 10.01
C TYR D 33 -2.34 -12.97 9.63
N LEU D 34 -2.00 -12.15 10.62
CA LEU D 34 -1.58 -10.77 10.38
C LEU D 34 -0.31 -10.71 9.55
N VAL D 35 0.65 -11.59 9.85
CA VAL D 35 1.89 -11.64 9.07
C VAL D 35 1.56 -11.87 7.61
N PHE D 36 0.77 -12.91 7.34
CA PHE D 36 0.44 -13.24 5.96
C PHE D 36 -0.35 -12.12 5.25
N THR D 37 -1.29 -11.52 5.96
CA THR D 37 -2.10 -10.42 5.46
C THR D 37 -1.23 -9.22 5.07
N GLU D 38 -0.26 -8.91 5.94
CA GLU D 38 0.69 -7.85 5.69
C GLU D 38 1.53 -8.15 4.45
N TRP D 39 1.91 -9.43 4.29
CA TRP D 39 2.66 -9.88 3.12
C TRP D 39 1.87 -9.64 1.82
N VAL D 40 0.62 -10.12 1.81
CA VAL D 40 -0.27 -9.93 0.67
C VAL D 40 -0.42 -8.44 0.37
N LYS D 41 -0.62 -7.63 1.39
CA LYS D 41 -0.79 -6.20 1.16
C LYS D 41 0.49 -5.60 0.55
N LEU D 42 1.64 -6.11 0.98
CA LEU D 42 2.92 -5.59 0.51
C LEU D 42 3.15 -5.91 -0.95
N LEU D 43 2.84 -7.15 -1.34
CA LEU D 43 3.09 -7.57 -2.72
C LEU D 43 2.14 -6.89 -3.71
N GLN D 44 1.09 -6.24 -3.19
CA GLN D 44 0.19 -5.45 -4.03
C GLN D 44 0.58 -3.97 -4.10
N ARG D 45 1.68 -3.62 -3.42
CA ARG D 45 2.15 -2.26 -3.33
C ARG D 45 3.54 -2.07 -3.96
N VAL D 46 4.39 -3.09 -3.87
CA VAL D 46 5.75 -3.05 -4.41
C VAL D 46 6.06 -4.24 -5.34
N GLU D 47 7.09 -4.08 -6.16
CA GLU D 47 7.47 -5.15 -7.07
C GLU D 47 8.09 -6.32 -6.30
N ASN D 48 8.00 -7.52 -6.89
CA ASN D 48 8.43 -8.74 -6.21
C ASN D 48 9.92 -8.72 -5.79
N ASN D 49 10.75 -8.12 -6.61
CA ASN D 49 12.18 -8.08 -6.34
C ASN D 49 12.58 -6.86 -5.51
N ASP D 50 11.60 -6.06 -5.08
CA ASP D 50 11.92 -4.85 -4.32
C ASP D 50 12.61 -5.23 -3.03
N VAL D 51 13.67 -4.50 -2.68
CA VAL D 51 14.49 -4.90 -1.55
C VAL D 51 13.69 -4.79 -0.23
N ILE D 52 12.58 -4.04 -0.26
CA ILE D 52 11.65 -3.95 0.87
C ILE D 52 11.09 -5.33 1.19
N THR D 53 10.87 -6.12 0.15
CA THR D 53 10.45 -7.50 0.31
C THR D 53 11.49 -8.32 1.07
N THR D 54 12.74 -8.23 0.62
CA THR D 54 13.83 -8.95 1.27
C THR D 54 13.93 -8.56 2.75
N VAL D 55 13.89 -7.27 3.02
CA VAL D 55 13.87 -6.75 4.38
C VAL D 55 12.70 -7.35 5.16
N PHE D 56 11.56 -7.51 4.50
CA PHE D 56 10.39 -8.11 5.15
C PHE D 56 10.67 -9.55 5.58
N ILE D 57 11.19 -10.35 4.67
CA ILE D 57 11.45 -11.76 4.99
C ILE D 57 12.50 -11.88 6.10
N LYS D 58 13.60 -11.15 5.95
CA LYS D 58 14.68 -11.22 6.94
C LYS D 58 14.26 -10.72 8.33
N GLN D 59 13.41 -9.70 8.34
CA GLN D 59 12.85 -9.14 9.56
C GLN D 59 11.79 -10.12 10.13
N LEU D 60 11.20 -10.92 9.24
CA LEU D 60 10.27 -12.00 9.63
C LEU D 60 11.03 -13.13 10.31
N VAL D 61 12.28 -13.32 9.89
CA VAL D 61 13.05 -14.48 10.30
C VAL D 61 13.90 -14.08 11.51
N GLU D 62 14.03 -12.77 11.75
CA GLU D 62 14.72 -12.31 12.95
C GLU D 62 13.83 -12.50 14.18
N LYS D 63 12.51 -12.39 13.99
CA LYS D 63 11.56 -12.47 15.09
C LYS D 63 11.43 -13.93 15.55
N GLY D 64 11.77 -14.83 14.64
CA GLY D 64 11.69 -16.25 14.90
C GLY D 64 10.29 -16.83 15.01
N VAL D 65 9.31 -16.15 14.43
CA VAL D 65 7.92 -16.54 14.58
C VAL D 65 7.60 -17.81 13.76
N ILE D 66 8.49 -18.16 12.83
CA ILE D 66 8.35 -19.40 12.08
C ILE D 66 9.65 -20.20 12.04
N SER D 67 10.48 -20.06 13.07
CA SER D 67 11.74 -20.78 13.16
C SER D 67 11.55 -22.24 13.53
N ASP D 68 10.76 -22.46 14.59
CA ASP D 68 10.50 -23.78 15.10
C ASP D 68 9.51 -24.52 14.19
N THR D 69 9.74 -25.82 14.02
CA THR D 69 9.03 -26.61 13.02
C THR D 69 7.51 -26.46 13.05
N ASP D 70 6.93 -26.56 14.25
CA ASP D 70 5.48 -26.47 14.41
C ASP D 70 4.97 -25.10 13.96
N ASN D 71 5.72 -24.05 14.28
CA ASN D 71 5.35 -22.70 13.85
C ASN D 71 5.34 -22.56 12.32
N LEU D 72 6.35 -23.14 11.67
CA LEU D 72 6.44 -23.10 10.23
C LEU D 72 5.28 -23.87 9.58
N LEU D 73 5.04 -25.09 10.05
CA LEU D 73 3.95 -25.90 9.49
C LEU D 73 2.58 -25.25 9.70
N THR D 74 2.42 -24.62 10.87
CA THR D 74 1.15 -23.98 11.19
C THR D 74 0.95 -22.74 10.34
N PHE D 75 2.03 -22.02 10.09
CA PHE D 75 1.98 -20.81 9.28
C PHE D 75 1.67 -21.12 7.82
N VAL D 76 2.35 -22.11 7.27
CA VAL D 76 2.10 -22.51 5.90
C VAL D 76 0.68 -23.06 5.77
N LYS D 77 0.26 -23.90 6.73
CA LYS D 77 -1.09 -24.45 6.71
C LYS D 77 -2.17 -23.37 6.74
N SER D 78 -2.06 -22.47 7.71
CA SER D 78 -3.07 -21.43 7.86
C SER D 78 -3.09 -20.51 6.65
N SER D 79 -1.91 -20.13 6.17
CA SER D 79 -1.86 -19.24 5.01
C SER D 79 -2.50 -19.94 3.83
N LEU D 80 -2.24 -21.23 3.69
CA LEU D 80 -2.79 -22.01 2.58
C LEU D 80 -4.31 -22.06 2.63
N GLU D 81 -4.84 -22.39 3.80
CA GLU D 81 -6.28 -22.49 3.98
C GLU D 81 -6.94 -21.16 3.69
N LEU D 82 -6.34 -20.10 4.22
CA LEU D 82 -6.87 -18.77 4.04
C LEU D 82 -6.86 -18.38 2.57
N SER D 83 -5.80 -18.78 1.85
CA SER D 83 -5.67 -18.42 0.44
C SER D 83 -6.69 -19.16 -0.42
N VAL D 84 -6.88 -20.45 -0.15
CA VAL D 84 -7.86 -21.26 -0.88
C VAL D 84 -9.28 -20.78 -0.62
N SER D 85 -9.57 -20.47 0.64
CA SER D 85 -10.85 -19.87 1.02
C SER D 85 -11.04 -18.57 0.27
N SER D 86 -9.96 -17.77 0.19
CA SER D 86 -9.99 -16.48 -0.49
C SER D 86 -10.36 -16.64 -1.94
N PHE D 87 -9.79 -17.65 -2.58
CA PHE D 87 -10.19 -18.01 -3.93
C PHE D 87 -11.69 -18.31 -3.96
N LYS D 88 -12.12 -19.20 -3.08
CA LYS D 88 -13.50 -19.66 -3.15
C LYS D 88 -14.49 -18.53 -2.93
N GLU D 89 -14.16 -17.59 -2.05
CA GLU D 89 -15.10 -16.53 -1.68
C GLU D 89 -14.89 -15.25 -2.47
N SER D 90 -14.19 -15.36 -3.60
CA SER D 90 -13.98 -14.22 -4.50
C SER D 90 -14.88 -14.35 -5.70
N ASP D 91 -15.27 -13.21 -6.27
CA ASP D 91 -16.06 -13.21 -7.50
C ASP D 91 -15.11 -13.24 -8.71
N PRO D 92 -15.44 -14.05 -9.74
CA PRO D 92 -14.59 -14.28 -10.92
C PRO D 92 -14.03 -13.01 -11.56
N THR D 93 -14.72 -11.89 -11.38
CA THR D 93 -14.29 -10.61 -11.93
C THR D 93 -13.12 -10.02 -11.15
N ASP D 94 -12.85 -10.58 -9.96
CA ASP D 94 -11.75 -10.12 -9.14
C ASP D 94 -10.46 -10.86 -9.49
N GLU D 95 -9.41 -10.55 -8.74
CA GLU D 95 -8.20 -11.35 -8.78
C GLU D 95 -8.35 -12.41 -7.69
N VAL D 96 -8.72 -13.62 -8.11
CA VAL D 96 -9.09 -14.68 -7.17
C VAL D 96 -7.87 -15.43 -6.68
N PHE D 97 -6.71 -15.12 -7.26
CA PHE D 97 -5.50 -15.86 -6.95
C PHE D 97 -4.49 -15.04 -6.16
N ILE D 98 -4.89 -13.83 -5.74
CA ILE D 98 -3.97 -12.89 -5.09
C ILE D 98 -3.19 -13.52 -3.94
N ALA D 99 -3.92 -14.08 -2.99
CA ALA D 99 -3.31 -14.71 -1.84
C ALA D 99 -2.44 -15.87 -2.29
N ILE D 100 -2.91 -16.64 -3.25
CA ILE D 100 -2.14 -17.80 -3.75
C ILE D 100 -0.82 -17.33 -4.32
N ASP D 101 -0.89 -16.32 -5.19
CA ASP D 101 0.29 -15.77 -5.83
C ASP D 101 1.34 -15.30 -4.80
N ALA D 102 0.85 -14.51 -3.85
CA ALA D 102 1.68 -14.04 -2.75
C ALA D 102 2.29 -15.22 -1.98
N LEU D 103 1.50 -16.28 -1.78
CA LEU D 103 1.99 -17.45 -1.05
C LEU D 103 3.15 -18.12 -1.79
N GLY D 104 3.01 -18.27 -3.11
CA GLY D 104 4.07 -18.84 -3.92
C GLY D 104 5.35 -18.05 -3.72
N SER D 105 5.22 -16.72 -3.84
CA SER D 105 6.38 -15.85 -3.63
C SER D 105 7.03 -16.04 -2.25
N LEU D 106 6.19 -16.11 -1.23
CA LEU D 106 6.67 -16.21 0.12
C LEU D 106 7.43 -17.50 0.34
N ILE D 107 6.93 -18.60 -0.24
CA ILE D 107 7.59 -19.90 -0.11
C ILE D 107 8.98 -19.89 -0.75
N ILE D 108 9.04 -19.48 -2.01
CA ILE D 108 10.35 -19.52 -2.66
C ILE D 108 11.34 -18.54 -1.99
N LYS D 109 10.85 -17.37 -1.57
CA LYS D 109 11.72 -16.42 -0.87
C LYS D 109 12.18 -16.95 0.48
N LEU D 110 11.37 -17.79 1.12
CA LEU D 110 11.79 -18.41 2.35
C LEU D 110 12.88 -19.46 2.08
N LEU D 111 12.86 -20.05 0.89
CA LEU D 111 13.96 -20.94 0.49
C LEU D 111 15.25 -20.19 0.15
N ILE D 112 15.11 -19.00 -0.45
CA ILE D 112 16.28 -18.26 -0.93
C ILE D 112 17.02 -17.49 0.15
N LEU D 113 16.29 -16.71 0.95
CA LEU D 113 16.88 -15.74 1.85
C LEU D 113 17.14 -16.23 3.28
N GLN D 114 17.40 -17.52 3.46
CA GLN D 114 17.77 -18.00 4.78
C GLN D 114 19.07 -18.77 4.71
N ASP D 115 19.77 -18.85 5.82
CA ASP D 115 20.96 -19.69 5.90
C ASP D 115 20.53 -21.12 6.23
N PHE D 116 21.09 -22.08 5.50
CA PHE D 116 20.69 -23.46 5.72
C PHE D 116 21.86 -24.35 6.12
N LYS D 117 21.79 -24.84 7.36
CA LYS D 117 22.81 -25.69 7.96
C LYS D 117 23.16 -26.90 7.10
N THR D 120 19.05 -29.98 4.56
CA THR D 120 18.21 -29.19 5.47
C THR D 120 17.29 -28.26 4.67
N ARG D 121 17.72 -27.84 3.48
CA ARG D 121 16.85 -27.06 2.60
C ARG D 121 15.87 -28.00 1.92
N ARG D 122 16.35 -29.22 1.67
CA ARG D 122 15.50 -30.28 1.15
C ARG D 122 14.41 -30.59 2.18
N ASP D 123 14.76 -30.59 3.46
CA ASP D 123 13.80 -30.85 4.53
C ASP D 123 12.70 -29.77 4.56
N TYR D 124 13.11 -28.54 4.26
CA TYR D 124 12.23 -27.38 4.21
C TYR D 124 11.22 -27.47 3.09
N ILE D 125 11.75 -27.68 1.88
CA ILE D 125 10.91 -27.76 0.70
C ILE D 125 9.95 -28.95 0.84
N ASN D 126 10.46 -30.04 1.43
CA ASN D 126 9.67 -31.24 1.65
C ASN D 126 8.55 -30.99 2.65
N ALA D 127 8.87 -30.27 3.72
CA ALA D 127 7.87 -29.92 4.71
C ALA D 127 6.75 -29.11 4.06
N ILE D 128 7.13 -28.05 3.34
CA ILE D 128 6.15 -27.16 2.71
C ILE D 128 5.25 -27.91 1.73
N PHE D 129 5.85 -28.73 0.86
CA PHE D 129 5.04 -29.51 -0.06
C PHE D 129 4.10 -30.43 0.72
N SER D 130 4.61 -30.99 1.82
CA SER D 130 3.79 -31.88 2.65
C SER D 130 2.55 -31.18 3.16
N VAL D 131 2.72 -29.98 3.70
CA VAL D 131 1.57 -29.20 4.16
C VAL D 131 0.59 -28.98 3.00
N ILE D 132 1.12 -28.58 1.84
CA ILE D 132 0.25 -28.30 0.71
C ILE D 132 -0.58 -29.53 0.32
N VAL D 133 0.07 -30.68 0.13
CA VAL D 133 -0.67 -31.86 -0.32
C VAL D 133 -1.60 -32.40 0.79
N LEU D 134 -1.28 -32.15 2.06
CA LEU D 134 -2.17 -32.55 3.13
C LEU D 134 -3.47 -31.74 3.12
N VAL D 135 -3.34 -30.42 3.11
CA VAL D 135 -4.51 -29.54 3.05
C VAL D 135 -5.31 -29.83 1.79
N PHE D 136 -4.58 -30.06 0.70
CA PHE D 136 -5.16 -30.45 -0.59
C PHE D 136 -6.05 -31.69 -0.41
N ALA D 137 -5.47 -32.76 0.14
CA ALA D 137 -6.19 -34.02 0.32
C ALA D 137 -7.48 -33.84 1.12
N LYS D 138 -7.40 -33.12 2.23
CA LYS D 138 -8.60 -32.93 3.04
C LYS D 138 -9.64 -32.09 2.29
N ASP D 139 -9.20 -31.06 1.57
CA ASP D 139 -10.12 -30.23 0.76
C ASP D 139 -10.86 -31.08 -0.25
N HIS D 140 -10.13 -32.01 -0.86
CA HIS D 140 -10.60 -32.85 -1.96
C HIS D 140 -11.56 -33.98 -1.55
N SER D 141 -11.20 -34.72 -0.50
CA SER D 141 -11.87 -35.98 -0.22
C SER D 141 -13.02 -35.89 0.80
N GLN D 142 -13.08 -34.82 1.58
CA GLN D 142 -14.06 -34.74 2.67
C GLN D 142 -15.50 -34.71 2.16
N GLU D 143 -16.47 -34.90 3.05
CA GLU D 143 -17.84 -35.25 2.64
C GLU D 143 -18.61 -34.15 1.91
N GLY D 144 -18.69 -32.97 2.52
CA GLY D 144 -19.42 -31.86 1.93
C GLY D 144 -18.50 -30.95 1.15
N THR D 145 -17.71 -31.56 0.26
CA THR D 145 -16.59 -30.87 -0.34
C THR D 145 -16.97 -29.75 -1.30
N THR D 146 -16.22 -28.66 -1.23
CA THR D 146 -16.40 -27.50 -2.11
C THR D 146 -15.12 -27.27 -2.93
N PHE D 147 -14.48 -28.39 -3.26
CA PHE D 147 -13.14 -28.43 -3.85
C PHE D 147 -13.04 -27.85 -5.25
N ASN D 148 -12.00 -27.06 -5.46
CA ASN D 148 -11.66 -26.57 -6.79
C ASN D 148 -10.21 -26.87 -7.02
N GLU D 149 -9.87 -27.44 -8.18
CA GLU D 149 -8.49 -27.79 -8.47
C GLU D 149 -7.64 -26.55 -8.75
N ARG D 150 -8.30 -25.52 -9.26
CA ARG D 150 -7.61 -24.33 -9.73
C ARG D 150 -6.67 -23.64 -8.73
N PRO D 151 -7.11 -23.39 -7.48
CA PRO D 151 -6.17 -22.65 -6.61
C PRO D 151 -4.90 -23.44 -6.32
N TYR D 152 -5.01 -24.76 -6.21
CA TYR D 152 -3.82 -25.57 -5.98
C TYR D 152 -2.96 -25.57 -7.22
N PHE D 153 -3.59 -25.72 -8.39
CA PHE D 153 -2.86 -25.66 -9.65
C PHE D 153 -2.09 -24.36 -9.76
N ARG D 154 -2.76 -23.28 -9.39
CA ARG D 154 -2.18 -21.96 -9.42
C ARG D 154 -1.00 -21.91 -8.44
N LEU D 155 -1.16 -22.51 -7.27
CA LEU D 155 -0.07 -22.53 -6.30
C LEU D 155 1.17 -23.23 -6.88
N PHE D 156 0.97 -24.40 -7.50
CA PHE D 156 2.11 -25.14 -8.03
C PHE D 156 2.75 -24.43 -9.21
N SER D 157 1.94 -23.94 -10.14
CA SER D 157 2.40 -23.18 -11.29
C SER D 157 3.24 -21.96 -10.84
N ASN D 158 2.77 -21.29 -9.80
CA ASN D 158 3.47 -20.13 -9.29
C ASN D 158 4.80 -20.54 -8.69
N ILE D 159 4.81 -21.62 -7.91
CA ILE D 159 6.07 -22.10 -7.36
C ILE D 159 7.06 -22.38 -8.49
N LEU D 160 6.56 -23.04 -9.54
CA LEU D 160 7.38 -23.33 -10.71
C LEU D 160 7.96 -22.06 -11.34
N TYR D 161 7.12 -21.05 -11.52
CA TYR D 161 7.55 -19.78 -12.11
C TYR D 161 8.62 -19.08 -11.25
N GLU D 162 8.37 -19.02 -9.95
CA GLU D 162 9.26 -18.35 -9.03
C GLU D 162 10.65 -18.99 -9.08
N TRP D 163 10.67 -20.32 -8.97
CA TRP D 163 11.95 -21.00 -9.03
C TRP D 163 12.61 -20.82 -10.39
N ALA D 164 11.80 -20.84 -11.45
CA ALA D 164 12.31 -20.61 -12.80
C ALA D 164 12.96 -19.24 -12.94
N THR D 165 12.41 -18.27 -12.21
CA THR D 165 12.84 -16.89 -12.34
C THR D 165 14.11 -16.68 -11.53
N ILE D 166 14.23 -17.35 -10.38
CA ILE D 166 15.45 -17.19 -9.59
C ILE D 166 16.59 -18.08 -10.11
N ARG D 167 16.31 -19.09 -10.93
CA ARG D 167 17.35 -20.06 -11.31
C ARG D 167 18.15 -19.63 -12.54
N THR D 168 17.61 -18.70 -13.32
CA THR D 168 18.19 -18.32 -14.62
C THR D 168 19.66 -17.97 -14.52
N HIS D 169 20.45 -18.40 -15.50
CA HIS D 169 21.89 -18.11 -15.55
C HIS D 169 22.60 -18.53 -14.27
N ASN D 170 22.47 -19.81 -13.90
CA ASN D 170 23.07 -20.38 -12.70
C ASN D 170 22.84 -19.54 -11.45
N PHE D 171 21.58 -19.20 -11.20
CA PHE D 171 21.20 -18.42 -10.02
C PHE D 171 22.05 -17.17 -9.87
N VAL D 172 22.21 -16.42 -10.95
CA VAL D 172 23.09 -15.26 -10.96
C VAL D 172 22.53 -14.10 -10.13
N ARG D 173 21.22 -14.09 -9.89
CA ARG D 173 20.61 -13.02 -9.12
C ARG D 173 20.85 -13.19 -7.61
N ILE D 174 21.51 -14.27 -7.23
CA ILE D 174 21.86 -14.48 -5.83
C ILE D 174 23.26 -13.92 -5.53
N SER D 175 23.34 -13.00 -4.56
CA SER D 175 24.56 -12.24 -4.28
C SER D 175 25.67 -13.04 -3.61
N ASP D 176 25.35 -13.71 -2.51
CA ASP D 176 26.32 -14.53 -1.78
C ASP D 176 26.73 -15.69 -2.68
N SER D 177 28.04 -15.82 -2.93
CA SER D 177 28.55 -16.87 -3.82
C SER D 177 28.35 -18.26 -3.20
N SER D 178 28.43 -18.35 -1.87
CA SER D 178 28.19 -19.61 -1.17
C SER D 178 26.73 -20.05 -1.34
N THR D 179 25.81 -19.17 -0.99
CA THR D 179 24.39 -19.42 -1.14
C THR D 179 24.05 -19.75 -2.59
N ARG D 180 24.70 -19.04 -3.50
CA ARG D 180 24.49 -19.23 -4.93
C ARG D 180 24.88 -20.64 -5.32
N GLN D 181 26.05 -21.08 -4.84
CA GLN D 181 26.54 -22.42 -5.17
C GLN D 181 25.57 -23.46 -4.62
N GLU D 182 25.12 -23.20 -3.40
CA GLU D 182 24.16 -24.08 -2.74
C GLU D 182 22.88 -24.25 -3.57
N LEU D 183 22.32 -23.15 -4.05
CA LEU D 183 21.11 -23.23 -4.87
C LEU D 183 21.38 -23.96 -6.20
N ILE D 184 22.55 -23.69 -6.78
CA ILE D 184 22.98 -24.38 -7.99
C ILE D 184 22.89 -25.88 -7.81
N GLU D 185 23.42 -26.35 -6.67
CA GLU D 185 23.41 -27.79 -6.33
C GLU D 185 22.00 -28.31 -6.04
N PHE D 186 21.16 -27.41 -5.52
CA PHE D 186 19.84 -27.78 -5.04
C PHE D 186 18.83 -27.88 -6.16
N ASP D 187 19.13 -27.25 -7.29
CA ASP D 187 18.21 -27.19 -8.43
C ASP D 187 17.53 -28.54 -8.75
N SER D 188 18.35 -29.55 -9.01
CA SER D 188 17.85 -30.86 -9.37
C SER D 188 16.96 -31.41 -8.25
N VAL D 189 17.39 -31.19 -7.02
CA VAL D 189 16.63 -31.63 -5.86
C VAL D 189 15.24 -30.99 -5.85
N PHE D 190 15.20 -29.70 -6.13
CA PHE D 190 13.95 -28.97 -6.22
C PHE D 190 13.02 -29.69 -7.19
N TYR D 191 13.52 -29.93 -8.40
CA TYR D 191 12.62 -30.47 -9.42
C TYR D 191 12.18 -31.91 -9.13
N ASN D 192 13.09 -32.73 -8.59
CA ASN D 192 12.70 -34.12 -8.33
C ASN D 192 11.78 -34.24 -7.12
N THR D 193 11.92 -33.32 -6.18
CA THR D 193 10.98 -33.23 -5.07
C THR D 193 9.57 -32.86 -5.56
N PHE D 194 9.49 -31.75 -6.31
CA PHE D 194 8.23 -31.32 -6.89
C PHE D 194 7.58 -32.46 -7.67
N SER D 195 8.37 -33.11 -8.52
CA SER D 195 7.83 -34.21 -9.29
C SER D 195 7.33 -35.33 -8.40
N GLY D 196 8.05 -35.60 -7.31
CA GLY D 196 7.65 -36.67 -6.40
C GLY D 196 6.26 -36.43 -5.85
N TYR D 197 6.04 -35.22 -5.34
CA TYR D 197 4.72 -34.90 -4.82
C TYR D 197 3.67 -34.88 -5.94
N LEU D 198 4.06 -34.39 -7.11
CA LEU D 198 3.15 -34.36 -8.26
C LEU D 198 2.70 -35.77 -8.62
N HIS D 199 3.63 -36.71 -8.45
CA HIS D 199 3.39 -38.12 -8.68
C HIS D 199 2.34 -38.60 -7.71
N ALA D 200 2.51 -38.25 -6.44
CA ALA D 200 1.52 -38.66 -5.45
C ALA D 200 0.18 -37.94 -5.64
N LEU D 201 0.13 -36.93 -6.48
CA LEU D 201 -1.14 -36.26 -6.71
C LEU D 201 -1.83 -36.74 -8.01
N GLN D 202 -1.43 -37.92 -8.49
CA GLN D 202 -1.89 -38.45 -9.79
C GLN D 202 -3.39 -38.82 -9.80
N PRO D 203 -4.02 -38.87 -11.00
CA PRO D 203 -5.46 -39.11 -11.19
C PRO D 203 -6.09 -40.26 -10.38
N PHE D 204 -5.43 -41.39 -10.28
CA PHE D 204 -5.94 -42.53 -9.48
C PHE D 204 -6.19 -42.12 -8.04
N ALA D 205 -5.24 -41.38 -7.47
CA ALA D 205 -5.32 -40.92 -6.08
C ALA D 205 -6.31 -39.77 -5.92
N PHE D 206 -6.27 -38.81 -6.83
CA PHE D 206 -7.15 -37.66 -6.72
C PHE D 206 -7.78 -37.29 -8.07
N PRO D 207 -8.83 -38.03 -8.46
CA PRO D 207 -9.51 -37.82 -9.74
C PRO D 207 -9.94 -36.37 -9.92
N GLY D 208 -10.39 -35.72 -8.85
CA GLY D 208 -10.87 -34.34 -8.93
C GLY D 208 -9.83 -33.31 -9.31
N PHE D 209 -8.58 -33.76 -9.44
CA PHE D 209 -7.44 -32.90 -9.74
C PHE D 209 -6.87 -33.22 -11.13
N SER D 210 -7.35 -34.32 -11.72
CA SER D 210 -6.79 -34.91 -12.93
C SER D 210 -6.34 -33.90 -13.98
N PHE D 211 -7.29 -33.12 -14.48
CA PHE D 211 -6.97 -32.20 -15.56
C PHE D 211 -5.89 -31.21 -15.14
N ALA D 212 -6.06 -30.60 -13.97
CA ALA D 212 -5.02 -29.75 -13.41
C ALA D 212 -3.68 -30.50 -13.39
N TRP D 213 -3.70 -31.73 -12.89
CA TRP D 213 -2.51 -32.55 -12.82
C TRP D 213 -1.86 -32.68 -14.19
N VAL D 214 -2.67 -33.02 -15.19
CA VAL D 214 -2.10 -33.18 -16.53
C VAL D 214 -1.47 -31.86 -16.99
N THR D 215 -2.16 -30.75 -16.72
CA THR D 215 -1.63 -29.45 -17.09
C THR D 215 -0.27 -29.23 -16.42
N LEU D 216 -0.16 -29.55 -15.13
CA LEU D 216 1.11 -29.39 -14.43
C LEU D 216 2.22 -30.25 -15.04
N LEU D 217 1.86 -31.44 -15.52
CA LEU D 217 2.85 -32.35 -16.07
C LEU D 217 3.48 -31.70 -17.28
N SER D 218 2.69 -30.89 -17.98
CA SER D 218 3.18 -30.30 -19.23
C SER D 218 3.37 -28.79 -19.08
N HIS D 219 3.52 -28.33 -17.85
CA HIS D 219 3.73 -26.93 -17.58
C HIS D 219 5.04 -26.46 -18.19
N ARG D 220 5.05 -25.27 -18.79
CA ARG D 220 6.22 -24.82 -19.56
C ARG D 220 7.44 -24.60 -18.68
N MET D 221 7.21 -24.56 -17.38
CA MET D 221 8.28 -24.36 -16.42
C MET D 221 8.49 -25.58 -15.56
N LEU D 222 7.97 -26.71 -16.05
CA LEU D 222 8.31 -28.04 -15.52
C LEU D 222 8.87 -28.97 -16.61
N LEU D 223 8.03 -29.37 -17.56
CA LEU D 223 8.42 -30.34 -18.59
C LEU D 223 9.69 -29.99 -19.42
N PRO D 224 9.79 -28.76 -19.96
CA PRO D 224 10.97 -28.51 -20.81
C PRO D 224 12.28 -28.50 -20.03
N ILE D 225 12.18 -28.12 -18.76
CA ILE D 225 13.32 -28.08 -17.85
C ILE D 225 13.76 -29.48 -17.45
N MET D 226 12.80 -30.32 -17.07
CA MET D 226 13.12 -31.66 -16.65
C MET D 226 13.49 -32.55 -17.82
N LEU D 227 13.07 -32.14 -19.02
CA LEU D 227 13.54 -32.81 -20.22
C LEU D 227 15.00 -32.51 -20.45
N ARG D 228 15.50 -31.43 -19.87
CA ARG D 228 16.80 -30.88 -20.26
C ARG D 228 17.85 -30.79 -19.15
N LEU D 229 17.53 -31.22 -17.93
CA LEU D 229 18.53 -31.25 -16.88
C LEU D 229 19.72 -32.12 -17.30
N PRO D 230 20.94 -31.72 -16.91
CA PRO D 230 22.16 -32.41 -17.38
C PRO D 230 22.20 -33.89 -17.02
N ASN D 231 22.71 -34.71 -17.94
CA ASN D 231 22.83 -36.16 -17.72
C ASN D 231 21.51 -36.87 -17.47
N LYS D 232 20.45 -36.28 -18.01
CA LYS D 232 19.12 -36.90 -18.04
C LYS D 232 18.57 -37.20 -16.65
N ILE D 233 18.99 -36.43 -15.65
CA ILE D 233 18.56 -36.70 -14.28
C ILE D 233 17.12 -36.30 -14.03
N GLY D 234 16.50 -35.72 -15.05
CA GLY D 234 15.09 -35.34 -14.94
C GLY D 234 14.18 -36.36 -15.61
N TRP D 235 14.78 -37.23 -16.43
CA TRP D 235 14.01 -38.14 -17.26
C TRP D 235 13.23 -39.19 -16.47
N GLU D 236 13.83 -39.71 -15.41
CA GLU D 236 13.19 -40.76 -14.65
C GLU D 236 11.82 -40.34 -14.08
N LYS D 237 11.76 -39.22 -13.37
CA LYS D 237 10.52 -38.76 -12.76
C LYS D 237 9.48 -38.36 -13.80
N LEU D 238 9.97 -37.89 -14.95
CA LEU D 238 9.10 -37.59 -16.07
C LEU D 238 8.42 -38.88 -16.53
N MET D 239 9.22 -39.92 -16.70
CA MET D 239 8.69 -41.20 -17.11
C MET D 239 7.72 -41.72 -16.07
N LEU D 240 8.01 -41.48 -14.79
CA LEU D 240 7.11 -41.90 -13.75
C LEU D 240 5.75 -41.23 -13.96
N LEU D 241 5.76 -39.91 -14.11
CA LEU D 241 4.52 -39.17 -14.34
C LEU D 241 3.77 -39.61 -15.60
N ILE D 242 4.49 -39.76 -16.72
CA ILE D 242 3.89 -40.18 -17.97
C ILE D 242 3.30 -41.58 -17.86
N ILE D 243 3.97 -42.46 -17.11
CA ILE D 243 3.49 -43.80 -16.89
C ILE D 243 2.20 -43.75 -16.08
N ASP D 244 2.15 -42.90 -15.05
CA ASP D 244 0.92 -42.70 -14.27
C ASP D 244 -0.24 -42.34 -15.18
N LEU D 245 0.00 -41.37 -16.05
CA LEU D 245 -0.98 -40.96 -17.03
C LEU D 245 -1.43 -42.13 -17.92
N PHE D 246 -0.46 -42.83 -18.54
CA PHE D 246 -0.79 -43.93 -19.45
C PHE D 246 -1.61 -45.02 -18.77
N LYS D 247 -1.23 -45.35 -17.55
CA LYS D 247 -1.93 -46.36 -16.77
C LYS D 247 -3.38 -45.93 -16.50
N PHE D 248 -3.55 -44.67 -16.10
CA PHE D 248 -4.89 -44.14 -15.90
C PHE D 248 -5.71 -44.22 -17.19
N LEU D 249 -5.10 -43.92 -18.32
CA LEU D 249 -5.80 -44.03 -19.59
C LEU D 249 -6.17 -45.49 -19.89
N ASP D 250 -5.24 -46.41 -19.67
CA ASP D 250 -5.44 -47.83 -20.01
C ASP D 250 -6.54 -48.50 -19.17
N GLN D 251 -6.64 -48.07 -17.92
CA GLN D 251 -7.64 -48.62 -17.00
C GLN D 251 -9.06 -48.27 -17.46
N TYR D 252 -9.21 -47.11 -18.08
CA TYR D 252 -10.54 -46.63 -18.44
C TYR D 252 -10.71 -46.48 -19.95
N THR D 253 -9.97 -47.29 -20.69
CA THR D 253 -10.08 -47.37 -22.13
C THR D 253 -9.94 -48.83 -22.56
N SER D 254 -10.94 -49.34 -23.25
CA SER D 254 -10.82 -50.64 -23.88
C SER D 254 -11.36 -50.52 -25.31
N LYS D 255 -11.35 -51.62 -26.06
CA LYS D 255 -11.94 -51.63 -27.40
C LYS D 255 -13.45 -51.40 -27.30
N HIS D 256 -14.06 -51.98 -26.27
CA HIS D 256 -15.50 -51.86 -26.02
C HIS D 256 -15.82 -50.64 -25.15
N ALA D 257 -15.03 -50.42 -24.10
CA ALA D 257 -15.23 -49.27 -23.24
C ALA D 257 -14.88 -47.97 -23.99
N VAL D 258 -15.88 -47.46 -24.73
CA VAL D 258 -15.76 -46.23 -25.50
C VAL D 258 -15.68 -44.99 -24.59
N ASP D 260 -16.92 -38.61 -23.39
CA ASP D 260 -16.42 -38.93 -22.05
C ASP D 260 -15.12 -38.22 -21.69
N ALA D 261 -14.91 -38.00 -20.39
CA ALA D 261 -13.79 -37.24 -19.89
C ALA D 261 -12.44 -37.87 -20.29
N VAL D 262 -12.39 -39.19 -20.20
CA VAL D 262 -11.14 -39.89 -20.44
C VAL D 262 -10.59 -39.59 -21.82
N SER D 263 -11.47 -39.56 -22.82
CA SER D 263 -11.07 -39.27 -24.20
C SER D 263 -10.45 -37.87 -24.31
N VAL D 264 -11.01 -36.93 -23.55
CA VAL D 264 -10.43 -35.59 -23.44
C VAL D 264 -8.99 -35.66 -22.89
N VAL D 265 -8.84 -36.42 -21.80
CA VAL D 265 -7.51 -36.60 -21.26
C VAL D 265 -6.57 -37.21 -22.31
N TYR D 266 -7.04 -38.20 -23.08
CA TYR D 266 -6.22 -38.76 -24.15
C TYR D 266 -5.76 -37.67 -25.11
N LYS D 267 -6.69 -36.81 -25.52
CA LYS D 267 -6.38 -35.76 -26.48
C LYS D 267 -5.25 -34.88 -25.97
N GLY D 268 -5.37 -34.43 -24.71
CA GLY D 268 -4.31 -33.65 -24.08
C GLY D 268 -2.97 -34.39 -24.04
N THR D 269 -3.03 -35.66 -23.68
CA THR D 269 -1.84 -36.48 -23.64
C THR D 269 -1.14 -36.45 -24.97
N LEU D 270 -1.92 -36.65 -26.03
CA LEU D 270 -1.44 -36.68 -27.41
C LEU D 270 -0.75 -35.39 -27.78
N ARG D 271 -1.34 -34.27 -27.35
CA ARG D 271 -0.74 -32.98 -27.62
C ARG D 271 0.63 -32.90 -26.95
N ILE D 272 0.67 -33.31 -25.68
CA ILE D 272 1.90 -33.29 -24.90
C ILE D 272 2.99 -34.16 -25.54
N ILE D 273 2.64 -35.39 -25.89
CA ILE D 273 3.59 -36.28 -26.55
C ILE D 273 4.05 -35.66 -27.89
N LEU D 274 3.17 -34.99 -28.63
CA LEU D 274 3.59 -34.35 -29.87
C LEU D 274 4.63 -33.26 -29.60
N GLY D 275 4.37 -32.47 -28.56
CA GLY D 275 5.30 -31.43 -28.15
C GLY D 275 6.66 -32.02 -27.82
N ILE D 276 6.65 -33.12 -27.06
CA ILE D 276 7.87 -33.79 -26.65
C ILE D 276 8.64 -34.36 -27.85
N SER D 277 7.90 -34.93 -28.81
CA SER D 277 8.52 -35.48 -30.01
C SER D 277 9.20 -34.37 -30.80
N ASN D 278 8.58 -33.20 -30.81
CA ASN D 278 9.19 -32.08 -31.49
C ASN D 278 10.42 -31.52 -30.80
N ASP D 279 10.34 -31.40 -29.47
CA ASP D 279 11.37 -30.72 -28.70
C ASP D 279 12.55 -31.61 -28.30
N MET D 280 12.23 -32.81 -27.83
CA MET D 280 13.23 -33.70 -27.28
C MET D 280 12.93 -35.12 -27.76
N PRO D 281 13.10 -35.34 -29.06
CA PRO D 281 12.71 -36.65 -29.61
C PRO D 281 13.47 -37.79 -28.93
N SER D 282 14.72 -37.55 -28.52
CA SER D 282 15.50 -38.58 -27.86
C SER D 282 14.83 -39.13 -26.60
N PHE D 283 13.95 -38.36 -25.98
CA PHE D 283 13.22 -38.84 -24.82
C PHE D 283 12.22 -39.93 -25.22
N LEU D 284 11.55 -39.74 -26.35
CA LEU D 284 10.62 -40.74 -26.86
C LEU D 284 11.35 -41.92 -27.44
N ILE D 285 12.56 -41.66 -27.95
CA ILE D 285 13.32 -42.74 -28.59
C ILE D 285 13.93 -43.65 -27.54
N GLU D 286 14.57 -43.06 -26.53
CA GLU D 286 15.31 -43.84 -25.54
C GLU D 286 14.45 -44.42 -24.41
N ASN D 287 13.16 -44.07 -24.39
CA ASN D 287 12.24 -44.68 -23.43
C ASN D 287 11.13 -45.46 -24.12
N HIS D 288 11.37 -46.00 -25.31
CA HIS D 288 10.25 -46.60 -25.99
C HIS D 288 9.83 -47.93 -25.36
N TYR D 289 10.75 -48.60 -24.67
CA TYR D 289 10.42 -49.85 -24.01
C TYR D 289 9.38 -49.60 -22.88
N GLU D 290 9.68 -48.73 -21.91
CA GLU D 290 8.72 -48.55 -20.81
C GLU D 290 7.43 -47.91 -21.34
N LEU D 291 7.58 -46.94 -22.26
CA LEU D 291 6.43 -46.31 -22.87
C LEU D 291 5.50 -47.35 -23.54
N MET D 292 6.05 -48.29 -24.30
CA MET D 292 5.21 -49.32 -24.93
C MET D 292 4.62 -50.30 -23.89
N ASN D 293 5.39 -50.59 -22.85
CA ASN D 293 4.92 -51.48 -21.79
C ASN D 293 3.72 -50.92 -21.08
N ASN D 294 3.56 -49.60 -21.05
CA ASN D 294 2.42 -49.06 -20.32
C ASN D 294 1.37 -48.38 -21.19
N LEU D 295 1.59 -48.37 -22.50
CA LEU D 295 0.66 -47.72 -23.43
C LEU D 295 -0.52 -48.61 -23.75
N PRO D 296 -1.74 -48.06 -23.68
CA PRO D 296 -2.97 -48.76 -24.09
C PRO D 296 -2.84 -49.34 -25.51
N PRO D 297 -3.19 -50.62 -25.67
CA PRO D 297 -2.88 -51.35 -26.91
C PRO D 297 -3.69 -50.86 -28.12
N THR D 298 -4.76 -50.10 -27.86
CA THR D 298 -5.60 -49.64 -28.95
C THR D 298 -5.29 -48.19 -29.36
N TYR D 299 -4.27 -47.62 -28.75
CA TYR D 299 -3.81 -46.27 -29.08
C TYR D 299 -2.78 -46.35 -30.22
N PHE D 300 -3.26 -46.77 -31.40
CA PHE D 300 -2.41 -46.97 -32.56
C PHE D 300 -1.62 -45.70 -32.90
N GLN D 301 -2.34 -44.60 -33.00
CA GLN D 301 -1.75 -43.34 -33.46
C GLN D 301 -0.67 -42.92 -32.48
N LEU D 302 -0.98 -42.93 -31.19
CA LEU D 302 -0.02 -42.49 -30.18
C LEU D 302 1.22 -43.37 -30.20
N LYS D 303 1.02 -44.67 -30.43
CA LYS D 303 2.12 -45.61 -30.60
C LYS D 303 3.03 -45.18 -31.75
N ASN D 304 2.42 -44.87 -32.90
CA ASN D 304 3.19 -44.41 -34.05
C ASN D 304 3.91 -43.09 -33.77
N VAL D 305 3.23 -42.16 -33.11
CA VAL D 305 3.81 -40.89 -32.74
C VAL D 305 5.06 -41.09 -31.89
N ILE D 306 5.00 -41.99 -30.92
CA ILE D 306 6.15 -42.28 -30.08
C ILE D 306 7.28 -42.96 -30.86
N LEU D 307 6.92 -43.86 -31.78
CA LEU D 307 7.94 -44.64 -32.45
C LEU D 307 8.47 -43.93 -33.72
N SER D 308 7.83 -42.83 -34.14
CA SER D 308 8.25 -42.07 -35.32
C SER D 308 9.24 -40.99 -34.96
N ALA D 309 9.50 -40.86 -33.67
CA ALA D 309 10.46 -39.88 -33.18
C ALA D 309 11.79 -40.02 -33.91
N ILE D 310 12.36 -38.89 -34.30
CA ILE D 310 13.58 -38.84 -35.09
C ILE D 310 14.57 -37.88 -34.44
N PRO D 311 15.83 -38.32 -34.26
CA PRO D 311 16.83 -37.49 -33.58
C PRO D 311 16.99 -36.13 -34.26
N LYS D 312 17.34 -35.12 -33.46
CA LYS D 312 17.12 -33.73 -33.82
C LYS D 312 17.61 -33.37 -35.21
N ASN D 313 18.90 -33.56 -35.49
CA ASN D 313 19.41 -33.10 -36.78
C ASN D 313 19.65 -34.24 -37.76
N MET D 314 18.78 -35.25 -37.71
CA MET D 314 18.76 -36.28 -38.75
C MET D 314 17.69 -35.98 -39.79
N THR D 315 18.07 -36.13 -41.04
CA THR D 315 17.11 -36.05 -42.14
C THR D 315 17.00 -37.41 -42.78
N VAL D 316 15.77 -37.91 -42.88
CA VAL D 316 15.54 -39.27 -43.36
C VAL D 316 15.28 -39.32 -44.87
N PRO D 317 15.80 -40.36 -45.52
CA PRO D 317 15.60 -40.65 -46.95
C PRO D 317 14.15 -40.87 -47.27
N ASN D 318 13.73 -40.63 -48.51
CA ASN D 318 12.35 -40.95 -48.87
C ASN D 318 12.09 -42.47 -48.71
N PRO D 319 11.22 -42.84 -47.76
CA PRO D 319 10.99 -44.24 -47.39
C PRO D 319 10.27 -45.03 -48.47
N TYR D 320 9.71 -44.32 -49.44
CA TYR D 320 8.93 -44.93 -50.50
C TYR D 320 9.79 -45.18 -51.74
N ASP D 321 11.03 -44.75 -51.67
CA ASP D 321 12.01 -44.99 -52.74
C ASP D 321 12.22 -46.49 -52.91
N VAL D 322 11.70 -47.03 -54.00
CA VAL D 322 11.77 -48.47 -54.26
C VAL D 322 13.21 -48.98 -54.32
N ASP D 323 14.11 -48.13 -54.80
CA ASP D 323 15.52 -48.52 -54.96
C ASP D 323 16.33 -48.28 -53.69
N LEU D 324 15.67 -48.21 -52.55
CA LEU D 324 16.34 -47.95 -51.27
C LEU D 324 17.11 -49.16 -50.78
N ASN D 325 18.22 -48.92 -50.12
CA ASN D 325 18.96 -50.02 -49.52
C ASN D 325 19.70 -49.52 -48.27
N MET D 326 19.37 -50.13 -47.14
CA MET D 326 19.89 -49.68 -45.85
C MET D 326 21.39 -49.94 -45.71
N GLU D 327 21.97 -50.72 -46.63
CA GLU D 327 23.41 -50.91 -46.61
C GLU D 327 24.09 -49.61 -46.96
N ASP D 328 23.41 -48.80 -47.77
CA ASP D 328 23.98 -47.55 -48.27
C ASP D 328 23.54 -46.35 -47.42
N ILE D 329 23.24 -46.60 -46.15
CA ILE D 329 22.90 -45.55 -45.22
C ILE D 329 23.68 -45.69 -43.93
N PRO D 330 24.62 -44.77 -43.67
CA PRO D 330 25.48 -44.84 -42.48
C PRO D 330 24.64 -44.93 -41.23
N ALA D 331 23.55 -44.16 -41.22
CA ALA D 331 22.68 -44.07 -40.07
C ALA D 331 22.14 -45.45 -39.65
N CYS D 332 21.86 -46.30 -40.63
CA CYS D 332 21.32 -47.63 -40.37
C CYS D 332 22.35 -48.55 -39.70
N LYS D 333 23.57 -48.07 -39.51
CA LYS D 333 24.59 -48.86 -38.82
C LYS D 333 24.83 -48.39 -37.38
N GLU D 334 24.21 -47.27 -36.98
CA GLU D 334 24.40 -46.73 -35.63
C GLU D 334 23.49 -47.43 -34.60
N LEU D 335 23.98 -47.57 -33.37
CA LEU D 335 23.16 -48.20 -32.33
C LEU D 335 22.39 -47.15 -31.53
N PRO D 336 21.06 -47.29 -31.49
CA PRO D 336 20.16 -46.40 -30.77
C PRO D 336 20.42 -46.51 -29.26
N GLU D 337 20.12 -45.46 -28.50
CA GLU D 337 20.34 -45.47 -27.06
C GLU D 337 19.10 -45.99 -26.36
N VAL D 338 19.31 -46.71 -25.27
CA VAL D 338 18.19 -47.26 -24.52
C VAL D 338 18.32 -46.83 -23.06
N PHE D 339 17.42 -45.97 -22.61
CA PHE D 339 17.52 -45.36 -21.28
C PHE D 339 17.33 -46.36 -20.14
N PHE D 340 16.56 -47.42 -20.40
CA PHE D 340 16.36 -48.49 -19.43
C PHE D 340 16.64 -49.82 -20.10
N ASP D 341 17.68 -50.53 -19.62
CA ASP D 341 18.09 -51.82 -20.19
C ASP D 341 17.05 -52.90 -19.92
N PRO D 342 16.41 -53.40 -20.99
CA PRO D 342 15.33 -54.38 -20.82
C PRO D 342 15.78 -55.69 -20.19
N VAL D 343 17.08 -56.01 -20.22
CA VAL D 343 17.56 -57.27 -19.70
C VAL D 343 17.22 -57.46 -18.22
N ILE D 344 17.07 -56.36 -17.49
CA ILE D 344 16.68 -56.43 -16.07
C ILE D 344 15.37 -57.22 -15.94
N ASP D 345 14.42 -56.89 -16.81
CA ASP D 345 13.10 -57.49 -16.80
C ASP D 345 13.09 -58.94 -17.31
N LEU D 346 14.24 -59.43 -17.75
CA LEU D 346 14.38 -60.84 -18.10
C LEU D 346 14.70 -61.73 -16.90
N HIS D 347 15.05 -61.09 -15.77
CA HIS D 347 15.43 -61.80 -14.54
C HIS D 347 16.34 -63.02 -14.78
N SER D 348 16.01 -64.19 -14.24
CA SER D 348 16.91 -65.35 -14.37
C SER D 348 17.23 -65.69 -15.84
N LEU D 349 16.28 -65.41 -16.73
CA LEU D 349 16.43 -65.72 -18.14
C LEU D 349 17.69 -65.06 -18.73
N LYS D 350 18.11 -63.97 -18.09
CA LYS D 350 19.27 -63.20 -18.54
C LYS D 350 20.46 -64.13 -18.73
N LYS D 351 20.79 -64.93 -17.72
CA LYS D 351 22.03 -65.72 -17.87
C LYS D 351 21.94 -66.75 -19.00
N PRO D 352 20.90 -67.60 -19.03
CA PRO D 352 20.80 -68.53 -20.16
C PRO D 352 20.69 -67.86 -21.53
N VAL D 353 19.85 -66.83 -21.67
CA VAL D 353 19.66 -66.17 -22.96
C VAL D 353 20.98 -65.63 -23.49
N ASP D 354 21.77 -65.01 -22.62
CA ASP D 354 23.08 -64.54 -23.06
C ASP D 354 23.97 -65.70 -23.49
N ASN D 355 23.94 -66.80 -22.73
CA ASN D 355 24.71 -67.99 -23.11
C ASN D 355 24.42 -68.47 -24.51
N TYR D 356 23.14 -68.64 -24.82
CA TYR D 356 22.78 -69.13 -26.14
C TYR D 356 23.21 -68.14 -27.21
N LEU D 357 22.99 -66.85 -26.98
CA LEU D 357 23.35 -65.86 -27.98
C LEU D 357 24.87 -65.85 -28.26
N ARG D 358 25.67 -66.06 -27.22
CA ARG D 358 27.13 -65.98 -27.35
C ARG D 358 27.64 -67.16 -28.16
N ILE D 359 27.24 -68.35 -27.74
CA ILE D 359 27.63 -69.60 -28.40
C ILE D 359 26.45 -70.58 -28.48
N PRO D 360 25.62 -70.47 -29.54
CA PRO D 360 24.39 -71.24 -29.74
C PRO D 360 24.60 -72.73 -29.92
N SER D 361 23.61 -73.49 -29.45
CA SER D 361 23.56 -74.95 -29.61
C SER D 361 22.11 -75.36 -29.47
N ASN D 362 21.75 -76.52 -30.00
CA ASN D 362 20.36 -76.94 -30.02
C ASN D 362 19.77 -77.33 -28.67
N SER D 363 20.59 -77.93 -27.80
CA SER D 363 20.12 -78.33 -26.47
C SER D 363 19.93 -77.11 -25.59
N LEU D 364 20.85 -76.15 -25.71
CA LEU D 364 20.70 -74.90 -24.98
C LEU D 364 19.48 -74.11 -25.49
N LEU D 365 19.28 -74.14 -26.80
CA LEU D 365 18.11 -73.52 -27.40
C LEU D 365 16.85 -74.11 -26.82
N ARG D 366 16.80 -75.44 -26.77
CA ARG D 366 15.66 -76.15 -26.22
C ARG D 366 15.40 -75.73 -24.78
N THR D 367 16.46 -75.70 -23.97
CA THR D 367 16.31 -75.34 -22.56
C THR D 367 15.75 -73.93 -22.37
N ILE D 368 16.33 -72.95 -23.06
CA ILE D 368 15.87 -71.58 -22.87
C ILE D 368 14.49 -71.37 -23.52
N LEU D 369 14.15 -72.14 -24.55
CA LEU D 369 12.81 -72.05 -25.09
C LEU D 369 11.82 -72.47 -23.99
N SER D 370 12.10 -73.60 -23.35
CA SER D 370 11.26 -74.04 -22.23
C SER D 370 11.21 -72.99 -21.09
N ALA D 371 12.35 -72.41 -20.73
CA ALA D 371 12.38 -71.41 -19.65
C ALA D 371 11.53 -70.19 -19.98
N ILE D 372 11.73 -69.67 -21.18
CA ILE D 372 11.01 -68.51 -21.67
C ILE D 372 9.52 -68.76 -21.73
N TYR D 373 9.16 -69.93 -22.23
CA TYR D 373 7.74 -70.27 -22.33
C TYR D 373 7.14 -70.34 -20.93
N LYS D 374 7.82 -71.05 -20.03
CA LYS D 374 7.39 -71.20 -18.63
C LYS D 374 7.13 -69.83 -17.97
N ASP D 375 7.93 -68.83 -18.36
CA ASP D 375 7.78 -67.49 -17.78
C ASP D 375 6.79 -66.58 -18.54
N THR D 376 6.52 -66.88 -19.81
CA THR D 376 5.70 -66.00 -20.66
C THR D 376 4.23 -66.43 -20.69
N TYR D 377 3.98 -67.69 -20.37
CA TYR D 377 2.62 -68.20 -20.24
C TYR D 377 2.14 -68.04 -18.79
N ASP D 378 1.52 -66.89 -18.50
CA ASP D 378 1.07 -66.59 -17.14
C ASP D 378 -0.43 -66.89 -16.93
N ILE D 379 -0.85 -67.03 -15.68
CA ILE D 379 -2.27 -67.13 -15.41
C ILE D 379 -2.75 -65.84 -14.79
N LYS D 380 -3.57 -65.11 -15.51
CA LYS D 380 -4.04 -63.80 -15.09
C LYS D 380 -5.40 -63.92 -14.45
N LYS D 381 -5.61 -63.16 -13.38
CA LYS D 381 -6.87 -63.17 -12.64
C LYS D 381 -7.86 -62.12 -13.15
N GLY D 382 -8.77 -62.53 -14.02
CA GLY D 382 -9.82 -61.65 -14.47
C GLY D 382 -10.96 -61.64 -13.46
N VAL D 383 -12.06 -61.01 -13.81
CA VAL D 383 -13.17 -60.91 -12.87
C VAL D 383 -14.01 -62.18 -12.93
N GLY D 384 -14.04 -62.92 -11.81
CA GLY D 384 -14.84 -64.12 -11.72
C GLY D 384 -14.22 -65.41 -12.25
N TYR D 385 -13.14 -65.29 -13.04
CA TYR D 385 -12.45 -66.47 -13.57
C TYR D 385 -10.98 -66.14 -13.90
N ASP D 386 -10.13 -67.15 -13.88
CA ASP D 386 -8.74 -66.95 -14.31
C ASP D 386 -8.61 -67.38 -15.75
N PHE D 387 -7.60 -66.85 -16.43
CA PHE D 387 -7.40 -67.22 -17.81
C PHE D 387 -5.93 -67.20 -18.19
N LEU D 388 -5.60 -67.88 -19.29
CA LEU D 388 -4.22 -67.89 -19.76
C LEU D 388 -3.90 -66.54 -20.38
N SER D 389 -2.69 -66.05 -20.11
CA SER D 389 -2.26 -64.74 -20.60
C SER D 389 -0.80 -64.73 -20.99
N VAL D 390 -0.50 -64.21 -22.17
CA VAL D 390 0.88 -64.08 -22.56
C VAL D 390 1.52 -62.81 -21.98
N ASP D 391 2.71 -62.96 -21.40
CA ASP D 391 3.47 -61.89 -20.76
C ASP D 391 4.13 -61.00 -21.82
N SER D 392 3.34 -60.09 -22.38
CA SER D 392 3.77 -59.30 -23.52
C SER D 392 4.95 -58.38 -23.20
N LYS D 393 4.99 -57.93 -21.95
CA LYS D 393 6.07 -57.08 -21.47
C LYS D 393 7.37 -57.86 -21.49
N LEU D 394 7.32 -59.12 -21.03
CA LEU D 394 8.51 -59.94 -21.07
C LEU D 394 8.95 -60.25 -22.50
N ILE D 395 8.00 -60.58 -23.36
CA ILE D 395 8.31 -60.78 -24.78
C ILE D 395 9.04 -59.54 -25.35
N ARG D 396 8.52 -58.35 -25.08
CA ARG D 396 9.13 -57.13 -25.59
C ARG D 396 10.53 -57.01 -25.05
N ALA D 397 10.69 -57.31 -23.77
CA ALA D 397 12.01 -57.25 -23.17
C ALA D 397 12.98 -58.20 -23.89
N ILE D 398 12.53 -59.41 -24.21
CA ILE D 398 13.42 -60.37 -24.86
C ILE D 398 13.77 -59.92 -26.30
N VAL D 399 12.78 -59.49 -27.06
CA VAL D 399 13.02 -59.04 -28.42
C VAL D 399 13.96 -57.83 -28.44
N LEU D 400 13.72 -56.88 -27.55
CA LEU D 400 14.58 -55.70 -27.49
C LEU D 400 15.99 -56.14 -27.11
N HIS D 401 16.10 -57.08 -26.17
CA HIS D 401 17.41 -57.52 -25.70
C HIS D 401 18.20 -58.19 -26.82
N VAL D 402 17.52 -59.04 -27.57
CA VAL D 402 18.14 -59.70 -28.69
C VAL D 402 18.61 -58.65 -29.71
N GLY D 403 17.79 -57.63 -29.94
CA GLY D 403 18.14 -56.57 -30.88
C GLY D 403 19.40 -55.80 -30.45
N ILE D 404 19.43 -55.42 -29.18
CA ILE D 404 20.57 -54.69 -28.62
C ILE D 404 21.84 -55.51 -28.74
N GLU D 405 21.78 -56.76 -28.29
CA GLU D 405 22.96 -57.62 -28.33
C GLU D 405 23.41 -57.89 -29.76
N ALA D 406 22.43 -57.95 -30.66
CA ALA D 406 22.67 -58.07 -32.10
C ALA D 406 23.46 -56.88 -32.63
N GLY D 407 23.01 -55.67 -32.26
CA GLY D 407 23.64 -54.43 -32.69
C GLY D 407 25.06 -54.30 -32.18
N ILE D 408 25.24 -54.69 -30.91
CA ILE D 408 26.55 -54.71 -30.26
C ILE D 408 27.51 -55.70 -30.92
N GLU D 409 26.99 -56.88 -31.27
CA GLU D 409 27.81 -57.87 -31.92
C GLU D 409 28.17 -57.34 -33.31
N TYR D 410 27.25 -56.65 -33.97
CA TYR D 410 27.56 -56.08 -35.28
C TYR D 410 28.66 -55.02 -35.19
N LYS D 411 28.59 -54.15 -34.18
CA LYS D 411 29.62 -53.12 -33.98
C LYS D 411 30.99 -53.72 -33.64
N ARG D 412 30.98 -54.77 -32.84
CA ARG D 412 32.20 -55.50 -32.48
C ARG D 412 32.88 -56.10 -33.72
N THR D 413 32.08 -56.61 -34.66
CA THR D 413 32.54 -57.26 -35.90
C THR D 413 33.66 -58.27 -35.65
N ASN D 416 28.90 -58.56 -39.32
CA ASN D 416 29.12 -59.58 -40.34
C ASN D 416 28.12 -60.76 -40.27
N ALA D 417 28.32 -61.65 -39.29
CA ALA D 417 27.47 -62.82 -39.14
C ALA D 417 26.22 -62.55 -38.28
N VAL D 418 25.80 -61.28 -38.20
CA VAL D 418 24.58 -60.93 -37.48
C VAL D 418 23.39 -60.85 -38.44
N PHE D 419 23.63 -60.36 -39.65
CA PHE D 419 22.59 -60.40 -40.67
C PHE D 419 22.60 -61.78 -41.35
N ASN D 420 22.38 -62.82 -40.57
CA ASN D 420 22.46 -64.18 -41.05
C ASN D 420 21.40 -65.07 -40.39
N THR D 421 20.83 -65.96 -41.16
CA THR D 421 19.78 -66.84 -40.66
C THR D 421 20.36 -67.84 -39.66
N LYS D 422 21.64 -68.17 -39.85
CA LYS D 422 22.32 -69.14 -39.01
C LYS D 422 22.67 -68.55 -37.64
N SER D 423 22.55 -67.22 -37.50
CA SER D 423 23.00 -66.53 -36.30
C SER D 423 22.10 -66.82 -35.11
N SER D 424 22.65 -66.70 -33.91
CA SER D 424 21.91 -67.06 -32.70
C SER D 424 20.69 -66.16 -32.48
N TYR D 425 20.81 -64.91 -32.89
CA TYR D 425 19.77 -63.91 -32.62
C TYR D 425 18.54 -64.24 -33.46
N TYR D 426 18.77 -64.36 -34.77
CA TYR D 426 17.68 -64.74 -35.66
C TYR D 426 17.10 -66.11 -35.29
N THR D 427 17.96 -67.08 -34.97
CA THR D 427 17.45 -68.40 -34.67
C THR D 427 16.61 -68.40 -33.37
N LEU D 428 17.04 -67.62 -32.40
CA LEU D 428 16.31 -67.57 -31.13
C LEU D 428 14.92 -66.99 -31.35
N LEU D 429 14.85 -65.85 -32.02
CA LEU D 429 13.52 -65.29 -32.30
C LEU D 429 12.67 -66.22 -33.16
N PHE D 430 13.30 -66.84 -34.15
CA PHE D 430 12.59 -67.72 -35.05
C PHE D 430 11.94 -68.87 -34.29
N ASN D 431 12.73 -69.56 -33.47
CA ASN D 431 12.22 -70.71 -32.73
C ASN D 431 11.25 -70.28 -31.61
N LEU D 432 11.44 -69.09 -31.07
CA LEU D 432 10.46 -68.58 -30.11
C LEU D 432 9.10 -68.51 -30.81
N ILE D 433 9.06 -68.01 -32.04
CA ILE D 433 7.80 -67.94 -32.78
C ILE D 433 7.28 -69.33 -33.15
N GLN D 434 8.17 -70.16 -33.68
CA GLN D 434 7.80 -71.47 -34.18
C GLN D 434 7.09 -72.35 -33.15
N ASN D 435 7.59 -72.35 -31.92
CA ASN D 435 7.03 -73.23 -30.91
C ASN D 435 6.07 -72.50 -29.98
N GLY D 436 5.56 -71.38 -30.43
CA GLY D 436 4.68 -70.60 -29.58
C GLY D 436 3.23 -70.67 -29.98
N SER D 437 2.35 -70.36 -29.04
CA SER D 437 0.95 -70.23 -29.35
C SER D 437 0.71 -69.06 -30.31
N ILE D 438 -0.49 -68.97 -30.87
CA ILE D 438 -0.80 -67.94 -31.84
C ILE D 438 -0.63 -66.59 -31.17
N GLU D 439 -1.06 -66.49 -29.90
CA GLU D 439 -0.91 -65.22 -29.20
C GLU D 439 0.59 -64.95 -29.01
N MET D 440 1.35 -65.99 -28.66
CA MET D 440 2.79 -65.88 -28.49
C MET D 440 3.43 -65.31 -29.76
N LYS D 441 3.09 -65.91 -30.90
CA LYS D 441 3.56 -65.45 -32.21
C LYS D 441 3.26 -64.00 -32.46
N TYR D 442 1.98 -63.64 -32.30
CA TYR D 442 1.54 -62.27 -32.54
C TYR D 442 2.32 -61.27 -31.67
N GLN D 443 2.53 -61.60 -30.40
CA GLN D 443 3.25 -60.69 -29.50
C GLN D 443 4.69 -60.51 -29.90
N ILE D 444 5.36 -61.63 -30.20
CA ILE D 444 6.75 -61.56 -30.63
C ILE D 444 6.86 -60.65 -31.86
N ILE D 445 6.04 -60.97 -32.86
CA ILE D 445 6.08 -60.23 -34.12
C ILE D 445 5.74 -58.74 -33.94
N LEU D 446 4.84 -58.45 -33.01
CA LEU D 446 4.47 -57.08 -32.66
C LEU D 446 5.67 -56.29 -32.10
N SER D 447 6.35 -56.86 -31.11
CA SER D 447 7.52 -56.20 -30.54
C SER D 447 8.63 -56.00 -31.61
N ILE D 448 8.75 -57.00 -32.47
CA ILE D 448 9.69 -56.89 -33.58
C ILE D 448 9.34 -55.69 -34.45
N VAL D 449 8.08 -55.56 -34.83
CA VAL D 449 7.67 -54.44 -35.69
C VAL D 449 7.83 -53.11 -34.97
N GLU D 450 7.62 -53.10 -33.65
CA GLU D 450 7.88 -51.90 -32.86
C GLU D 450 9.30 -51.43 -33.08
N GLN D 451 10.24 -52.38 -33.22
CA GLN D 451 11.62 -51.95 -33.40
C GLN D 451 11.95 -51.32 -34.77
N LEU D 452 11.00 -51.33 -35.70
CA LEU D 452 11.21 -50.59 -36.95
C LEU D 452 10.92 -49.12 -36.76
N ARG D 453 11.94 -48.32 -36.50
CA ARG D 453 11.76 -46.87 -36.27
C ARG D 453 12.54 -46.04 -37.28
N TYR D 454 13.34 -45.11 -36.75
CA TYR D 454 14.22 -44.27 -37.55
C TYR D 454 15.39 -45.08 -38.06
N PRO D 455 16.14 -44.55 -39.03
CA PRO D 455 17.30 -45.32 -39.48
C PRO D 455 18.38 -45.50 -38.40
N ASN D 456 18.46 -46.75 -37.91
CA ASN D 456 19.50 -47.22 -37.02
C ASN D 456 19.62 -48.73 -37.17
N ILE D 457 20.61 -49.33 -36.52
CA ILE D 457 20.89 -50.77 -36.67
C ILE D 457 19.73 -51.70 -36.29
N HIS D 458 18.87 -51.27 -35.36
CA HIS D 458 17.73 -52.09 -34.95
C HIS D 458 16.72 -52.14 -36.07
N THR D 459 16.38 -50.98 -36.62
CA THR D 459 15.41 -50.88 -37.70
C THR D 459 15.85 -51.76 -38.87
N TYR D 460 17.13 -51.64 -39.23
CA TYR D 460 17.75 -52.43 -40.29
C TYR D 460 17.67 -53.94 -40.01
N TRP D 461 18.28 -54.37 -38.91
CA TRP D 461 18.36 -55.79 -38.60
C TRP D 461 16.99 -56.44 -38.46
N PHE D 462 16.08 -55.77 -37.75
CA PHE D 462 14.74 -56.31 -37.56
C PHE D 462 13.92 -56.31 -38.83
N SER D 463 14.24 -55.40 -39.76
CA SER D 463 13.60 -55.49 -41.08
C SER D 463 14.11 -56.73 -41.81
N PHE D 464 15.41 -56.97 -41.73
CA PHE D 464 15.98 -58.18 -42.31
C PHE D 464 15.32 -59.44 -41.71
N VAL D 465 15.22 -59.45 -40.39
CA VAL D 465 14.60 -60.55 -39.65
C VAL D 465 13.16 -60.80 -40.11
N LEU D 466 12.38 -59.73 -40.14
CA LEU D 466 10.99 -59.82 -40.55
C LEU D 466 10.82 -60.33 -41.96
N MET D 467 11.61 -59.79 -42.88
CA MET D 467 11.45 -60.18 -44.27
C MET D 467 11.83 -61.65 -44.41
N ASN D 468 12.93 -62.05 -43.79
CA ASN D 468 13.34 -63.46 -43.88
C ASN D 468 12.30 -64.38 -43.29
N MET D 469 11.65 -63.94 -42.23
CA MET D 469 10.55 -64.71 -41.65
C MET D 469 9.37 -64.80 -42.61
N PHE D 470 9.12 -63.72 -43.34
CA PHE D 470 8.01 -63.69 -44.28
C PHE D 470 8.26 -64.61 -45.47
N LYS D 471 9.54 -64.78 -45.80
CA LYS D 471 9.94 -65.52 -46.99
C LYS D 471 10.49 -66.91 -46.63
N SER D 472 10.59 -67.19 -45.34
CA SER D 472 11.21 -68.43 -44.87
C SER D 472 10.49 -69.67 -45.35
N ASP D 473 11.24 -70.73 -45.61
CA ASP D 473 10.61 -72.01 -45.94
C ASP D 473 10.82 -73.01 -44.81
N GLU D 474 11.09 -72.50 -43.61
CA GLU D 474 11.37 -73.35 -42.45
C GLU D 474 10.24 -73.39 -41.42
N TRP D 475 9.07 -72.87 -41.78
CA TRP D 475 7.94 -72.87 -40.85
C TRP D 475 7.23 -74.22 -40.86
N ASN D 476 6.97 -74.77 -39.67
CA ASN D 476 6.28 -76.05 -39.54
C ASN D 476 4.78 -75.93 -39.72
N ASP D 477 4.34 -75.90 -40.98
CA ASP D 477 2.93 -75.82 -41.31
C ASP D 477 2.30 -74.60 -40.62
N GLN D 478 3.06 -73.54 -40.54
CA GLN D 478 2.55 -72.30 -39.96
C GLN D 478 3.02 -71.11 -40.78
N LYS D 479 3.44 -71.40 -42.01
CA LYS D 479 3.88 -70.36 -42.93
C LYS D 479 2.80 -69.29 -43.10
N LEU D 480 1.61 -69.72 -43.50
CA LEU D 480 0.50 -68.80 -43.77
C LEU D 480 0.03 -68.06 -42.50
N GLU D 481 0.11 -68.74 -41.36
CA GLU D 481 -0.23 -68.14 -40.07
C GLU D 481 0.73 -67.00 -39.75
N VAL D 482 2.03 -67.29 -39.87
CA VAL D 482 3.06 -66.27 -39.60
C VAL D 482 2.91 -65.10 -40.56
N GLN D 483 2.69 -65.41 -41.84
CA GLN D 483 2.53 -64.38 -42.85
C GLN D 483 1.35 -63.47 -42.54
N GLU D 484 0.23 -64.08 -42.19
CA GLU D 484 -0.94 -63.31 -41.87
C GLU D 484 -0.75 -62.44 -40.61
N ILE D 485 -0.07 -63.00 -39.61
CA ILE D 485 0.23 -62.27 -38.38
C ILE D 485 1.12 -61.05 -38.66
N ILE D 486 2.15 -61.25 -39.48
CA ILE D 486 3.05 -60.18 -39.91
C ILE D 486 2.28 -59.10 -40.66
N LEU D 487 1.51 -59.53 -41.65
CA LEU D 487 0.74 -58.60 -42.46
C LEU D 487 -0.21 -57.79 -41.58
N ARG D 488 -0.83 -58.45 -40.61
CA ARG D 488 -1.73 -57.77 -39.68
C ARG D 488 -0.99 -56.71 -38.89
N ASN D 489 0.14 -57.13 -38.31
CA ASN D 489 0.90 -56.22 -37.46
C ASN D 489 1.37 -55.01 -38.23
N PHE D 490 1.46 -55.12 -39.56
CA PHE D 490 1.79 -53.94 -40.36
C PHE D 490 0.58 -53.08 -40.72
N LEU D 491 -0.54 -53.72 -41.06
CA LEU D 491 -1.74 -52.93 -41.35
C LEU D 491 -2.19 -52.13 -40.12
N LYS D 492 -1.91 -52.63 -38.92
CA LYS D 492 -2.21 -51.87 -37.71
C LYS D 492 -1.38 -50.58 -37.66
N ARG D 493 -0.24 -50.59 -38.34
CA ARG D 493 0.70 -49.48 -38.26
C ARG D 493 0.61 -48.54 -39.47
N ILE D 494 -0.13 -48.94 -40.51
CA ILE D 494 -0.25 -48.07 -41.70
C ILE D 494 -1.66 -47.61 -42.10
N ILE D 495 -2.72 -48.37 -41.78
CA ILE D 495 -4.05 -47.93 -42.17
C ILE D 495 -4.60 -46.90 -41.20
N VAL D 496 -3.79 -46.56 -40.20
CA VAL D 496 -4.09 -45.46 -39.30
C VAL D 496 -3.56 -44.15 -39.90
N ASN D 497 -4.04 -43.00 -39.44
CA ASN D 497 -3.51 -41.71 -39.90
C ASN D 497 -2.02 -41.53 -39.58
N LYS D 498 -1.37 -40.60 -40.29
CA LYS D 498 0.02 -40.27 -40.05
C LYS D 498 0.22 -39.79 -38.62
N PRO D 499 1.45 -39.89 -38.08
CA PRO D 499 2.71 -40.35 -38.68
C PRO D 499 2.87 -41.86 -38.72
N HIS D 500 3.62 -42.30 -39.73
CA HIS D 500 4.16 -43.65 -39.81
C HIS D 500 5.65 -43.60 -39.48
N THR D 501 6.17 -44.63 -38.83
CA THR D 501 7.60 -44.66 -38.61
C THR D 501 8.32 -44.97 -39.91
N TRP D 502 9.59 -44.55 -39.98
CA TRP D 502 10.37 -44.70 -41.19
C TRP D 502 10.47 -46.15 -41.64
N GLY D 503 10.96 -47.01 -40.75
CA GLY D 503 11.12 -48.42 -41.02
C GLY D 503 9.86 -49.15 -41.46
N VAL D 504 8.71 -48.73 -40.95
CA VAL D 504 7.46 -49.38 -41.36
C VAL D 504 7.10 -48.99 -42.79
N SER D 505 7.16 -47.70 -43.09
CA SER D 505 6.91 -47.25 -44.47
C SER D 505 7.89 -47.93 -45.45
N VAL D 506 9.16 -47.98 -45.07
CA VAL D 506 10.17 -48.65 -45.89
C VAL D 506 9.83 -50.12 -46.09
N PHE D 507 9.70 -50.86 -44.99
CA PHE D 507 9.46 -52.30 -45.03
C PHE D 507 8.24 -52.60 -45.89
N PHE D 508 7.18 -51.82 -45.69
CA PHE D 508 5.95 -52.04 -46.44
C PHE D 508 6.16 -51.76 -47.93
N THR D 509 6.93 -50.72 -48.23
CA THR D 509 7.29 -50.43 -49.62
C THR D 509 8.01 -51.65 -50.24
N GLN D 510 8.97 -52.22 -49.52
CA GLN D 510 9.71 -53.41 -49.98
C GLN D 510 8.78 -54.62 -50.08
N LEU D 511 7.68 -54.57 -49.35
CA LEU D 511 6.72 -55.66 -49.26
C LEU D 511 5.77 -55.67 -50.44
N ILE D 512 5.47 -54.49 -50.98
CA ILE D 512 4.60 -54.42 -52.14
C ILE D 512 5.41 -54.65 -53.40
N ASN D 513 6.73 -54.46 -53.33
CA ASN D 513 7.59 -54.54 -54.51
C ASN D 513 8.53 -55.74 -54.52
N ASN D 514 8.18 -56.79 -53.77
CA ASN D 514 8.90 -58.06 -53.79
C ASN D 514 8.03 -59.20 -54.33
N ASN D 515 8.30 -60.42 -53.88
CA ASN D 515 7.53 -61.59 -54.32
C ASN D 515 6.46 -62.04 -53.32
N LEU D 519 1.39 -60.22 -53.28
CA LEU D 519 0.67 -60.21 -51.99
C LEU D 519 -0.79 -60.63 -52.09
N LEU D 520 -1.50 -60.12 -53.09
CA LEU D 520 -2.93 -60.37 -53.20
C LEU D 520 -3.21 -61.83 -53.57
N ASP D 521 -2.16 -62.55 -53.95
CA ASP D 521 -2.29 -63.97 -54.29
C ASP D 521 -2.42 -64.81 -53.00
N LEU D 522 -2.11 -64.19 -51.85
CA LEU D 522 -2.21 -64.90 -50.57
C LEU D 522 -3.67 -65.23 -50.25
N PRO D 523 -3.92 -66.52 -49.93
CA PRO D 523 -5.24 -67.07 -49.60
C PRO D 523 -5.99 -66.31 -48.52
N PHE D 524 -5.33 -65.99 -47.42
CA PHE D 524 -6.00 -65.34 -46.30
C PHE D 524 -6.34 -63.88 -46.57
N VAL D 525 -5.70 -63.30 -47.60
CA VAL D 525 -6.01 -61.96 -48.05
C VAL D 525 -7.28 -62.01 -48.90
N GLN D 526 -7.42 -63.09 -49.66
CA GLN D 526 -8.59 -63.30 -50.50
C GLN D 526 -9.84 -63.60 -49.67
N SER D 527 -9.63 -64.23 -48.53
CA SER D 527 -10.72 -64.59 -47.61
C SER D 527 -11.49 -63.37 -47.09
N VAL D 528 -10.85 -62.21 -47.13
CA VAL D 528 -11.48 -60.97 -46.66
C VAL D 528 -11.41 -59.86 -47.72
N PRO D 529 -12.58 -59.37 -48.19
CA PRO D 529 -12.66 -58.36 -49.25
C PRO D 529 -12.38 -56.95 -48.73
N GLU D 530 -12.74 -56.70 -47.47
CA GLU D 530 -12.58 -55.38 -46.88
C GLU D 530 -11.10 -54.97 -46.82
N ILE D 531 -10.23 -55.81 -46.26
CA ILE D 531 -8.80 -55.47 -46.20
C ILE D 531 -8.14 -55.61 -47.56
N LYS D 532 -8.69 -56.49 -48.38
CA LYS D 532 -8.26 -56.68 -49.77
C LYS D 532 -8.37 -55.36 -50.53
N LEU D 533 -9.45 -54.61 -50.31
CA LEU D 533 -9.66 -53.31 -50.98
C LEU D 533 -8.62 -52.26 -50.53
N ILE D 534 -8.46 -52.11 -49.22
CA ILE D 534 -7.51 -51.16 -48.67
C ILE D 534 -6.12 -51.49 -49.20
N LEU D 535 -5.84 -52.78 -49.33
CA LEU D 535 -4.61 -53.23 -49.97
C LEU D 535 -4.54 -52.79 -51.42
N GLN D 536 -5.66 -52.94 -52.14
CA GLN D 536 -5.74 -52.62 -53.57
C GLN D 536 -5.51 -51.14 -53.86
N GLN D 537 -5.84 -50.27 -52.89
CA GLN D 537 -5.54 -48.84 -53.05
C GLN D 537 -4.02 -48.64 -53.11
N LEU D 538 -3.30 -49.57 -52.49
CA LEU D 538 -1.85 -49.52 -52.37
C LEU D 538 -1.12 -50.22 -53.53
N PHE E 4 -7.34 -67.56 -33.96
CA PHE E 4 -6.58 -66.94 -35.04
C PHE E 4 -7.42 -65.89 -35.77
N GLY E 5 -8.73 -65.93 -35.55
CA GLY E 5 -9.60 -64.88 -36.05
C GLY E 5 -9.18 -63.56 -35.43
N LEU E 6 -8.88 -63.62 -34.12
CA LEU E 6 -8.52 -62.43 -33.32
C LEU E 6 -7.08 -61.95 -33.54
N LYS E 7 -6.22 -62.77 -34.15
CA LYS E 7 -4.79 -62.46 -34.16
C LYS E 7 -3.94 -62.12 -35.42
N ALA E 8 -4.46 -61.76 -36.60
CA ALA E 8 -5.83 -61.46 -36.98
C ALA E 8 -5.76 -61.11 -38.46
N LEU E 9 -6.90 -60.75 -39.03
CA LEU E 9 -6.92 -60.08 -40.33
C LEU E 9 -8.34 -59.59 -40.53
N VAL E 10 -9.10 -59.56 -39.45
CA VAL E 10 -10.45 -59.06 -39.52
C VAL E 10 -10.60 -57.85 -38.57
N PRO E 11 -10.09 -56.67 -39.00
CA PRO E 11 -10.39 -55.42 -38.29
C PRO E 11 -11.60 -54.70 -38.90
N LEU E 12 -12.43 -54.16 -38.02
CA LEU E 12 -13.63 -53.45 -38.42
C LEU E 12 -13.33 -51.95 -38.70
N LEU E 13 -14.00 -51.39 -39.71
CA LEU E 13 -13.91 -49.96 -40.06
C LEU E 13 -14.92 -49.54 -41.15
N LEU E 30 -7.65 -46.42 -34.48
CA LEU E 30 -7.64 -44.98 -34.23
C LEU E 30 -7.45 -44.20 -35.57
N GLY E 31 -7.20 -42.89 -35.48
CA GLY E 31 -6.90 -42.08 -36.65
C GLY E 31 -7.35 -40.63 -36.49
N ALA E 32 -6.47 -39.67 -36.78
CA ALA E 32 -6.82 -38.25 -36.75
C ALA E 32 -5.80 -37.42 -37.53
N ASP E 33 -6.29 -36.54 -38.40
CA ASP E 33 -5.40 -35.64 -39.14
C ASP E 33 -4.69 -34.72 -38.16
N LEU E 34 -3.39 -34.92 -38.00
CA LEU E 34 -2.63 -34.16 -37.02
C LEU E 34 -2.12 -32.82 -37.56
N SER E 35 -2.40 -32.53 -38.83
CA SER E 35 -1.92 -31.29 -39.42
C SER E 35 -2.39 -30.07 -38.63
N SER E 36 -3.71 -29.98 -38.42
CA SER E 36 -4.29 -28.83 -37.76
C SER E 36 -3.87 -28.75 -36.30
N MET E 37 -3.73 -29.91 -35.70
CA MET E 37 -3.30 -29.97 -34.32
C MET E 37 -1.83 -29.54 -34.18
N LEU E 38 -1.01 -29.86 -35.18
CA LEU E 38 0.39 -29.46 -35.20
C LEU E 38 0.54 -27.96 -35.47
N TYR E 39 -0.33 -27.41 -36.33
CA TYR E 39 -0.32 -25.98 -36.54
C TYR E 39 -0.80 -25.26 -35.29
N SER E 40 -1.64 -25.94 -34.51
CA SER E 40 -2.12 -25.40 -33.22
C SER E 40 -0.93 -25.16 -32.27
N LEU E 41 -0.04 -26.14 -32.14
CA LEU E 41 1.26 -25.94 -31.49
C LEU E 41 2.14 -25.12 -32.43
N GLY E 42 3.40 -24.90 -32.06
CA GLY E 42 4.26 -24.07 -32.89
C GLY E 42 4.90 -24.73 -34.11
N ILE E 43 4.20 -25.71 -34.70
CA ILE E 43 4.74 -26.45 -35.84
C ILE E 43 3.70 -26.75 -36.92
N GLN E 48 10.90 -25.45 -39.91
CA GLN E 48 12.19 -25.33 -39.24
C GLN E 48 12.15 -25.80 -37.78
N ASP E 49 13.33 -26.03 -37.20
CA ASP E 49 13.44 -26.45 -35.80
C ASP E 49 12.99 -25.35 -34.85
N HIS E 50 12.00 -25.67 -34.03
CA HIS E 50 11.48 -24.69 -33.10
C HIS E 50 10.96 -25.40 -31.85
N ARG E 51 11.42 -24.97 -30.68
CA ARG E 51 10.87 -25.43 -29.40
C ARG E 51 9.47 -24.88 -29.17
N VAL E 52 8.52 -25.77 -28.92
CA VAL E 52 7.15 -25.34 -28.68
C VAL E 52 6.79 -25.41 -27.20
N LEU E 53 7.52 -26.23 -26.46
CA LEU E 53 7.14 -26.55 -25.09
C LEU E 53 7.33 -25.38 -24.10
N ASP E 54 8.25 -24.47 -24.41
CA ASP E 54 8.56 -23.39 -23.48
C ASP E 54 7.55 -22.25 -23.51
N THR E 55 6.60 -22.36 -24.43
CA THR E 55 5.47 -21.43 -24.57
C THR E 55 4.14 -22.17 -24.63
N PHE E 56 4.18 -23.45 -24.23
CA PHE E 56 3.03 -24.35 -24.15
C PHE E 56 1.95 -23.83 -23.20
N GLN E 57 0.78 -23.51 -23.75
CA GLN E 57 -0.29 -22.92 -22.99
C GLN E 57 -1.05 -23.94 -22.14
N SER E 58 -1.57 -24.97 -22.80
CA SER E 58 -2.38 -25.98 -22.17
C SER E 58 -2.38 -27.25 -23.02
N PRO E 59 -2.66 -28.39 -22.38
CA PRO E 59 -2.82 -29.63 -23.15
C PRO E 59 -4.03 -29.62 -24.10
N TRP E 60 -4.99 -28.70 -23.93
CA TRP E 60 -6.17 -28.70 -24.80
C TRP E 60 -6.32 -27.39 -25.56
N ALA E 61 -6.88 -27.46 -26.75
CA ALA E 61 -7.00 -26.28 -27.59
C ALA E 61 -8.04 -25.33 -27.02
N GLU E 62 -9.19 -25.89 -26.68
CA GLU E 62 -10.35 -25.13 -26.22
C GLU E 62 -10.01 -24.27 -25.00
N THR E 63 -8.92 -24.61 -24.34
CA THR E 63 -8.54 -23.98 -23.09
C THR E 63 -7.18 -23.32 -23.24
N SER E 64 -6.67 -23.32 -24.47
CA SER E 64 -5.49 -22.54 -24.82
C SER E 64 -5.93 -21.21 -25.42
N ARG E 65 -6.37 -20.31 -24.56
CA ARG E 65 -7.04 -19.10 -25.00
C ARG E 65 -6.18 -17.84 -24.88
N SER E 66 -4.90 -18.01 -24.58
CA SER E 66 -3.98 -16.87 -24.48
C SER E 66 -2.52 -17.32 -24.46
N GLU E 67 -1.61 -16.49 -24.95
CA GLU E 67 -0.19 -16.81 -24.90
C GLU E 67 0.30 -16.65 -23.47
N VAL E 68 1.35 -17.37 -23.09
CA VAL E 68 1.80 -17.33 -21.70
C VAL E 68 3.22 -16.89 -21.66
N GLU E 69 3.57 -16.19 -20.60
CA GLU E 69 4.91 -15.64 -20.48
C GLU E 69 5.94 -16.74 -20.23
N PRO E 70 6.90 -16.87 -21.14
CA PRO E 70 7.97 -17.86 -20.99
C PRO E 70 9.01 -17.43 -19.97
N ARG E 71 10.01 -18.27 -19.73
CA ARG E 71 11.17 -17.86 -18.98
C ARG E 71 11.95 -16.86 -19.80
N PHE E 72 12.58 -15.89 -19.17
CA PHE E 72 13.45 -14.99 -19.93
C PHE E 72 14.44 -14.30 -19.01
N PHE E 73 15.57 -13.89 -19.58
CA PHE E 73 16.63 -13.31 -18.77
C PHE E 73 16.73 -11.79 -18.87
N THR E 74 16.69 -11.13 -17.72
CA THR E 74 16.85 -9.68 -17.62
C THR E 74 18.11 -9.34 -16.87
N PRO E 75 19.15 -8.87 -17.57
CA PRO E 75 20.38 -8.44 -16.88
C PRO E 75 20.09 -7.24 -15.99
N GLU E 76 20.89 -7.04 -14.95
CA GLU E 76 20.60 -5.98 -13.99
C GLU E 76 20.68 -4.59 -14.65
N SER E 77 21.50 -4.49 -15.70
CA SER E 77 21.68 -3.25 -16.42
C SER E 77 20.43 -2.84 -17.18
N PHE E 78 19.47 -3.78 -17.29
CA PHE E 78 18.18 -3.48 -17.92
C PHE E 78 17.27 -2.69 -17.00
N THR E 79 17.59 -2.68 -15.72
CA THR E 79 16.75 -2.06 -14.71
C THR E 79 17.44 -0.88 -14.00
N ASN E 80 16.63 0.01 -13.46
CA ASN E 80 17.08 1.24 -12.82
C ASN E 80 17.94 2.11 -13.74
N ILE E 81 17.42 2.37 -14.93
CA ILE E 81 18.07 3.21 -15.93
C ILE E 81 17.65 4.65 -15.72
N PRO E 82 18.58 5.48 -15.26
CA PRO E 82 18.31 6.85 -14.82
C PRO E 82 18.11 7.80 -15.99
N GLY E 83 17.42 8.91 -15.77
CA GLY E 83 17.42 10.00 -16.74
C GLY E 83 16.95 9.73 -18.15
N VAL E 84 16.06 8.76 -18.31
CA VAL E 84 15.42 8.56 -19.60
C VAL E 84 14.65 9.83 -19.94
N LEU E 85 15.02 10.49 -21.04
CA LEU E 85 14.34 11.72 -21.49
C LEU E 85 14.26 12.71 -20.34
N GLN E 86 15.38 12.86 -19.64
CA GLN E 86 15.59 13.87 -18.60
C GLN E 86 14.68 13.72 -17.42
N SER E 87 14.20 12.50 -17.18
CA SER E 87 13.32 12.22 -16.04
C SER E 87 14.07 12.32 -14.71
N THR E 88 13.48 13.03 -13.75
CA THR E 88 14.12 13.17 -12.44
C THR E 88 13.75 11.97 -11.56
N VAL E 89 12.94 11.08 -12.11
CA VAL E 89 12.52 9.89 -11.36
C VAL E 89 12.81 8.63 -12.17
N THR E 90 12.96 7.51 -11.47
CA THR E 90 13.26 6.24 -12.12
C THR E 90 12.38 5.18 -11.49
N PRO E 91 11.59 4.49 -12.30
CA PRO E 91 11.50 4.57 -13.75
C PRO E 91 10.76 5.84 -14.22
N PRO E 92 10.80 6.14 -15.52
CA PRO E 92 10.01 7.26 -16.03
C PRO E 92 8.52 7.00 -15.88
N CYS E 93 7.76 8.09 -15.86
CA CYS E 93 6.33 8.03 -15.78
C CYS E 93 5.74 9.15 -16.65
N PHE E 94 4.44 9.14 -16.91
CA PHE E 94 3.83 10.22 -17.66
C PHE E 94 2.58 10.66 -16.89
N ASN E 95 2.77 11.52 -15.90
CA ASN E 95 1.66 11.88 -15.03
C ASN E 95 1.17 13.28 -15.24
N SER E 96 1.75 14.01 -16.19
CA SER E 96 1.40 15.44 -16.32
C SER E 96 0.95 15.87 -17.70
N ILE E 97 -0.34 16.17 -17.83
CA ILE E 97 -0.88 16.68 -19.08
C ILE E 97 -0.11 17.93 -19.52
N GLN E 98 0.20 18.81 -18.59
CA GLN E 98 0.79 20.08 -18.98
C GLN E 98 2.28 19.92 -19.36
N ASN E 99 3.02 19.10 -18.63
CA ASN E 99 4.49 19.04 -18.79
C ASN E 99 5.02 17.86 -19.61
N ASP E 100 4.18 16.91 -19.96
CA ASP E 100 4.71 15.73 -20.62
C ASP E 100 4.50 15.77 -22.13
N GLN E 101 4.02 16.90 -22.65
CA GLN E 101 3.77 17.00 -24.09
C GLN E 101 5.09 17.02 -24.83
N GLN E 102 6.10 17.68 -24.24
CA GLN E 102 7.40 17.85 -24.89
C GLN E 102 8.08 16.51 -25.10
N ARG E 103 7.98 15.60 -24.13
CA ARG E 103 8.49 14.25 -24.34
C ARG E 103 7.69 13.46 -25.40
N VAL E 104 6.36 13.55 -25.35
CA VAL E 104 5.52 12.75 -26.24
C VAL E 104 5.72 13.20 -27.71
N ALA E 105 5.93 14.49 -27.90
CA ALA E 105 6.21 15.02 -29.23
C ALA E 105 7.42 14.40 -29.92
N LEU E 106 8.32 13.78 -29.16
CA LEU E 106 9.56 13.26 -29.74
C LEU E 106 9.34 11.89 -30.36
N PHE E 107 8.19 11.30 -30.08
CA PHE E 107 7.92 9.94 -30.51
C PHE E 107 7.32 9.89 -31.92
N GLN E 108 7.60 8.81 -32.65
CA GLN E 108 6.97 8.63 -33.94
C GLN E 108 5.50 8.16 -33.84
N ASP E 109 4.76 8.34 -34.93
CA ASP E 109 3.33 8.01 -34.95
C ASP E 109 3.09 6.61 -34.36
N GLU E 110 3.82 5.61 -34.85
CA GLU E 110 3.63 4.24 -34.37
C GLU E 110 3.80 4.14 -32.88
N THR E 111 4.82 4.79 -32.32
CA THR E 111 5.00 4.73 -30.87
C THR E 111 3.80 5.31 -30.11
N LEU E 112 3.22 6.40 -30.63
CA LEU E 112 2.02 6.99 -30.05
C LEU E 112 0.82 6.02 -30.15
N PHE E 113 0.69 5.35 -31.30
CA PHE E 113 -0.35 4.35 -31.45
C PHE E 113 -0.22 3.26 -30.37
N PHE E 114 1.00 2.77 -30.22
CA PHE E 114 1.31 1.74 -29.23
C PHE E 114 0.85 2.16 -27.83
N LEU E 115 1.30 3.34 -27.40
CA LEU E 115 0.88 3.87 -26.11
C LEU E 115 -0.65 4.03 -26.00
N PHE E 116 -1.26 4.63 -27.01
CA PHE E 116 -2.71 4.86 -27.03
C PHE E 116 -3.52 3.57 -26.89
N TYR E 117 -3.01 2.49 -27.48
CA TYR E 117 -3.68 1.20 -27.40
C TYR E 117 -3.24 0.38 -26.20
N LYS E 118 -2.23 0.83 -25.46
CA LYS E 118 -1.74 0.01 -24.33
C LYS E 118 -2.15 0.52 -22.95
N HIS E 119 -2.46 1.81 -22.84
CA HIS E 119 -2.79 2.40 -21.55
C HIS E 119 -4.11 3.19 -21.52
N PRO E 120 -5.23 2.47 -21.58
CA PRO E 120 -6.52 3.17 -21.57
C PRO E 120 -6.75 3.93 -20.25
N GLY E 121 -7.43 5.07 -20.33
CA GLY E 121 -7.85 5.83 -19.16
C GLY E 121 -6.73 6.45 -18.36
N THR E 122 -5.66 6.81 -19.05
CA THR E 122 -4.48 7.40 -18.44
C THR E 122 -4.04 8.68 -19.12
N VAL E 123 -3.17 9.42 -18.46
CA VAL E 123 -2.58 10.64 -19.02
C VAL E 123 -1.91 10.38 -20.39
N ILE E 124 -1.17 9.29 -20.51
CA ILE E 124 -0.43 9.06 -21.73
C ILE E 124 -1.39 8.76 -22.91
N GLN E 125 -2.55 8.15 -22.64
CA GLN E 125 -3.50 7.92 -23.72
C GLN E 125 -4.03 9.27 -24.22
N GLU E 126 -4.38 10.15 -23.31
CA GLU E 126 -4.83 11.48 -23.68
C GLU E 126 -3.74 12.30 -24.42
N LEU E 127 -2.50 12.19 -23.97
CA LEU E 127 -1.45 12.96 -24.61
C LEU E 127 -1.18 12.45 -26.03
N THR E 128 -1.18 11.13 -26.20
CA THR E 128 -0.99 10.57 -27.54
C THR E 128 -2.19 10.88 -28.44
N TYR E 129 -3.39 10.91 -27.88
CA TYR E 129 -4.52 11.34 -28.66
C TYR E 129 -4.32 12.78 -29.15
N LEU E 130 -3.90 13.67 -28.26
CA LEU E 130 -3.75 15.07 -28.65
C LEU E 130 -2.65 15.26 -29.68
N GLU E 131 -1.56 14.52 -29.52
CA GLU E 131 -0.41 14.61 -30.42
C GLU E 131 -0.76 14.03 -31.80
N LEU E 132 -1.46 12.91 -31.82
CA LEU E 132 -1.88 12.35 -33.08
C LEU E 132 -2.85 13.29 -33.77
N ARG E 133 -3.71 13.88 -32.96
CA ARG E 133 -4.68 14.84 -33.45
C ARG E 133 -3.92 16.00 -34.13
N LYS E 134 -2.84 16.46 -33.50
CA LYS E 134 -2.01 17.54 -34.02
C LYS E 134 -1.32 17.20 -35.35
N ARG E 135 -0.96 15.94 -35.53
CA ARG E 135 -0.32 15.47 -36.75
C ARG E 135 -1.34 15.09 -37.82
N ASN E 136 -2.57 15.60 -37.64
CA ASN E 136 -3.64 15.42 -38.61
C ASN E 136 -4.13 13.95 -38.75
N TRP E 137 -4.03 13.17 -37.68
CA TRP E 137 -4.73 11.89 -37.60
C TRP E 137 -6.08 12.15 -36.99
N ARG E 138 -7.08 11.42 -37.43
CA ARG E 138 -8.39 11.49 -36.80
C ARG E 138 -8.77 10.10 -36.27
N TYR E 139 -9.43 10.07 -35.12
CA TYR E 139 -9.80 8.81 -34.47
C TYR E 139 -11.24 8.38 -34.77
N HIS E 140 -11.42 7.21 -35.37
CA HIS E 140 -12.75 6.67 -35.64
C HIS E 140 -13.34 5.98 -34.43
N LYS E 141 -14.50 6.49 -33.98
CA LYS E 141 -15.11 6.06 -32.72
C LYS E 141 -15.57 4.62 -32.68
N THR E 142 -16.23 4.14 -33.73
CA THR E 142 -16.81 2.79 -33.68
C THR E 142 -15.83 1.73 -34.22
N LEU E 143 -14.91 2.11 -35.08
CA LEU E 143 -13.88 1.17 -35.50
C LEU E 143 -12.72 1.13 -34.49
N LYS E 144 -12.63 2.17 -33.65
CA LYS E 144 -11.52 2.35 -32.71
C LYS E 144 -10.21 2.21 -33.47
N ALA E 145 -10.10 3.01 -34.50
CA ALA E 145 -8.94 2.98 -35.36
C ALA E 145 -8.63 4.38 -35.85
N TRP E 146 -7.35 4.71 -35.98
CA TRP E 146 -6.95 6.02 -36.48
C TRP E 146 -6.79 6.04 -38.01
N LEU E 147 -7.22 7.13 -38.63
CA LEU E 147 -7.08 7.30 -40.06
C LEU E 147 -6.55 8.66 -40.36
N THR E 148 -5.89 8.83 -41.51
CA THR E 148 -5.53 10.18 -41.93
C THR E 148 -5.63 10.28 -43.43
N LYS E 149 -5.84 11.50 -43.92
CA LYS E 149 -6.02 11.73 -45.33
C LYS E 149 -4.84 11.22 -46.19
N ASP E 150 -5.16 10.58 -47.30
CA ASP E 150 -4.17 10.24 -48.30
C ASP E 150 -3.98 11.47 -49.17
N PRO E 151 -2.78 12.07 -49.14
CA PRO E 151 -2.52 13.37 -49.77
C PRO E 151 -2.79 13.35 -51.27
N MET E 152 -2.72 12.18 -51.88
CA MET E 152 -2.81 12.06 -53.33
C MET E 152 -4.22 12.28 -53.89
N MET E 153 -5.21 12.51 -53.03
CA MET E 153 -6.57 12.77 -53.51
C MET E 153 -7.37 13.66 -52.55
N GLU E 154 -8.25 14.47 -53.13
CA GLU E 154 -9.04 15.45 -52.38
C GLU E 154 -10.40 14.87 -52.08
N PRO E 155 -10.86 15.02 -50.83
CA PRO E 155 -12.16 14.46 -50.48
C PRO E 155 -13.26 15.17 -51.24
N ILE E 156 -14.38 14.48 -51.44
CA ILE E 156 -15.57 15.15 -51.97
C ILE E 156 -16.71 14.94 -50.94
N VAL E 157 -17.13 16.06 -50.37
CA VAL E 157 -18.14 16.07 -49.33
C VAL E 157 -19.50 15.75 -49.92
N SER E 158 -20.26 14.93 -49.18
CA SER E 158 -21.59 14.52 -49.62
C SER E 158 -22.58 15.67 -49.58
N ALA E 159 -23.66 15.56 -50.34
CA ALA E 159 -24.61 16.65 -50.48
C ALA E 159 -25.20 17.16 -49.15
N ASP E 160 -25.46 16.24 -48.22
CA ASP E 160 -26.03 16.61 -46.92
C ASP E 160 -24.99 17.18 -45.95
N GLY E 161 -23.72 17.03 -46.32
CA GLY E 161 -22.63 17.53 -45.50
C GLY E 161 -22.31 16.66 -44.28
N LEU E 162 -22.92 15.49 -44.18
CA LEU E 162 -22.69 14.66 -43.01
C LEU E 162 -21.54 13.66 -43.21
N SER E 163 -21.05 13.60 -44.44
CA SER E 163 -19.98 12.68 -44.77
C SER E 163 -19.12 13.20 -45.92
N GLU E 164 -17.96 12.58 -46.10
CA GLU E 164 -17.12 12.89 -47.25
C GLU E 164 -16.59 11.59 -47.80
N ARG E 165 -16.35 11.56 -49.09
CA ARG E 165 -15.79 10.37 -49.69
C ARG E 165 -14.38 10.68 -50.11
N GLY E 166 -13.43 9.87 -49.66
CA GLY E 166 -12.04 10.16 -49.93
C GLY E 166 -11.08 9.02 -49.73
N SER E 167 -9.80 9.28 -49.94
CA SER E 167 -8.77 8.28 -49.74
C SER E 167 -8.06 8.49 -48.41
N TYR E 168 -7.90 7.41 -47.64
CA TYR E 168 -7.38 7.52 -46.29
C TYR E 168 -6.39 6.42 -46.04
N VAL E 169 -5.60 6.59 -45.00
CA VAL E 169 -4.64 5.61 -44.54
C VAL E 169 -5.06 5.28 -43.12
N PHE E 170 -5.47 4.03 -42.90
CA PHE E 170 -5.87 3.52 -41.59
C PHE E 170 -4.72 2.82 -40.86
N PHE E 171 -4.58 2.99 -39.56
CA PHE E 171 -3.57 2.19 -38.88
C PHE E 171 -4.19 0.96 -38.25
N ASP E 172 -3.61 -0.19 -38.59
CA ASP E 172 -4.02 -1.50 -38.10
C ASP E 172 -3.00 -1.99 -37.07
N PRO E 173 -3.39 -1.93 -35.79
CA PRO E 173 -2.50 -2.24 -34.65
C PRO E 173 -2.21 -3.73 -34.51
N GLN E 174 -2.99 -4.59 -35.18
CA GLN E 174 -2.74 -6.02 -35.13
C GLN E 174 -1.70 -6.43 -36.17
N ARG E 175 -1.71 -5.77 -37.33
CA ARG E 175 -0.72 -6.04 -38.35
C ARG E 175 0.45 -5.03 -38.32
N TRP E 176 0.31 -4.00 -37.49
CA TRP E 176 1.29 -2.93 -37.41
C TRP E 176 1.59 -2.43 -38.83
N GLU E 177 0.56 -1.96 -39.50
CA GLU E 177 0.67 -1.54 -40.87
C GLU E 177 -0.24 -0.36 -41.10
N LYS E 178 0.19 0.54 -41.99
CA LYS E 178 -0.70 1.57 -42.51
C LYS E 178 -1.37 0.95 -43.72
N CYS E 179 -2.66 1.18 -43.88
CA CYS E 179 -3.44 0.54 -44.92
C CYS E 179 -4.30 1.57 -45.66
N GLN E 180 -4.03 1.77 -46.94
CA GLN E 180 -4.81 2.74 -47.72
C GLN E 180 -6.18 2.17 -48.12
N ARG E 181 -7.18 3.05 -48.14
CA ARG E 181 -8.57 2.66 -48.36
C ARG E 181 -9.40 3.83 -48.91
N ASP E 182 -10.22 3.56 -49.93
CA ASP E 182 -11.22 4.54 -50.35
C ASP E 182 -12.41 4.37 -49.43
N PHE E 183 -12.89 5.47 -48.88
CA PHE E 183 -13.79 5.31 -47.76
C PHE E 183 -14.85 6.40 -47.74
N LEU E 184 -16.07 6.00 -47.38
CA LEU E 184 -17.14 6.95 -47.11
C LEU E 184 -17.16 7.19 -45.62
N LEU E 185 -16.75 8.37 -45.24
CA LEU E 185 -16.47 8.71 -43.86
C LEU E 185 -17.50 9.67 -43.29
N PHE E 186 -18.09 9.31 -42.16
CA PHE E 186 -19.10 10.14 -41.53
C PHE E 186 -18.50 10.96 -40.42
N TYR E 187 -18.73 12.28 -40.45
CA TYR E 187 -18.08 13.17 -39.50
C TYR E 187 -18.51 12.94 -38.04
N ASN E 188 -19.75 12.51 -37.79
CA ASN E 188 -20.17 12.17 -36.42
C ASN E 188 -19.38 10.97 -35.83
N ALA E 189 -18.61 10.29 -36.67
CA ALA E 189 -17.93 9.07 -36.27
C ALA E 189 -16.45 9.30 -35.94
N ILE E 190 -15.93 10.49 -36.20
CA ILE E 190 -14.53 10.72 -35.90
C ILE E 190 -14.40 11.86 -34.90
N MET E 191 -13.30 11.84 -34.14
CA MET E 191 -13.09 12.88 -33.13
C MET E 191 -11.64 13.37 -33.14
N THR F 48 6.52 -42.22 7.76
CA THR F 48 7.74 -42.40 6.98
C THR F 48 8.43 -41.06 6.74
N ASN F 49 7.63 -40.04 6.44
CA ASN F 49 8.11 -38.65 6.27
C ASN F 49 7.74 -37.82 7.51
N ALA F 50 8.48 -36.74 7.77
CA ALA F 50 8.42 -36.04 9.05
C ALA F 50 7.20 -35.13 9.27
N ALA F 51 6.64 -34.55 8.22
CA ALA F 51 5.53 -33.62 8.42
C ALA F 51 4.19 -34.38 8.59
N PHE F 52 4.07 -35.50 7.90
CA PHE F 52 2.87 -36.34 7.96
C PHE F 52 2.58 -36.86 9.39
N GLN F 53 3.64 -37.04 10.18
CA GLN F 53 3.51 -37.60 11.52
C GLN F 53 3.31 -36.54 12.60
N ASN F 54 2.99 -35.31 12.21
CA ASN F 54 2.70 -34.27 13.19
C ASN F 54 1.20 -34.24 13.52
N PRO F 55 0.86 -34.26 14.82
CA PRO F 55 -0.54 -34.24 15.28
C PRO F 55 -1.34 -33.09 14.67
N LEU F 56 -0.68 -31.98 14.37
CA LEU F 56 -1.35 -30.80 13.82
C LEU F 56 -2.07 -31.13 12.50
N PHE F 57 -1.67 -32.23 11.86
CA PHE F 57 -2.27 -32.62 10.59
C PHE F 57 -2.98 -33.95 10.66
N ASN F 58 -3.15 -34.47 11.87
CA ASN F 58 -3.72 -35.80 12.06
C ASN F 58 -4.96 -36.06 11.18
N ASP F 59 -5.96 -35.21 11.32
CA ASP F 59 -7.17 -35.31 10.52
C ASP F 59 -6.85 -35.42 9.04
N GLU F 60 -6.13 -34.42 8.51
CA GLU F 60 -5.76 -34.41 7.10
C GLU F 60 -5.13 -35.73 6.68
N LEU F 61 -4.27 -36.28 7.54
CA LEU F 61 -3.53 -37.50 7.24
C LEU F 61 -4.47 -38.62 6.79
N LYS F 62 -5.60 -38.73 7.47
CA LYS F 62 -6.60 -39.74 7.12
C LYS F 62 -6.90 -39.67 5.62
N TYR F 63 -7.34 -38.50 5.16
CA TYR F 63 -7.69 -38.34 3.75
C TYR F 63 -6.48 -38.66 2.86
N TRP F 64 -5.29 -38.26 3.29
CA TRP F 64 -4.09 -38.54 2.50
C TRP F 64 -3.92 -40.04 2.31
N LEU F 65 -4.11 -40.78 3.41
CA LEU F 65 -3.95 -42.21 3.37
C LEU F 65 -5.04 -42.84 2.50
N ASP F 66 -6.23 -42.21 2.47
CA ASP F 66 -7.32 -42.73 1.64
C ASP F 66 -6.89 -42.72 0.18
N SER F 67 -6.04 -41.75 -0.19
CA SER F 67 -5.64 -41.61 -1.59
C SER F 67 -4.85 -42.83 -2.07
N LYS F 68 -4.37 -43.62 -1.14
CA LYS F 68 -3.57 -44.78 -1.48
C LYS F 68 -4.42 -46.03 -1.73
N ARG F 69 -5.73 -45.93 -1.50
CA ARG F 69 -6.62 -47.10 -1.59
C ARG F 69 -6.54 -47.85 -2.92
N TYR F 70 -6.40 -47.12 -4.02
CA TYR F 70 -6.38 -47.74 -5.36
C TYR F 70 -5.25 -48.74 -5.52
N LEU F 71 -4.24 -48.63 -4.67
CA LEU F 71 -3.11 -49.55 -4.67
C LEU F 71 -3.45 -50.90 -4.00
N MET F 72 -4.27 -50.87 -2.95
CA MET F 72 -4.61 -52.07 -2.18
C MET F 72 -5.56 -53.04 -2.92
N GLN F 73 -6.55 -52.49 -3.63
CA GLN F 73 -7.39 -53.28 -4.53
C GLN F 73 -6.79 -53.22 -5.93
N PRO F 74 -6.75 -54.37 -6.62
CA PRO F 74 -6.00 -54.47 -7.89
C PRO F 74 -6.53 -53.60 -9.04
N LEU F 75 -7.79 -53.77 -9.43
CA LEU F 75 -8.35 -53.05 -10.57
C LEU F 75 -9.81 -52.74 -10.33
N GLN F 76 -10.26 -51.59 -10.84
CA GLN F 76 -11.61 -51.13 -10.56
C GLN F 76 -12.25 -50.45 -11.75
N GLU F 77 -13.50 -50.82 -12.05
CA GLU F 77 -14.30 -50.02 -12.98
C GLU F 77 -14.63 -48.71 -12.27
N MET F 78 -14.80 -47.65 -13.04
CA MET F 78 -14.92 -46.32 -12.48
C MET F 78 -16.15 -46.17 -11.59
N SER F 79 -15.89 -45.97 -10.30
CA SER F 79 -16.91 -45.58 -9.32
C SER F 79 -17.78 -44.41 -9.81
N PRO F 80 -19.06 -44.38 -9.41
CA PRO F 80 -19.91 -43.24 -9.82
C PRO F 80 -19.36 -41.92 -9.28
N LYS F 81 -18.89 -41.98 -8.04
CA LYS F 81 -18.24 -40.87 -7.34
C LYS F 81 -17.06 -40.33 -8.13
N MET F 82 -16.18 -41.25 -8.54
CA MET F 82 -15.01 -40.90 -9.32
C MET F 82 -15.41 -40.23 -10.63
N VAL F 83 -16.50 -40.71 -11.23
CA VAL F 83 -17.03 -40.10 -12.45
C VAL F 83 -17.44 -38.66 -12.16
N SER F 84 -18.03 -38.42 -10.99
CA SER F 84 -18.42 -37.06 -10.65
C SER F 84 -17.17 -36.19 -10.49
N GLN F 85 -16.19 -36.68 -9.73
CA GLN F 85 -14.95 -35.96 -9.48
C GLN F 85 -14.23 -35.61 -10.75
N LEU F 86 -14.14 -36.60 -11.63
CA LEU F 86 -13.49 -36.43 -12.91
C LEU F 86 -14.26 -35.42 -13.77
N GLU F 87 -15.59 -35.47 -13.69
CA GLU F 87 -16.46 -34.55 -14.42
C GLU F 87 -16.27 -33.09 -13.98
N SER F 88 -16.15 -32.88 -12.67
CA SER F 88 -15.95 -31.54 -12.15
C SER F 88 -14.50 -31.07 -12.35
N SER F 89 -13.56 -32.01 -12.43
CA SER F 89 -12.19 -31.66 -12.78
C SER F 89 -12.15 -31.20 -14.23
N LEU F 90 -12.94 -31.87 -15.07
CA LEU F 90 -13.07 -31.40 -16.44
C LEU F 90 -13.67 -30.01 -16.42
N LEU F 91 -14.66 -29.78 -15.55
CA LEU F 91 -15.35 -28.49 -15.54
C LEU F 91 -14.44 -27.34 -15.11
N ASN F 92 -13.65 -27.55 -14.06
CA ASN F 92 -12.76 -26.53 -13.52
C ASN F 92 -11.38 -26.51 -14.19
N CYS F 93 -11.25 -27.19 -15.32
CA CYS F 93 -9.94 -27.33 -15.94
C CYS F 93 -9.25 -25.99 -16.06
N PRO F 94 -8.00 -25.91 -15.57
CA PRO F 94 -7.18 -24.69 -15.66
C PRO F 94 -6.93 -24.30 -17.11
N ASP F 95 -7.08 -23.01 -17.41
CA ASP F 95 -6.75 -22.51 -18.75
C ASP F 95 -5.42 -21.79 -18.76
N SER F 96 -5.05 -21.29 -19.94
CA SER F 96 -3.78 -20.62 -20.11
C SER F 96 -3.63 -19.51 -19.12
N LEU F 97 -4.70 -18.74 -18.90
CA LEU F 97 -4.66 -17.61 -17.98
C LEU F 97 -4.29 -18.03 -16.56
N ASP F 98 -4.69 -19.25 -16.17
CA ASP F 98 -4.34 -19.79 -14.87
C ASP F 98 -2.87 -20.19 -14.87
N ALA F 99 -2.39 -20.70 -16.00
CA ALA F 99 -1.02 -21.18 -16.12
C ALA F 99 0.02 -20.06 -16.37
N ASP F 100 -0.48 -18.84 -16.56
CA ASP F 100 0.34 -17.69 -16.90
C ASP F 100 1.09 -17.18 -15.67
N SER F 101 2.16 -16.43 -15.90
CA SER F 101 3.01 -15.98 -14.80
C SER F 101 2.28 -15.01 -13.89
N PRO F 102 2.58 -15.05 -12.60
CA PRO F 102 1.93 -14.13 -11.66
C PRO F 102 2.58 -12.74 -11.63
N CYS F 103 1.78 -11.74 -11.28
CA CYS F 103 2.28 -10.38 -11.14
C CYS F 103 1.26 -9.56 -10.36
N LEU F 104 1.55 -9.32 -9.09
CA LEU F 104 0.62 -8.65 -8.21
C LEU F 104 0.74 -7.12 -8.29
N TYR F 105 1.89 -6.63 -8.77
CA TYR F 105 2.14 -5.19 -8.86
C TYR F 105 3.15 -4.82 -9.93
N THR F 106 2.87 -3.73 -10.62
CA THR F 106 3.82 -3.13 -11.54
C THR F 106 3.78 -1.63 -11.34
N LYS F 107 4.94 -0.98 -11.23
CA LYS F 107 4.98 0.48 -11.08
C LYS F 107 4.20 1.11 -12.21
N PRO F 108 3.31 2.05 -11.87
CA PRO F 108 2.48 2.59 -12.94
C PRO F 108 3.28 3.42 -13.96
N LEU F 109 2.89 3.36 -15.21
CA LEU F 109 3.55 4.23 -16.18
C LEU F 109 2.88 5.59 -16.20
N SER F 110 1.55 5.61 -16.08
CA SER F 110 0.84 6.86 -16.30
C SER F 110 -0.42 7.00 -15.46
N LEU F 111 -0.55 8.14 -14.81
CA LEU F 111 -1.69 8.51 -13.97
C LEU F 111 -3.02 8.36 -14.69
N PRO F 112 -4.07 7.98 -13.94
CA PRO F 112 -5.44 7.97 -14.46
C PRO F 112 -5.83 9.35 -14.99
N HIS F 113 -6.74 9.36 -15.96
CA HIS F 113 -7.22 10.60 -16.55
C HIS F 113 -8.55 10.35 -17.23
N PRO F 114 -9.46 11.32 -17.15
CA PRO F 114 -10.79 11.20 -17.79
C PRO F 114 -10.68 11.21 -19.30
N THR F 115 -10.64 10.03 -19.92
CA THR F 115 -10.51 9.90 -21.37
C THR F 115 -11.86 9.66 -22.07
N SER F 116 -11.91 9.84 -23.39
CA SER F 116 -13.16 9.61 -24.15
C SER F 116 -13.71 8.19 -23.99
N ILE F 117 -15.03 8.04 -23.79
CA ILE F 117 -15.57 6.68 -23.77
C ILE F 117 -15.36 5.95 -25.09
N PHE F 118 -15.07 6.68 -26.15
CA PHE F 118 -14.87 6.05 -27.45
C PHE F 118 -13.45 5.47 -27.65
N PHE F 119 -12.54 5.74 -26.73
CA PHE F 119 -11.19 5.16 -26.80
C PHE F 119 -11.26 3.69 -26.38
N PRO F 120 -10.26 2.90 -26.76
CA PRO F 120 -10.14 1.56 -26.16
C PRO F 120 -10.19 1.63 -24.64
N ASN F 121 -10.86 0.71 -23.98
CA ASN F 121 -10.96 0.73 -22.53
C ASN F 121 -10.26 -0.47 -21.90
N GLU F 122 -9.56 -1.22 -22.74
CA GLU F 122 -8.75 -2.32 -22.26
C GLU F 122 -7.47 -2.38 -23.07
N PRO F 123 -6.34 -2.75 -22.43
CA PRO F 123 -5.05 -2.90 -23.12
C PRO F 123 -5.14 -3.82 -24.32
N ILE F 124 -4.38 -3.57 -25.37
CA ILE F 124 -4.46 -4.36 -26.59
C ILE F 124 -3.78 -5.70 -26.36
N ARG F 125 -4.30 -6.75 -27.00
CA ARG F 125 -3.66 -8.06 -26.94
C ARG F 125 -3.23 -8.40 -28.36
N PHE F 126 -1.93 -8.55 -28.58
CA PHE F 126 -1.47 -8.83 -29.93
C PHE F 126 -1.63 -10.30 -30.28
N VAL F 127 -2.36 -10.58 -31.36
CA VAL F 127 -2.41 -11.94 -31.88
C VAL F 127 -2.04 -11.91 -33.36
N TYR F 128 -1.04 -12.72 -33.73
CA TYR F 128 -0.61 -12.84 -35.11
C TYR F 128 -1.83 -13.16 -35.98
N PRO F 129 -2.21 -12.23 -36.87
CA PRO F 129 -3.34 -12.42 -37.80
C PRO F 129 -3.09 -13.52 -38.84
N LYS F 156 23.03 -13.50 -34.50
CA LYS F 156 22.60 -14.80 -35.05
C LYS F 156 21.08 -14.91 -35.06
N LYS F 157 20.50 -14.87 -36.26
CA LYS F 157 19.04 -14.91 -36.41
C LYS F 157 18.51 -16.34 -36.46
N ASP F 158 19.13 -17.24 -35.69
CA ASP F 158 18.64 -18.60 -35.52
C ASP F 158 17.30 -18.62 -34.80
N ASP F 159 16.78 -19.81 -34.54
CA ASP F 159 15.51 -19.88 -33.86
C ASP F 159 15.65 -20.06 -32.36
N ASP F 160 14.77 -19.40 -31.59
CA ASP F 160 14.69 -19.60 -30.15
C ASP F 160 13.24 -19.78 -29.74
N ILE F 161 13.00 -19.87 -28.43
CA ILE F 161 11.67 -20.18 -27.91
C ILE F 161 10.70 -19.03 -28.12
N TYR F 162 11.25 -17.83 -28.33
CA TYR F 162 10.44 -16.62 -28.49
C TYR F 162 10.05 -16.38 -29.95
N SER F 163 10.74 -17.04 -30.87
CA SER F 163 10.60 -16.80 -32.31
C SER F 163 9.19 -16.74 -32.88
N ARG F 164 8.25 -17.49 -32.31
CA ARG F 164 6.93 -17.58 -32.93
C ARG F 164 5.83 -16.99 -32.07
N THR F 165 6.20 -16.28 -31.01
CA THR F 165 5.23 -15.54 -30.19
C THR F 165 4.71 -14.32 -30.95
N SER F 166 3.44 -13.97 -30.71
CA SER F 166 2.86 -12.81 -31.40
C SER F 166 3.67 -11.54 -31.16
N LEU F 167 4.09 -11.36 -29.91
CA LEU F 167 4.88 -10.21 -29.55
C LEU F 167 6.15 -10.10 -30.34
N ALA F 168 6.94 -11.17 -30.36
CA ALA F 168 8.20 -11.14 -31.07
C ALA F 168 7.97 -10.87 -32.57
N ARG F 169 7.00 -11.59 -33.12
CA ARG F 169 6.71 -11.49 -34.55
C ARG F 169 6.31 -10.08 -34.94
N ILE F 170 5.55 -9.40 -34.08
CA ILE F 170 5.13 -8.05 -34.41
C ILE F 170 6.25 -7.03 -34.11
N PHE F 171 7.10 -7.32 -33.13
CA PHE F 171 8.22 -6.42 -32.85
C PHE F 171 9.14 -6.39 -34.06
N MET F 172 9.18 -7.49 -34.80
CA MET F 172 9.92 -7.48 -36.08
C MET F 172 9.44 -6.35 -37.00
N LYS F 173 8.20 -5.91 -36.83
CA LYS F 173 7.63 -4.87 -37.66
C LYS F 173 7.75 -3.48 -37.05
N PHE F 174 8.20 -3.44 -35.80
CA PHE F 174 8.32 -2.18 -35.05
C PHE F 174 9.48 -1.27 -35.52
N ASP F 175 9.28 0.06 -35.44
CA ASP F 175 10.37 1.03 -35.67
C ASP F 175 11.30 1.12 -34.47
N LEU F 176 12.56 1.48 -34.71
CA LEU F 176 13.54 1.64 -33.61
C LEU F 176 12.99 2.56 -32.53
N ASP F 177 12.29 3.61 -32.93
CA ASP F 177 11.69 4.53 -32.00
C ASP F 177 10.79 3.80 -31.00
N THR F 178 9.91 2.93 -31.49
CA THR F 178 8.99 2.19 -30.62
C THR F 178 9.72 1.15 -29.76
N LEU F 179 10.68 0.42 -30.35
CA LEU F 179 11.53 -0.53 -29.62
C LEU F 179 12.34 0.13 -28.48
N PHE F 180 12.89 1.32 -28.75
CA PHE F 180 13.67 2.01 -27.74
C PHE F 180 12.73 2.53 -26.65
N PHE F 181 11.57 3.04 -27.08
CA PHE F 181 10.58 3.46 -26.08
C PHE F 181 10.31 2.32 -25.11
N ILE F 182 9.94 1.18 -25.69
CA ILE F 182 9.55 0.04 -24.89
C ILE F 182 10.70 -0.39 -24.01
N PHE F 183 11.92 -0.36 -24.55
CA PHE F 183 13.05 -0.80 -23.74
C PHE F 183 13.26 0.06 -22.52
N TYR F 184 13.09 1.38 -22.65
CA TYR F 184 13.38 2.24 -21.52
C TYR F 184 12.16 2.53 -20.63
N HIS F 185 10.95 2.18 -21.06
CA HIS F 185 9.77 2.56 -20.30
C HIS F 185 8.98 1.42 -19.66
N TYR F 186 9.46 0.20 -19.85
CA TYR F 186 8.88 -0.96 -19.21
C TYR F 186 10.04 -1.81 -18.66
N GLN F 187 10.89 -1.15 -17.88
CA GLN F 187 12.13 -1.79 -17.45
C GLN F 187 11.83 -2.99 -16.57
N GLY F 188 12.46 -4.12 -16.87
CA GLY F 188 12.29 -5.35 -16.11
C GLY F 188 11.20 -6.27 -16.66
N SER F 189 10.43 -5.76 -17.61
CA SER F 189 9.31 -6.49 -18.17
C SER F 189 9.75 -7.41 -19.27
N TYR F 190 8.83 -8.31 -19.65
CA TYR F 190 9.01 -9.19 -20.77
C TYR F 190 8.98 -8.40 -22.08
N GLU F 191 8.16 -7.35 -22.15
CA GLU F 191 8.14 -6.53 -23.36
C GLU F 191 9.52 -5.95 -23.59
N GLN F 192 10.14 -5.47 -22.51
CA GLN F 192 11.50 -4.95 -22.61
C GLN F 192 12.40 -6.04 -23.14
N PHE F 193 12.31 -7.23 -22.56
CA PHE F 193 13.15 -8.33 -22.99
C PHE F 193 13.05 -8.63 -24.48
N LEU F 194 11.82 -8.64 -25.00
CA LEU F 194 11.62 -8.93 -26.42
C LEU F 194 12.10 -7.76 -27.29
N ALA F 195 11.90 -6.53 -26.85
CA ALA F 195 12.45 -5.36 -27.57
C ALA F 195 13.96 -5.44 -27.68
N ALA F 196 14.60 -5.70 -26.55
CA ALA F 196 16.04 -5.85 -26.53
C ALA F 196 16.48 -7.01 -27.41
N ARG F 197 15.66 -8.04 -27.45
CA ARG F 197 15.95 -9.19 -28.30
C ARG F 197 15.88 -8.80 -29.78
N GLU F 198 14.85 -8.03 -30.14
CA GLU F 198 14.72 -7.59 -31.53
C GLU F 198 15.93 -6.76 -31.90
N LEU F 199 16.23 -5.78 -31.04
CA LEU F 199 17.35 -4.89 -31.24
C LEU F 199 18.67 -5.65 -31.43
N PHE F 200 18.95 -6.59 -30.53
CA PHE F 200 20.24 -7.26 -30.51
C PHE F 200 20.35 -8.37 -31.55
N LYS F 201 19.32 -9.19 -31.59
CA LYS F 201 19.32 -10.42 -32.37
C LYS F 201 19.03 -10.16 -33.82
N ASN F 202 18.21 -9.15 -34.08
CA ASN F 202 17.78 -8.91 -35.45
C ASN F 202 18.24 -7.61 -36.12
N ARG F 203 18.78 -6.66 -35.35
CA ARG F 203 19.16 -5.36 -35.90
C ARG F 203 20.59 -4.96 -35.52
N ASN F 204 21.26 -5.88 -34.83
CA ASN F 204 22.69 -5.80 -34.53
C ASN F 204 23.12 -4.61 -33.70
N TRP F 205 22.22 -4.14 -32.85
CA TRP F 205 22.60 -3.18 -31.84
C TRP F 205 23.18 -3.95 -30.67
N LEU F 206 24.03 -3.27 -29.90
CA LEU F 206 24.67 -3.81 -28.71
C LEU F 206 24.32 -2.91 -27.53
N PHE F 207 24.16 -3.49 -26.34
CA PHE F 207 23.75 -2.69 -25.19
C PHE F 207 24.86 -2.54 -24.18
N ASN F 208 25.01 -1.32 -23.68
CA ASN F 208 26.14 -0.92 -22.84
C ASN F 208 25.81 -0.91 -21.35
N LYS F 209 26.49 -1.73 -20.56
CA LYS F 209 26.20 -1.84 -19.12
C LYS F 209 26.39 -0.54 -18.41
N VAL F 210 27.38 0.24 -18.88
CA VAL F 210 27.83 1.40 -18.14
C VAL F 210 26.91 2.61 -18.33
N ASP F 211 26.61 2.98 -19.57
CA ASP F 211 25.75 4.14 -19.79
C ASP F 211 24.31 3.78 -20.18
N ARG F 212 24.05 2.47 -20.28
CA ARG F 212 22.71 1.97 -20.65
C ARG F 212 22.26 2.50 -21.99
N CYS F 213 23.18 2.64 -22.93
CA CYS F 213 22.83 3.05 -24.29
C CYS F 213 22.91 1.88 -25.25
N TRP F 214 22.12 1.93 -26.32
CA TRP F 214 22.28 0.95 -27.38
C TRP F 214 23.20 1.52 -28.46
N TYR F 215 24.21 0.74 -28.83
CA TYR F 215 25.14 1.15 -29.87
C TYR F 215 24.93 0.35 -31.14
N TYR F 216 25.35 0.91 -32.27
CA TYR F 216 25.28 0.24 -33.56
C TYR F 216 26.51 0.61 -34.37
N LYS F 217 27.03 -0.33 -35.15
CA LYS F 217 28.26 -0.12 -35.93
C LYS F 217 28.00 -0.37 -37.42
N GLU F 218 28.48 0.51 -38.30
CA GLU F 218 28.23 0.40 -39.74
C GLU F 218 29.50 0.04 -40.54
N GLU F 232 34.41 1.81 -39.23
CA GLU F 232 35.10 2.43 -38.10
C GLU F 232 34.22 3.51 -37.44
N SER F 233 32.98 3.64 -37.89
CA SER F 233 32.11 4.69 -37.38
C SER F 233 30.98 4.13 -36.55
N TRP F 234 30.86 4.56 -35.30
CA TRP F 234 29.80 4.07 -34.41
C TRP F 234 28.69 5.09 -34.20
N ARG F 235 27.55 4.59 -33.74
CA ARG F 235 26.46 5.47 -33.32
C ARG F 235 25.81 4.90 -32.09
N TYR F 236 25.08 5.74 -31.36
CA TYR F 236 24.35 5.30 -30.17
C TYR F 236 23.00 6.00 -30.13
N PHE F 237 21.99 5.39 -29.56
CA PHE F 237 20.68 6.06 -29.45
C PHE F 237 20.59 6.91 -28.18
N ASP F 238 20.39 8.20 -28.35
CA ASP F 238 20.45 9.11 -27.22
C ASP F 238 19.12 9.14 -26.49
N TYR F 239 18.97 8.22 -25.54
CA TYR F 239 17.70 8.04 -24.83
C TYR F 239 17.55 9.06 -23.73
N LYS F 240 18.67 9.66 -23.31
CA LYS F 240 18.65 10.61 -22.20
C LYS F 240 18.09 11.99 -22.56
N LYS F 241 18.30 12.46 -23.79
CA LYS F 241 17.97 13.85 -24.12
C LYS F 241 17.17 13.97 -25.41
N SER F 242 17.82 13.64 -26.52
CA SER F 242 17.32 14.01 -27.85
C SER F 242 16.40 12.98 -28.51
N TRP F 243 16.41 11.75 -27.98
CA TRP F 243 15.65 10.62 -28.53
C TRP F 243 15.92 10.46 -30.03
N LEU F 244 17.19 10.46 -30.38
CA LEU F 244 17.64 10.25 -31.75
C LEU F 244 18.95 9.49 -31.75
N ALA F 245 19.33 8.97 -32.92
CA ALA F 245 20.65 8.34 -33.03
C ALA F 245 21.74 9.40 -33.20
N ARG F 246 22.76 9.36 -32.35
CA ARG F 246 23.85 10.33 -32.45
C ARG F 246 25.14 9.59 -32.71
N ARG F 247 26.05 10.21 -33.45
CA ARG F 247 27.37 9.62 -33.65
C ARG F 247 28.24 9.76 -32.39
N CYS F 248 29.08 8.76 -32.14
CA CYS F 248 30.10 8.87 -31.09
C CYS F 248 31.26 9.69 -31.63
N GLY F 249 32.08 10.24 -30.75
CA GLY F 249 33.23 10.99 -31.19
C GLY F 249 34.25 10.13 -31.95
N ASN F 250 35.21 10.79 -32.59
CA ASN F 250 36.25 10.07 -33.31
C ASN F 250 37.13 9.27 -32.35
N ASP F 251 37.11 9.71 -31.10
CA ASP F 251 37.91 9.12 -30.04
C ASP F 251 37.10 8.07 -29.25
N PHE F 252 36.15 7.44 -29.92
CA PHE F 252 35.41 6.36 -29.28
C PHE F 252 36.06 5.03 -29.60
N VAL F 253 36.26 4.20 -28.59
CA VAL F 253 36.79 2.86 -28.78
C VAL F 253 35.82 1.89 -28.18
N TYR F 254 35.59 0.78 -28.87
CA TYR F 254 34.72 -0.30 -28.41
C TYR F 254 35.45 -1.17 -27.41
N ASN F 255 35.04 -1.11 -26.15
CA ASN F 255 35.55 -2.04 -25.16
C ASN F 255 34.48 -3.04 -24.78
N GLU F 256 34.70 -4.31 -25.14
CA GLU F 256 33.71 -5.36 -24.92
C GLU F 256 33.30 -5.53 -23.46
N GLU F 257 34.22 -5.29 -22.52
CA GLU F 257 33.93 -5.45 -21.09
C GLU F 257 32.78 -4.54 -20.64
N ASP F 258 32.49 -3.49 -21.42
CA ASP F 258 31.45 -2.52 -21.10
C ASP F 258 30.10 -2.84 -21.71
N PHE F 259 30.08 -3.84 -22.60
CA PHE F 259 28.85 -4.21 -23.27
C PHE F 259 28.24 -5.46 -22.66
N GLU F 260 26.91 -5.52 -22.64
CA GLU F 260 26.18 -6.66 -22.06
C GLU F 260 26.16 -7.85 -23.04
N LYS F 261 26.56 -9.03 -22.55
CA LYS F 261 26.52 -10.22 -23.39
C LYS F 261 25.12 -10.84 -23.45
N LEU F 262 24.50 -10.77 -24.63
CA LEU F 262 23.12 -11.19 -24.81
C LEU F 262 23.00 -12.46 -25.66
CA CA G . -40.05 29.55 32.49
C ACT H . -5.37 38.25 7.73
O ACT H . -5.95 37.42 6.97
OXT ACT H . -4.38 37.86 8.38
CH3 ACT H . -5.82 39.67 7.90
C1 GOL I . 35.82 9.66 11.18
O1 GOL I . 35.46 10.72 10.33
C2 GOL I . 34.55 9.02 11.71
O2 GOL I . 34.83 7.69 12.07
C3 GOL I . 33.51 9.02 10.60
O3 GOL I . 32.42 9.84 11.00
C1 PEG J . 26.68 47.05 -0.05
O1 PEG J . 27.28 48.33 -0.14
C2 PEG J . 26.79 46.27 -1.35
O2 PEG J . 26.11 45.00 -1.14
C3 PEG J . 26.47 43.92 -2.02
C4 PEG J . 25.74 42.63 -1.69
O4 PEG J . 26.03 41.67 -2.60
CA CA K . 5.54 -63.94 -16.11
C ACT L . 20.68 -22.64 -15.09
O ACT L . 19.70 -21.88 -15.26
OXT ACT L . 20.75 -23.19 -13.96
CH3 ACT L . 21.69 -22.83 -16.19
C1 GOL M . -10.46 14.98 -25.73
O1 GOL M . -9.75 15.03 -24.51
C2 GOL M . -11.36 13.76 -25.69
O2 GOL M . -12.52 14.03 -24.91
C3 GOL M . -10.56 12.55 -25.20
O3 GOL M . -10.57 12.44 -23.80
C1 PEG N . 28.62 8.39 -26.10
O1 PEG N . 29.82 8.79 -26.73
C2 PEG N . 28.37 9.19 -24.84
O2 PEG N . 26.98 9.00 -24.45
C3 PEG N . 26.56 9.39 -23.14
C4 PEG N . 25.21 8.80 -22.81
O4 PEG N . 24.59 9.59 -21.89
#